data_1BZ4
# 
_entry.id   1BZ4 
# 
_audit_conform.dict_name       mmcif_pdbx.dic 
_audit_conform.dict_version    5.385 
_audit_conform.dict_location   http://mmcif.pdb.org/dictionaries/ascii/mmcif_pdbx.dic 
# 
loop_
_database_2.database_id 
_database_2.database_code 
_database_2.pdbx_database_accession 
_database_2.pdbx_DOI 
PDB   1BZ4         pdb_00001bz4 10.2210/pdb1bz4/pdb 
RCSB  RCSB008340   ?            ?                   
WWPDB D_1000008340 ?            ?                   
# 
loop_
_pdbx_audit_revision_history.ordinal 
_pdbx_audit_revision_history.data_content_type 
_pdbx_audit_revision_history.major_revision 
_pdbx_audit_revision_history.minor_revision 
_pdbx_audit_revision_history.revision_date 
1 'Structure model' 1 0 1998-11-11 
2 'Structure model' 1 1 2008-04-27 
3 'Structure model' 1 2 2011-07-13 
4 'Structure model' 1 3 2017-10-04 
5 'Structure model' 1 4 2024-02-07 
# 
_pdbx_audit_revision_details.ordinal             1 
_pdbx_audit_revision_details.revision_ordinal    1 
_pdbx_audit_revision_details.data_content_type   'Structure model' 
_pdbx_audit_revision_details.provider            repository 
_pdbx_audit_revision_details.type                'Initial release' 
_pdbx_audit_revision_details.description         ? 
_pdbx_audit_revision_details.details             ? 
# 
loop_
_pdbx_audit_revision_group.ordinal 
_pdbx_audit_revision_group.revision_ordinal 
_pdbx_audit_revision_group.data_content_type 
_pdbx_audit_revision_group.group 
1 2 'Structure model' 'Version format compliance' 
2 3 'Structure model' 'Version format compliance' 
3 4 'Structure model' 'Refinement description'    
4 5 'Structure model' 'Data collection'           
5 5 'Structure model' 'Database references'       
# 
loop_
_pdbx_audit_revision_category.ordinal 
_pdbx_audit_revision_category.revision_ordinal 
_pdbx_audit_revision_category.data_content_type 
_pdbx_audit_revision_category.category 
1 4 'Structure model' software       
2 5 'Structure model' chem_comp_atom 
3 5 'Structure model' chem_comp_bond 
4 5 'Structure model' database_2     
# 
loop_
_pdbx_audit_revision_item.ordinal 
_pdbx_audit_revision_item.revision_ordinal 
_pdbx_audit_revision_item.data_content_type 
_pdbx_audit_revision_item.item 
1 4 'Structure model' '_software.name'                      
2 5 'Structure model' '_database_2.pdbx_DOI'                
3 5 'Structure model' '_database_2.pdbx_database_accession' 
# 
_pdbx_database_status.status_code                     REL 
_pdbx_database_status.entry_id                        1BZ4 
_pdbx_database_status.recvd_initial_deposition_date   1998-11-05 
_pdbx_database_status.deposit_site                    BNL 
_pdbx_database_status.process_site                    RCSB 
_pdbx_database_status.SG_entry                        . 
_pdbx_database_status.status_code_sf                  REL 
_pdbx_database_status.status_code_mr                  ? 
_pdbx_database_status.pdb_format_compatible           Y 
_pdbx_database_status.status_code_cs                  ? 
_pdbx_database_status.methods_development_category    ? 
_pdbx_database_status.status_code_nmr_data            ? 
# 
loop_
_audit_author.name 
_audit_author.pdbx_ordinal 
'Rupp, B.'    1 
'Segelke, B.' 2 
# 
_citation.id                        primary 
_citation.title                     
;Conformational flexibility in the apolipoprotein E amino-terminal domain structure determined from three new crystal forms: implications for lipid binding.
;
_citation.journal_abbrev            'Protein Sci.' 
_citation.journal_volume            9 
_citation.page_first                886 
_citation.page_last                 897 
_citation.year                      2000 
_citation.journal_id_ASTM           PRCIEI 
_citation.country                   US 
_citation.journal_id_ISSN           0961-8368 
_citation.journal_id_CSD            0795 
_citation.book_publisher            ? 
_citation.pdbx_database_id_PubMed   10850798 
_citation.pdbx_database_id_DOI      ? 
# 
loop_
_citation_author.citation_id 
_citation_author.name 
_citation_author.ordinal 
_citation_author.identifier_ORCID 
primary 'Segelke, B.W.'    1 ? 
primary 'Forstner, M.'     2 ? 
primary 'Knapp, M.'        3 ? 
primary 'Trakhanov, S.D.'  4 ? 
primary 'Parkin, S.'       5 ? 
primary 'Newhouse, Y.M.'   6 ? 
primary 'Bellamy, H.D.'    7 ? 
primary 'Weisgraber, K.H.' 8 ? 
primary 'Rupp, B.'         9 ? 
# 
loop_
_entity.id 
_entity.type 
_entity.src_method 
_entity.pdbx_description 
_entity.formula_weight 
_entity.pdbx_number_of_molecules 
_entity.pdbx_ec 
_entity.pdbx_mutation 
_entity.pdbx_fragment 
_entity.details 
1 polymer man 'PROTEIN (APOLIPOPROTEIN E)' 16759.078 1   ? ? 
'22K FRAGMENT, RECEPTOR BINDING DOMAIN, RESIDUES 1-165, TRUNCATION AT RESIDUE 165' 
'SELENOMETHIONINE MUTANT USED IN MAD PHASING EXPERIMENT' 
2 water   nat water                        18.015    193 ? ? ? ?                                                        
# 
_entity_name_com.entity_id   1 
_entity_name_com.name        APO-E3 
# 
_entity_poly.entity_id                      1 
_entity_poly.type                           'polypeptide(L)' 
_entity_poly.nstd_linkage                   no 
_entity_poly.nstd_monomer                   no 
_entity_poly.pdbx_seq_one_letter_code       
;SGQRWELALGRFWDYLRWVQTLSEQVQEELLSSQVTQELRALMDETMKELKAYKSELEEQLTPVAEETRARLSKELQAAQ
ARLGADMEDVCGRLVQYRGEVQAMLGQSTEELRVRLASHLRKLRKRLLRDADDLQKRLAVYQAG
;
_entity_poly.pdbx_seq_one_letter_code_can   
;SGQRWELALGRFWDYLRWVQTLSEQVQEELLSSQVTQELRALMDETMKELKAYKSELEEQLTPVAEETRARLSKELQAAQ
ARLGADMEDVCGRLVQYRGEVQAMLGQSTEELRVRLASHLRKLRKRLLRDADDLQKRLAVYQAG
;
_entity_poly.pdbx_strand_id                 A 
_entity_poly.pdbx_target_identifier         ? 
# 
_pdbx_entity_nonpoly.entity_id   2 
_pdbx_entity_nonpoly.name        water 
_pdbx_entity_nonpoly.comp_id     HOH 
# 
loop_
_entity_poly_seq.entity_id 
_entity_poly_seq.num 
_entity_poly_seq.mon_id 
_entity_poly_seq.hetero 
1 1   SER n 
1 2   GLY n 
1 3   GLN n 
1 4   ARG n 
1 5   TRP n 
1 6   GLU n 
1 7   LEU n 
1 8   ALA n 
1 9   LEU n 
1 10  GLY n 
1 11  ARG n 
1 12  PHE n 
1 13  TRP n 
1 14  ASP n 
1 15  TYR n 
1 16  LEU n 
1 17  ARG n 
1 18  TRP n 
1 19  VAL n 
1 20  GLN n 
1 21  THR n 
1 22  LEU n 
1 23  SER n 
1 24  GLU n 
1 25  GLN n 
1 26  VAL n 
1 27  GLN n 
1 28  GLU n 
1 29  GLU n 
1 30  LEU n 
1 31  LEU n 
1 32  SER n 
1 33  SER n 
1 34  GLN n 
1 35  VAL n 
1 36  THR n 
1 37  GLN n 
1 38  GLU n 
1 39  LEU n 
1 40  ARG n 
1 41  ALA n 
1 42  LEU n 
1 43  MET n 
1 44  ASP n 
1 45  GLU n 
1 46  THR n 
1 47  MET n 
1 48  LYS n 
1 49  GLU n 
1 50  LEU n 
1 51  LYS n 
1 52  ALA n 
1 53  TYR n 
1 54  LYS n 
1 55  SER n 
1 56  GLU n 
1 57  LEU n 
1 58  GLU n 
1 59  GLU n 
1 60  GLN n 
1 61  LEU n 
1 62  THR n 
1 63  PRO n 
1 64  VAL n 
1 65  ALA n 
1 66  GLU n 
1 67  GLU n 
1 68  THR n 
1 69  ARG n 
1 70  ALA n 
1 71  ARG n 
1 72  LEU n 
1 73  SER n 
1 74  LYS n 
1 75  GLU n 
1 76  LEU n 
1 77  GLN n 
1 78  ALA n 
1 79  ALA n 
1 80  GLN n 
1 81  ALA n 
1 82  ARG n 
1 83  LEU n 
1 84  GLY n 
1 85  ALA n 
1 86  ASP n 
1 87  MET n 
1 88  GLU n 
1 89  ASP n 
1 90  VAL n 
1 91  CYS n 
1 92  GLY n 
1 93  ARG n 
1 94  LEU n 
1 95  VAL n 
1 96  GLN n 
1 97  TYR n 
1 98  ARG n 
1 99  GLY n 
1 100 GLU n 
1 101 VAL n 
1 102 GLN n 
1 103 ALA n 
1 104 MET n 
1 105 LEU n 
1 106 GLY n 
1 107 GLN n 
1 108 SER n 
1 109 THR n 
1 110 GLU n 
1 111 GLU n 
1 112 LEU n 
1 113 ARG n 
1 114 VAL n 
1 115 ARG n 
1 116 LEU n 
1 117 ALA n 
1 118 SER n 
1 119 HIS n 
1 120 LEU n 
1 121 ARG n 
1 122 LYS n 
1 123 LEU n 
1 124 ARG n 
1 125 LYS n 
1 126 ARG n 
1 127 LEU n 
1 128 LEU n 
1 129 ARG n 
1 130 ASP n 
1 131 ALA n 
1 132 ASP n 
1 133 ASP n 
1 134 LEU n 
1 135 GLN n 
1 136 LYS n 
1 137 ARG n 
1 138 LEU n 
1 139 ALA n 
1 140 VAL n 
1 141 TYR n 
1 142 GLN n 
1 143 ALA n 
1 144 GLY n 
# 
_entity_src_gen.entity_id                          1 
_entity_src_gen.pdbx_src_id                        1 
_entity_src_gen.pdbx_alt_source_flag               sample 
_entity_src_gen.pdbx_seq_type                      ? 
_entity_src_gen.pdbx_beg_seq_num                   ? 
_entity_src_gen.pdbx_end_seq_num                   ? 
_entity_src_gen.gene_src_common_name               human 
_entity_src_gen.gene_src_genus                     Homo 
_entity_src_gen.pdbx_gene_src_gene                 ? 
_entity_src_gen.gene_src_species                   ? 
_entity_src_gen.gene_src_strain                    ? 
_entity_src_gen.gene_src_tissue                    ? 
_entity_src_gen.gene_src_tissue_fraction           ? 
_entity_src_gen.gene_src_details                   ? 
_entity_src_gen.pdbx_gene_src_fragment             ? 
_entity_src_gen.pdbx_gene_src_scientific_name      'Homo sapiens' 
_entity_src_gen.pdbx_gene_src_ncbi_taxonomy_id     9606 
_entity_src_gen.pdbx_gene_src_variant              ? 
_entity_src_gen.pdbx_gene_src_cell_line            ? 
_entity_src_gen.pdbx_gene_src_atcc                 ? 
_entity_src_gen.pdbx_gene_src_organ                ? 
_entity_src_gen.pdbx_gene_src_organelle            ? 
_entity_src_gen.pdbx_gene_src_cell                 ? 
_entity_src_gen.pdbx_gene_src_cellular_location    ? 
_entity_src_gen.host_org_common_name               ? 
_entity_src_gen.pdbx_host_org_scientific_name      'Escherichia coli' 
_entity_src_gen.pdbx_host_org_ncbi_taxonomy_id     562 
_entity_src_gen.host_org_genus                     Escherichia 
_entity_src_gen.pdbx_host_org_gene                 ? 
_entity_src_gen.pdbx_host_org_organ                ? 
_entity_src_gen.host_org_species                   ? 
_entity_src_gen.pdbx_host_org_tissue               ? 
_entity_src_gen.pdbx_host_org_tissue_fraction      ? 
_entity_src_gen.pdbx_host_org_strain               'BL21 AND B834(DE)MET' 
_entity_src_gen.pdbx_host_org_variant              ? 
_entity_src_gen.pdbx_host_org_cell_line            ? 
_entity_src_gen.pdbx_host_org_atcc                 ? 
_entity_src_gen.pdbx_host_org_culture_collection   ? 
_entity_src_gen.pdbx_host_org_cell                 ? 
_entity_src_gen.pdbx_host_org_organelle            ? 
_entity_src_gen.pdbx_host_org_cellular_location    ? 
_entity_src_gen.pdbx_host_org_vector_type          ? 
_entity_src_gen.pdbx_host_org_vector               ? 
_entity_src_gen.host_org_details                   ? 
_entity_src_gen.expression_system_id               ? 
_entity_src_gen.plasmid_name                       PET 
_entity_src_gen.plasmid_details                    ? 
_entity_src_gen.pdbx_description                   ? 
# 
loop_
_chem_comp.id 
_chem_comp.type 
_chem_comp.mon_nstd_flag 
_chem_comp.name 
_chem_comp.pdbx_synonyms 
_chem_comp.formula 
_chem_comp.formula_weight 
ALA 'L-peptide linking' y ALANINE         ? 'C3 H7 N O2'     89.093  
ARG 'L-peptide linking' y ARGININE        ? 'C6 H15 N4 O2 1' 175.209 
ASP 'L-peptide linking' y 'ASPARTIC ACID' ? 'C4 H7 N O4'     133.103 
CYS 'L-peptide linking' y CYSTEINE        ? 'C3 H7 N O2 S'   121.158 
GLN 'L-peptide linking' y GLUTAMINE       ? 'C5 H10 N2 O3'   146.144 
GLU 'L-peptide linking' y 'GLUTAMIC ACID' ? 'C5 H9 N O4'     147.129 
GLY 'peptide linking'   y GLYCINE         ? 'C2 H5 N O2'     75.067  
HIS 'L-peptide linking' y HISTIDINE       ? 'C6 H10 N3 O2 1' 156.162 
HOH non-polymer         . WATER           ? 'H2 O'           18.015  
LEU 'L-peptide linking' y LEUCINE         ? 'C6 H13 N O2'    131.173 
LYS 'L-peptide linking' y LYSINE          ? 'C6 H15 N2 O2 1' 147.195 
MET 'L-peptide linking' y METHIONINE      ? 'C5 H11 N O2 S'  149.211 
PHE 'L-peptide linking' y PHENYLALANINE   ? 'C9 H11 N O2'    165.189 
PRO 'L-peptide linking' y PROLINE         ? 'C5 H9 N O2'     115.130 
SER 'L-peptide linking' y SERINE          ? 'C3 H7 N O3'     105.093 
THR 'L-peptide linking' y THREONINE       ? 'C4 H9 N O3'     119.119 
TRP 'L-peptide linking' y TRYPTOPHAN      ? 'C11 H12 N2 O2'  204.225 
TYR 'L-peptide linking' y TYROSINE        ? 'C9 H11 N O3'    181.189 
VAL 'L-peptide linking' y VALINE          ? 'C5 H11 N O2'    117.146 
# 
loop_
_pdbx_poly_seq_scheme.asym_id 
_pdbx_poly_seq_scheme.entity_id 
_pdbx_poly_seq_scheme.seq_id 
_pdbx_poly_seq_scheme.mon_id 
_pdbx_poly_seq_scheme.ndb_seq_num 
_pdbx_poly_seq_scheme.pdb_seq_num 
_pdbx_poly_seq_scheme.auth_seq_num 
_pdbx_poly_seq_scheme.pdb_mon_id 
_pdbx_poly_seq_scheme.auth_mon_id 
_pdbx_poly_seq_scheme.pdb_strand_id 
_pdbx_poly_seq_scheme.pdb_ins_code 
_pdbx_poly_seq_scheme.hetero 
A 1 1   SER 1   22  22  SER SER A . n 
A 1 2   GLY 2   23  23  GLY GLY A . n 
A 1 3   GLN 3   24  24  GLN GLN A . n 
A 1 4   ARG 4   25  25  ARG ARG A . n 
A 1 5   TRP 5   26  26  TRP TRP A . n 
A 1 6   GLU 6   27  27  GLU GLU A . n 
A 1 7   LEU 7   28  28  LEU LEU A . n 
A 1 8   ALA 8   29  29  ALA ALA A . n 
A 1 9   LEU 9   30  30  LEU LEU A . n 
A 1 10  GLY 10  31  31  GLY GLY A . n 
A 1 11  ARG 11  32  32  ARG ARG A . n 
A 1 12  PHE 12  33  33  PHE PHE A . n 
A 1 13  TRP 13  34  34  TRP TRP A . n 
A 1 14  ASP 14  35  35  ASP ASP A . n 
A 1 15  TYR 15  36  36  TYR TYR A . n 
A 1 16  LEU 16  37  37  LEU LEU A . n 
A 1 17  ARG 17  38  38  ARG ARG A . n 
A 1 18  TRP 18  39  39  TRP TRP A . n 
A 1 19  VAL 19  40  40  VAL VAL A . n 
A 1 20  GLN 20  41  41  GLN GLN A . n 
A 1 21  THR 21  42  42  THR THR A . n 
A 1 22  LEU 22  43  43  LEU LEU A . n 
A 1 23  SER 23  44  44  SER SER A . n 
A 1 24  GLU 24  45  45  GLU GLU A . n 
A 1 25  GLN 25  46  46  GLN GLN A . n 
A 1 26  VAL 26  47  47  VAL VAL A . n 
A 1 27  GLN 27  48  48  GLN GLN A . n 
A 1 28  GLU 28  49  49  GLU GLU A . n 
A 1 29  GLU 29  50  50  GLU GLU A . n 
A 1 30  LEU 30  51  51  LEU LEU A . n 
A 1 31  LEU 31  52  52  LEU LEU A . n 
A 1 32  SER 32  53  53  SER SER A . n 
A 1 33  SER 33  54  54  SER SER A . n 
A 1 34  GLN 34  55  55  GLN GLN A . n 
A 1 35  VAL 35  56  56  VAL VAL A . n 
A 1 36  THR 36  57  57  THR THR A . n 
A 1 37  GLN 37  58  58  GLN GLN A . n 
A 1 38  GLU 38  59  59  GLU GLU A . n 
A 1 39  LEU 39  60  60  LEU LEU A . n 
A 1 40  ARG 40  61  61  ARG ARG A . n 
A 1 41  ALA 41  62  62  ALA ALA A . n 
A 1 42  LEU 42  63  63  LEU LEU A . n 
A 1 43  MET 43  64  64  MET MET A . n 
A 1 44  ASP 44  65  65  ASP ASP A . n 
A 1 45  GLU 45  66  66  GLU GLU A . n 
A 1 46  THR 46  67  67  THR THR A . n 
A 1 47  MET 47  68  68  MET MET A . n 
A 1 48  LYS 48  69  69  LYS LYS A . n 
A 1 49  GLU 49  70  70  GLU GLU A . n 
A 1 50  LEU 50  71  71  LEU LEU A . n 
A 1 51  LYS 51  72  72  LYS LYS A . n 
A 1 52  ALA 52  73  73  ALA ALA A . n 
A 1 53  TYR 53  74  74  TYR TYR A . n 
A 1 54  LYS 54  75  75  LYS LYS A . n 
A 1 55  SER 55  76  76  SER SER A . n 
A 1 56  GLU 56  77  77  GLU GLU A . n 
A 1 57  LEU 57  78  78  LEU LEU A . n 
A 1 58  GLU 58  79  79  GLU GLU A . n 
A 1 59  GLU 59  80  80  GLU GLU A . n 
A 1 60  GLN 60  81  81  GLN GLN A . n 
A 1 61  LEU 61  82  82  LEU LEU A . n 
A 1 62  THR 62  83  83  THR THR A . n 
A 1 63  PRO 63  84  84  PRO PRO A . n 
A 1 64  VAL 64  85  85  VAL VAL A . n 
A 1 65  ALA 65  86  86  ALA ALA A . n 
A 1 66  GLU 66  87  87  GLU GLU A . n 
A 1 67  GLU 67  88  88  GLU GLU A . n 
A 1 68  THR 68  89  89  THR THR A . n 
A 1 69  ARG 69  90  90  ARG ARG A . n 
A 1 70  ALA 70  91  91  ALA ALA A . n 
A 1 71  ARG 71  92  92  ARG ARG A . n 
A 1 72  LEU 72  93  93  LEU LEU A . n 
A 1 73  SER 73  94  94  SER SER A . n 
A 1 74  LYS 74  95  95  LYS LYS A . n 
A 1 75  GLU 75  96  96  GLU GLU A . n 
A 1 76  LEU 76  97  97  LEU LEU A . n 
A 1 77  GLN 77  98  98  GLN GLN A . n 
A 1 78  ALA 78  99  99  ALA ALA A . n 
A 1 79  ALA 79  100 100 ALA ALA A . n 
A 1 80  GLN 80  101 101 GLN GLN A . n 
A 1 81  ALA 81  102 102 ALA ALA A . n 
A 1 82  ARG 82  103 103 ARG ARG A . n 
A 1 83  LEU 83  104 104 LEU LEU A . n 
A 1 84  GLY 84  105 105 GLY GLY A . n 
A 1 85  ALA 85  106 106 ALA ALA A . n 
A 1 86  ASP 86  107 107 ASP ASP A . n 
A 1 87  MET 87  108 108 MET MET A . n 
A 1 88  GLU 88  109 109 GLU GLU A . n 
A 1 89  ASP 89  110 110 ASP ASP A . n 
A 1 90  VAL 90  111 111 VAL VAL A . n 
A 1 91  CYS 91  112 112 CYS CYS A . n 
A 1 92  GLY 92  113 113 GLY GLY A . n 
A 1 93  ARG 93  114 114 ARG ARG A . n 
A 1 94  LEU 94  115 115 LEU LEU A . n 
A 1 95  VAL 95  116 116 VAL VAL A . n 
A 1 96  GLN 96  117 117 GLN GLN A . n 
A 1 97  TYR 97  118 118 TYR TYR A . n 
A 1 98  ARG 98  119 119 ARG ARG A . n 
A 1 99  GLY 99  120 120 GLY GLY A . n 
A 1 100 GLU 100 121 121 GLU GLU A . n 
A 1 101 VAL 101 122 122 VAL VAL A . n 
A 1 102 GLN 102 123 123 GLN GLN A . n 
A 1 103 ALA 103 124 124 ALA ALA A . n 
A 1 104 MET 104 125 125 MET MET A . n 
A 1 105 LEU 105 126 126 LEU LEU A . n 
A 1 106 GLY 106 127 127 GLY GLY A . n 
A 1 107 GLN 107 128 128 GLN GLN A . n 
A 1 108 SER 108 129 129 SER SER A . n 
A 1 109 THR 109 130 130 THR THR A . n 
A 1 110 GLU 110 131 131 GLU GLU A . n 
A 1 111 GLU 111 132 132 GLU GLU A . n 
A 1 112 LEU 112 133 133 LEU LEU A . n 
A 1 113 ARG 113 134 134 ARG ARG A . n 
A 1 114 VAL 114 135 135 VAL VAL A . n 
A 1 115 ARG 115 136 136 ARG ARG A . n 
A 1 116 LEU 116 137 137 LEU LEU A . n 
A 1 117 ALA 117 138 138 ALA ALA A . n 
A 1 118 SER 118 139 139 SER SER A . n 
A 1 119 HIS 119 140 140 HIS HIS A . n 
A 1 120 LEU 120 141 141 LEU LEU A . n 
A 1 121 ARG 121 142 142 ARG ARG A . n 
A 1 122 LYS 122 143 143 LYS LYS A . n 
A 1 123 LEU 123 144 144 LEU LEU A . n 
A 1 124 ARG 124 145 145 ARG ARG A . n 
A 1 125 LYS 125 146 146 LYS LYS A . n 
A 1 126 ARG 126 147 147 ARG ARG A . n 
A 1 127 LEU 127 148 148 LEU LEU A . n 
A 1 128 LEU 128 149 149 LEU LEU A . n 
A 1 129 ARG 129 150 150 ARG ARG A . n 
A 1 130 ASP 130 151 151 ASP ASP A . n 
A 1 131 ALA 131 152 152 ALA ALA A . n 
A 1 132 ASP 132 153 153 ASP ASP A . n 
A 1 133 ASP 133 154 154 ASP ASP A . n 
A 1 134 LEU 134 155 155 LEU LEU A . n 
A 1 135 GLN 135 156 156 GLN GLN A . n 
A 1 136 LYS 136 157 157 LYS LYS A . n 
A 1 137 ARG 137 158 158 ARG ARG A . n 
A 1 138 LEU 138 159 159 LEU LEU A . n 
A 1 139 ALA 139 160 160 ALA ALA A . n 
A 1 140 VAL 140 161 161 VAL VAL A . n 
A 1 141 TYR 141 162 162 TYR TYR A . n 
A 1 142 GLN 142 163 163 GLN GLN A . n 
A 1 143 ALA 143 164 164 ALA ALA A . n 
A 1 144 GLY 144 165 165 GLY GLY A . n 
# 
loop_
_pdbx_nonpoly_scheme.asym_id 
_pdbx_nonpoly_scheme.entity_id 
_pdbx_nonpoly_scheme.mon_id 
_pdbx_nonpoly_scheme.ndb_seq_num 
_pdbx_nonpoly_scheme.pdb_seq_num 
_pdbx_nonpoly_scheme.auth_seq_num 
_pdbx_nonpoly_scheme.pdb_mon_id 
_pdbx_nonpoly_scheme.auth_mon_id 
_pdbx_nonpoly_scheme.pdb_strand_id 
_pdbx_nonpoly_scheme.pdb_ins_code 
B 2 HOH 1   166 1   HOH HOH A . 
B 2 HOH 2   167 2   HOH HOH A . 
B 2 HOH 3   168 3   HOH HOH A . 
B 2 HOH 4   169 4   HOH HOH A . 
B 2 HOH 5   170 5   HOH HOH A . 
B 2 HOH 6   171 6   HOH HOH A . 
B 2 HOH 7   172 7   HOH HOH A . 
B 2 HOH 8   173 8   HOH HOH A . 
B 2 HOH 9   174 9   HOH HOH A . 
B 2 HOH 10  175 10  HOH HOH A . 
B 2 HOH 11  176 11  HOH HOH A . 
B 2 HOH 12  177 12  HOH HOH A . 
B 2 HOH 13  178 13  HOH HOH A . 
B 2 HOH 14  179 14  HOH HOH A . 
B 2 HOH 15  180 15  HOH HOH A . 
B 2 HOH 16  181 16  HOH HOH A . 
B 2 HOH 17  182 17  HOH HOH A . 
B 2 HOH 18  183 18  HOH HOH A . 
B 2 HOH 19  184 19  HOH HOH A . 
B 2 HOH 20  185 20  HOH HOH A . 
B 2 HOH 21  186 21  HOH HOH A . 
B 2 HOH 22  187 22  HOH HOH A . 
B 2 HOH 23  188 23  HOH HOH A . 
B 2 HOH 24  189 24  HOH HOH A . 
B 2 HOH 25  190 25  HOH HOH A . 
B 2 HOH 26  191 26  HOH HOH A . 
B 2 HOH 27  192 27  HOH HOH A . 
B 2 HOH 28  193 28  HOH HOH A . 
B 2 HOH 29  194 29  HOH HOH A . 
B 2 HOH 30  195 30  HOH HOH A . 
B 2 HOH 31  196 31  HOH HOH A . 
B 2 HOH 32  197 32  HOH HOH A . 
B 2 HOH 33  198 33  HOH HOH A . 
B 2 HOH 34  199 34  HOH HOH A . 
B 2 HOH 35  200 35  HOH HOH A . 
B 2 HOH 36  201 36  HOH HOH A . 
B 2 HOH 37  202 37  HOH HOH A . 
B 2 HOH 38  203 38  HOH HOH A . 
B 2 HOH 39  204 39  HOH HOH A . 
B 2 HOH 40  205 40  HOH HOH A . 
B 2 HOH 41  206 41  HOH HOH A . 
B 2 HOH 42  207 42  HOH HOH A . 
B 2 HOH 43  208 43  HOH HOH A . 
B 2 HOH 44  209 44  HOH HOH A . 
B 2 HOH 45  210 45  HOH HOH A . 
B 2 HOH 46  211 46  HOH HOH A . 
B 2 HOH 47  212 47  HOH HOH A . 
B 2 HOH 48  213 48  HOH HOH A . 
B 2 HOH 49  214 49  HOH HOH A . 
B 2 HOH 50  215 50  HOH HOH A . 
B 2 HOH 51  216 51  HOH HOH A . 
B 2 HOH 52  217 52  HOH HOH A . 
B 2 HOH 53  218 53  HOH HOH A . 
B 2 HOH 54  219 54  HOH HOH A . 
B 2 HOH 55  220 55  HOH HOH A . 
B 2 HOH 56  221 56  HOH HOH A . 
B 2 HOH 57  222 57  HOH HOH A . 
B 2 HOH 58  223 58  HOH HOH A . 
B 2 HOH 59  224 59  HOH HOH A . 
B 2 HOH 60  225 60  HOH HOH A . 
B 2 HOH 61  226 61  HOH HOH A . 
B 2 HOH 62  227 62  HOH HOH A . 
B 2 HOH 63  228 63  HOH HOH A . 
B 2 HOH 64  229 64  HOH HOH A . 
B 2 HOH 65  230 65  HOH HOH A . 
B 2 HOH 66  231 66  HOH HOH A . 
B 2 HOH 67  232 67  HOH HOH A . 
B 2 HOH 68  233 68  HOH HOH A . 
B 2 HOH 69  234 69  HOH HOH A . 
B 2 HOH 70  235 70  HOH HOH A . 
B 2 HOH 71  236 71  HOH HOH A . 
B 2 HOH 72  237 72  HOH HOH A . 
B 2 HOH 73  238 73  HOH HOH A . 
B 2 HOH 74  239 74  HOH HOH A . 
B 2 HOH 75  240 75  HOH HOH A . 
B 2 HOH 76  241 76  HOH HOH A . 
B 2 HOH 77  242 77  HOH HOH A . 
B 2 HOH 78  243 78  HOH HOH A . 
B 2 HOH 79  244 79  HOH HOH A . 
B 2 HOH 80  245 80  HOH HOH A . 
B 2 HOH 81  246 81  HOH HOH A . 
B 2 HOH 82  247 82  HOH HOH A . 
B 2 HOH 83  248 83  HOH HOH A . 
B 2 HOH 84  249 84  HOH HOH A . 
B 2 HOH 85  250 85  HOH HOH A . 
B 2 HOH 86  251 86  HOH HOH A . 
B 2 HOH 87  252 87  HOH HOH A . 
B 2 HOH 88  253 88  HOH HOH A . 
B 2 HOH 89  254 89  HOH HOH A . 
B 2 HOH 90  255 90  HOH HOH A . 
B 2 HOH 91  256 91  HOH HOH A . 
B 2 HOH 92  257 92  HOH HOH A . 
B 2 HOH 93  258 93  HOH HOH A . 
B 2 HOH 94  259 94  HOH HOH A . 
B 2 HOH 95  260 95  HOH HOH A . 
B 2 HOH 96  261 96  HOH HOH A . 
B 2 HOH 97  262 97  HOH HOH A . 
B 2 HOH 98  263 98  HOH HOH A . 
B 2 HOH 99  264 99  HOH HOH A . 
B 2 HOH 100 265 100 HOH HOH A . 
B 2 HOH 101 266 101 HOH HOH A . 
B 2 HOH 102 267 102 HOH HOH A . 
B 2 HOH 103 268 103 HOH HOH A . 
B 2 HOH 104 269 104 HOH HOH A . 
B 2 HOH 105 270 105 HOH HOH A . 
B 2 HOH 106 271 106 HOH HOH A . 
B 2 HOH 107 272 107 HOH HOH A . 
B 2 HOH 108 273 108 HOH HOH A . 
B 2 HOH 109 274 109 HOH HOH A . 
B 2 HOH 110 275 110 HOH HOH A . 
B 2 HOH 111 276 111 HOH HOH A . 
B 2 HOH 112 277 112 HOH HOH A . 
B 2 HOH 113 278 113 HOH HOH A . 
B 2 HOH 114 279 114 HOH HOH A . 
B 2 HOH 115 280 115 HOH HOH A . 
B 2 HOH 116 281 116 HOH HOH A . 
B 2 HOH 117 282 117 HOH HOH A . 
B 2 HOH 118 283 118 HOH HOH A . 
B 2 HOH 119 284 119 HOH HOH A . 
B 2 HOH 120 285 120 HOH HOH A . 
B 2 HOH 121 286 121 HOH HOH A . 
B 2 HOH 122 287 122 HOH HOH A . 
B 2 HOH 123 288 123 HOH HOH A . 
B 2 HOH 124 289 124 HOH HOH A . 
B 2 HOH 125 290 125 HOH HOH A . 
B 2 HOH 126 291 126 HOH HOH A . 
B 2 HOH 127 292 127 HOH HOH A . 
B 2 HOH 128 293 128 HOH HOH A . 
B 2 HOH 129 294 129 HOH HOH A . 
B 2 HOH 130 295 130 HOH HOH A . 
B 2 HOH 131 296 131 HOH HOH A . 
B 2 HOH 132 297 132 HOH HOH A . 
B 2 HOH 133 298 133 HOH HOH A . 
B 2 HOH 134 299 134 HOH HOH A . 
B 2 HOH 135 300 135 HOH HOH A . 
B 2 HOH 136 301 136 HOH HOH A . 
B 2 HOH 137 302 137 HOH HOH A . 
B 2 HOH 138 303 138 HOH HOH A . 
B 2 HOH 139 304 139 HOH HOH A . 
B 2 HOH 140 305 140 HOH HOH A . 
B 2 HOH 141 306 141 HOH HOH A . 
B 2 HOH 142 307 142 HOH HOH A . 
B 2 HOH 143 308 143 HOH HOH A . 
B 2 HOH 144 309 144 HOH HOH A . 
B 2 HOH 145 310 145 HOH HOH A . 
B 2 HOH 146 311 146 HOH HOH A . 
B 2 HOH 147 312 147 HOH HOH A . 
B 2 HOH 148 313 148 HOH HOH A . 
B 2 HOH 149 314 149 HOH HOH A . 
B 2 HOH 150 315 150 HOH HOH A . 
B 2 HOH 151 316 151 HOH HOH A . 
B 2 HOH 152 317 152 HOH HOH A . 
B 2 HOH 153 318 153 HOH HOH A . 
B 2 HOH 154 319 154 HOH HOH A . 
B 2 HOH 155 320 155 HOH HOH A . 
B 2 HOH 156 321 156 HOH HOH A . 
B 2 HOH 157 322 157 HOH HOH A . 
B 2 HOH 158 323 158 HOH HOH A . 
B 2 HOH 159 324 159 HOH HOH A . 
B 2 HOH 160 325 160 HOH HOH A . 
B 2 HOH 161 326 161 HOH HOH A . 
B 2 HOH 162 327 162 HOH HOH A . 
B 2 HOH 163 328 163 HOH HOH A . 
B 2 HOH 164 329 164 HOH HOH A . 
B 2 HOH 165 330 165 HOH HOH A . 
B 2 HOH 166 331 166 HOH HOH A . 
B 2 HOH 167 332 167 HOH HOH A . 
B 2 HOH 168 333 168 HOH HOH A . 
B 2 HOH 169 334 169 HOH HOH A . 
B 2 HOH 170 335 170 HOH HOH A . 
B 2 HOH 171 336 171 HOH HOH A . 
B 2 HOH 172 337 172 HOH HOH A . 
B 2 HOH 173 338 173 HOH HOH A . 
B 2 HOH 174 339 174 HOH HOH A . 
B 2 HOH 175 340 175 HOH HOH A . 
B 2 HOH 176 341 176 HOH HOH A . 
B 2 HOH 177 342 177 HOH HOH A . 
B 2 HOH 178 343 178 HOH HOH A . 
B 2 HOH 179 344 179 HOH HOH A . 
B 2 HOH 180 345 180 HOH HOH A . 
B 2 HOH 181 346 181 HOH HOH A . 
B 2 HOH 182 347 182 HOH HOH A . 
B 2 HOH 183 348 183 HOH HOH A . 
B 2 HOH 184 349 184 HOH HOH A . 
B 2 HOH 185 350 185 HOH HOH A . 
B 2 HOH 186 351 186 HOH HOH A . 
B 2 HOH 187 352 187 HOH HOH A . 
B 2 HOH 188 353 188 HOH HOH A . 
B 2 HOH 189 354 189 HOH HOH A . 
B 2 HOH 190 355 190 HOH HOH A . 
B 2 HOH 191 356 191 HOH HOH A . 
B 2 HOH 192 357 192 HOH HOH A . 
B 2 HOH 193 358 193 HOH HOH A . 
# 
loop_
_software.name 
_software.classification 
_software.version 
_software.citation_id 
_software.pdbx_ordinal 
SOLVE       phasing          .     ? 1 
X-PLOR      'model building' .     ? 2 
CCP4        'model building' .     ? 3 
X-PLOR      refinement       3.851 ? 4 
UCSD-system 'data reduction' .     ? 5 
UCSD-system 'data scaling'   .     ? 6 
X-PLOR      phasing          .     ? 7 
CCP4        phasing          .     ? 8 
# 
_cell.entry_id           1BZ4 
_cell.length_a           40.783 
_cell.length_b           53.200 
_cell.length_c           84.777 
_cell.angle_alpha        90.00 
_cell.angle_beta         90.00 
_cell.angle_gamma        90.00 
_cell.Z_PDB              4 
_cell.pdbx_unique_axis   ? 
_cell.length_a_esd       ? 
_cell.length_b_esd       ? 
_cell.length_c_esd       ? 
_cell.angle_alpha_esd    ? 
_cell.angle_beta_esd     ? 
_cell.angle_gamma_esd    ? 
# 
_symmetry.entry_id                         1BZ4 
_symmetry.space_group_name_H-M             'P 21 21 21' 
_symmetry.pdbx_full_space_group_name_H-M   ? 
_symmetry.cell_setting                     ? 
_symmetry.Int_Tables_number                19 
_symmetry.space_group_name_Hall            ? 
# 
_exptl.entry_id          1BZ4 
_exptl.method            'X-RAY DIFFRACTION' 
_exptl.crystals_number   1 
# 
_exptl_crystal.id                    1 
_exptl_crystal.density_meas          ? 
_exptl_crystal.density_Matthews      2.39 
_exptl_crystal.density_percent_sol   48.5 
_exptl_crystal.description           '4 WAVELENGTHS USED FOR SE-MET MAD PHASING (SSRL BEAMLINE 1-5)' 
_exptl_crystal.F_000                 ? 
_exptl_crystal.preparation           ? 
# 
_exptl_crystal_grow.crystal_id      1 
_exptl_crystal_grow.method          ? 
_exptl_crystal_grow.temp            ? 
_exptl_crystal_grow.temp_details    ? 
_exptl_crystal_grow.pH              5.6 
_exptl_crystal_grow.pdbx_details    
'RT, 50MM NA-CACODYLATE, PH 5.6, 20-25% PEG 400, 1% 2-ME. NOTE : W/O 2-ME, ANOTHER ORTHORHOMBIC FORM APPEARS (SEE PDB ENTRY 1oR2).' 
_exptl_crystal_grow.pdbx_pH_range   ? 
# 
_diffrn.id                     1 
_diffrn.ambient_temp           125 
_diffrn.ambient_temp_details   ? 
_diffrn.crystal_id             1 
# 
_diffrn_detector.diffrn_id              1 
_diffrn_detector.detector               'AREA DETECTOR' 
_diffrn_detector.type                   ADSC 
_diffrn_detector.pdbx_collection_date   1997-05-15 
_diffrn_detector.details                COLLIMATOR 
# 
_diffrn_radiation.diffrn_id                        1 
_diffrn_radiation.wavelength_id                    1 
_diffrn_radiation.pdbx_monochromatic_or_laue_m_l   M 
_diffrn_radiation.monochromator                    GRAPHITE 
_diffrn_radiation.pdbx_diffrn_protocol             'SINGLE WAVELENGTH' 
_diffrn_radiation.pdbx_scattering_type             x-ray 
# 
_diffrn_radiation_wavelength.id           1 
_diffrn_radiation_wavelength.wavelength   1.5418 
_diffrn_radiation_wavelength.wt           1.0 
# 
_diffrn_source.diffrn_id                   1 
_diffrn_source.source                      'ROTATING ANODE' 
_diffrn_source.type                        'RIGAKU RU200' 
_diffrn_source.pdbx_synchrotron_site       ? 
_diffrn_source.pdbx_synchrotron_beamline   ? 
_diffrn_source.pdbx_wavelength             1.5418 
_diffrn_source.pdbx_wavelength_list        ? 
# 
_reflns.entry_id                     1BZ4 
_reflns.observed_criterion_sigma_I   0 
_reflns.observed_criterion_sigma_F   ? 
_reflns.d_resolution_low             20.0 
_reflns.d_resolution_high            1.84 
_reflns.number_obs                   16493 
_reflns.number_all                   ? 
_reflns.percent_possible_obs         99.1 
_reflns.pdbx_Rmerge_I_obs            0.037 
_reflns.pdbx_Rsym_value              0.037 
_reflns.pdbx_netI_over_sigmaI        27.4 
_reflns.B_iso_Wilson_estimate        18.1 
_reflns.pdbx_redundancy              4.9 
_reflns.R_free_details               ? 
_reflns.limit_h_max                  ? 
_reflns.limit_h_min                  ? 
_reflns.limit_k_max                  ? 
_reflns.limit_k_min                  ? 
_reflns.limit_l_max                  ? 
_reflns.limit_l_min                  ? 
_reflns.observed_criterion_F_max     ? 
_reflns.observed_criterion_F_min     ? 
_reflns.pdbx_chi_squared             ? 
_reflns.pdbx_scaling_rejects         ? 
_reflns.pdbx_diffrn_id               1 
_reflns.pdbx_ordinal                 1 
# 
_reflns_shell.d_res_high             1.84 
_reflns_shell.d_res_low              1.98 
_reflns_shell.percent_possible_all   98.7 
_reflns_shell.Rmerge_I_obs           0.199 
_reflns_shell.pdbx_Rsym_value        0.199 
_reflns_shell.meanI_over_sigI_obs    3.7 
_reflns_shell.pdbx_redundancy        3.1 
_reflns_shell.percent_possible_obs   ? 
_reflns_shell.number_unique_all      ? 
_reflns_shell.number_measured_all    ? 
_reflns_shell.number_measured_obs    ? 
_reflns_shell.number_unique_obs      ? 
_reflns_shell.pdbx_chi_squared       ? 
_reflns_shell.pdbx_diffrn_id         ? 
_reflns_shell.pdbx_ordinal           1 
# 
_refine.entry_id                                 1BZ4 
_refine.ls_number_reflns_obs                     15205 
_refine.ls_number_reflns_all                     ? 
_refine.pdbx_ls_sigma_I                          ? 
_refine.pdbx_ls_sigma_F                          2.0 
_refine.pdbx_data_cutoff_high_absF               10000000.00 
_refine.pdbx_data_cutoff_low_absF                0.00100 
_refine.pdbx_data_cutoff_high_rms_absF           ? 
_refine.ls_d_res_low                             12.00 
_refine.ls_d_res_high                            1.85 
_refine.ls_percent_reflns_obs                    93.4 
_refine.ls_R_factor_obs                          0.2070000 
_refine.ls_R_factor_all                          ? 
_refine.ls_R_factor_R_work                       0.2070000 
_refine.ls_R_factor_R_free                       0.2450000 
_refine.ls_R_factor_R_free_error                 0.006 
_refine.ls_R_factor_R_free_error_details         ? 
_refine.ls_percent_reflns_R_free                 10.1 
_refine.ls_number_reflns_R_free                  1530 
_refine.ls_number_parameters                     ? 
_refine.ls_number_restraints                     ? 
_refine.occupancy_min                            ? 
_refine.occupancy_max                            ? 
_refine.B_iso_mean                               26.8 
_refine.aniso_B[1][1]                            0.11 
_refine.aniso_B[2][2]                            -0.24 
_refine.aniso_B[3][3]                            0.13 
_refine.aniso_B[1][2]                            0.00 
_refine.aniso_B[1][3]                            0.00 
_refine.aniso_B[2][3]                            0.00 
_refine.solvent_model_details                    ? 
_refine.solvent_model_param_ksol                 ? 
_refine.solvent_model_param_bsol                 ? 
_refine.pdbx_ls_cross_valid_method               THROUGHOUT 
_refine.details                                  'BULK SOLVENT MODEL USED' 
_refine.pdbx_starting_model                      ? 
_refine.pdbx_method_to_determine_struct          ? 
_refine.pdbx_isotropic_thermal_model             RESTRAINED 
_refine.pdbx_stereochemistry_target_values       ? 
_refine.pdbx_stereochem_target_val_spec_case     ? 
_refine.pdbx_R_Free_selection_details            RANDOM 
_refine.pdbx_overall_ESU_R                       ? 
_refine.pdbx_overall_ESU_R_Free                  ? 
_refine.overall_SU_ML                            ? 
_refine.overall_SU_B                             ? 
_refine.ls_redundancy_reflns_obs                 ? 
_refine.B_iso_min                                ? 
_refine.B_iso_max                                ? 
_refine.pdbx_refine_id                           'X-RAY DIFFRACTION' 
_refine.pdbx_overall_phase_error                 ? 
_refine.correlation_coeff_Fo_to_Fc               ? 
_refine.correlation_coeff_Fo_to_Fc_free          ? 
_refine.pdbx_solvent_vdw_probe_radii             ? 
_refine.pdbx_solvent_ion_probe_radii             ? 
_refine.pdbx_solvent_shrinkage_radii             ? 
_refine.overall_SU_R_Cruickshank_DPI             ? 
_refine.overall_SU_R_free                        ? 
_refine.ls_wR_factor_R_free                      ? 
_refine.ls_wR_factor_R_work                      ? 
_refine.overall_FOM_free_R_set                   ? 
_refine.overall_FOM_work_R_set                   ? 
_refine.pdbx_diffrn_id                           1 
_refine.pdbx_TLS_residual_ADP_flag               ? 
_refine.pdbx_overall_SU_R_free_Cruickshank_DPI   ? 
_refine.pdbx_overall_SU_R_Blow_DPI               ? 
_refine.pdbx_overall_SU_R_free_Blow_DPI          ? 
# 
_refine_analyze.entry_id                        1BZ4 
_refine_analyze.Luzzati_coordinate_error_obs    0.21 
_refine_analyze.Luzzati_sigma_a_obs             0.18 
_refine_analyze.Luzzati_d_res_low_obs           8.00 
_refine_analyze.Luzzati_coordinate_error_free   0.25 
_refine_analyze.Luzzati_sigma_a_free            0.18 
_refine_analyze.Luzzati_d_res_low_free          ? 
_refine_analyze.number_disordered_residues      ? 
_refine_analyze.occupancy_sum_hydrogen          ? 
_refine_analyze.occupancy_sum_non_hydrogen      ? 
_refine_analyze.pdbx_Luzzati_d_res_high_obs     ? 
_refine_analyze.pdbx_refine_id                  'X-RAY DIFFRACTION' 
# 
_refine_hist.pdbx_refine_id                   'X-RAY DIFFRACTION' 
_refine_hist.cycle_id                         LAST 
_refine_hist.pdbx_number_atoms_protein        1211 
_refine_hist.pdbx_number_atoms_nucleic_acid   0 
_refine_hist.pdbx_number_atoms_ligand         0 
_refine_hist.number_atoms_solvent             193 
_refine_hist.number_atoms_total               1404 
_refine_hist.d_res_high                       1.85 
_refine_hist.d_res_low                        12.00 
# 
loop_
_refine_ls_restr.type 
_refine_ls_restr.dev_ideal 
_refine_ls_restr.dev_ideal_target 
_refine_ls_restr.weight 
_refine_ls_restr.number 
_refine_ls_restr.pdbx_refine_id 
_refine_ls_restr.pdbx_restraint_function 
x_bond_d                0.006 ?    ? ? 'X-RAY DIFFRACTION' ? 
x_bond_d_na             ?     ?    ? ? 'X-RAY DIFFRACTION' ? 
x_bond_d_prot           ?     ?    ? ? 'X-RAY DIFFRACTION' ? 
x_angle_d               ?     ?    ? ? 'X-RAY DIFFRACTION' ? 
x_angle_d_na            ?     ?    ? ? 'X-RAY DIFFRACTION' ? 
x_angle_d_prot          ?     ?    ? ? 'X-RAY DIFFRACTION' ? 
x_angle_deg             1.0   ?    ? ? 'X-RAY DIFFRACTION' ? 
x_angle_deg_na          ?     ?    ? ? 'X-RAY DIFFRACTION' ? 
x_angle_deg_prot        ?     ?    ? ? 'X-RAY DIFFRACTION' ? 
x_dihedral_angle_d      19.3  ?    ? ? 'X-RAY DIFFRACTION' ? 
x_dihedral_angle_d_na   ?     ?    ? ? 'X-RAY DIFFRACTION' ? 
x_dihedral_angle_d_prot ?     ?    ? ? 'X-RAY DIFFRACTION' ? 
x_improper_angle_d      0.63  ?    ? ? 'X-RAY DIFFRACTION' ? 
x_improper_angle_d_na   ?     ?    ? ? 'X-RAY DIFFRACTION' ? 
x_improper_angle_d_prot ?     ?    ? ? 'X-RAY DIFFRACTION' ? 
x_mcbond_it             2.31  1.50 ? ? 'X-RAY DIFFRACTION' ? 
x_mcangle_it            3.36  2.00 ? ? 'X-RAY DIFFRACTION' ? 
x_scbond_it             4.70  2.00 ? ? 'X-RAY DIFFRACTION' ? 
x_scangle_it            7.22  2.50 ? ? 'X-RAY DIFFRACTION' ? 
# 
_refine_ls_shell.pdbx_total_number_of_bins_used   10 
_refine_ls_shell.d_res_high                       1.85 
_refine_ls_shell.d_res_low                        1.92 
_refine_ls_shell.number_reflns_R_work             1148 
_refine_ls_shell.R_factor_R_work                  0.2530000 
_refine_ls_shell.percent_reflns_obs               81.1 
_refine_ls_shell.R_factor_R_free                  0.2580000 
_refine_ls_shell.R_factor_R_free_error            0.021 
_refine_ls_shell.percent_reflns_R_free            11.4 
_refine_ls_shell.number_reflns_R_free             147 
_refine_ls_shell.redundancy_reflns_obs            ? 
_refine_ls_shell.number_reflns_all                ? 
_refine_ls_shell.number_reflns_obs                ? 
_refine_ls_shell.pdbx_refine_id                   'X-RAY DIFFRACTION' 
_refine_ls_shell.R_factor_all                     ? 
# 
loop_
_pdbx_xplor_file.serial_no 
_pdbx_xplor_file.param_file 
_pdbx_xplor_file.topol_file 
_pdbx_xplor_file.pdbx_refine_id 
1 PROTEIN_REP.PA TOPHCSDX.PRO 'X-RAY DIFFRACTION' 
2 TIP3P.PARAMETE ?            'X-RAY DIFFRACTION' 
# 
_struct.entry_id                  1BZ4 
_struct.title                     'APOLIPOPROTEIN E3 (APO-E3), TRUNCATION MUTANT 165' 
_struct.pdbx_model_details        ? 
_struct.pdbx_CASP_flag            ? 
_struct.pdbx_model_type_details   ? 
# 
_struct_keywords.entry_id        1BZ4 
_struct_keywords.pdbx_keywords   'LIPID BINDING PROTEIN' 
_struct_keywords.text            'LIPID TRANSPORT, HEPARIN-BINDING, PLASMA PROTEIN, HDL, VLDL, LIPID BINDING PROTEIN' 
# 
loop_
_struct_asym.id 
_struct_asym.pdbx_blank_PDB_chainid_flag 
_struct_asym.pdbx_modified 
_struct_asym.entity_id 
_struct_asym.details 
A N N 1 ? 
B N N 2 ? 
# 
_struct_ref.id                         1 
_struct_ref.db_name                    UNP 
_struct_ref.db_code                    APOE_HUMAN 
_struct_ref.entity_id                  1 
_struct_ref.pdbx_db_accession          P02649 
_struct_ref.pdbx_align_begin           ? 
_struct_ref.pdbx_seq_one_letter_code   ? 
_struct_ref.pdbx_db_isoform            ? 
# 
_struct_ref_seq.align_id                      1 
_struct_ref_seq.ref_id                        1 
_struct_ref_seq.pdbx_PDB_id_code              1BZ4 
_struct_ref_seq.pdbx_strand_id                A 
_struct_ref_seq.seq_align_beg                 1 
_struct_ref_seq.pdbx_seq_align_beg_ins_code   ? 
_struct_ref_seq.seq_align_end                 144 
_struct_ref_seq.pdbx_seq_align_end_ins_code   ? 
_struct_ref_seq.pdbx_db_accession             P02649 
_struct_ref_seq.db_align_beg                  40 
_struct_ref_seq.pdbx_db_align_beg_ins_code    ? 
_struct_ref_seq.db_align_end                  183 
_struct_ref_seq.pdbx_db_align_end_ins_code    ? 
_struct_ref_seq.pdbx_auth_seq_align_beg       22 
_struct_ref_seq.pdbx_auth_seq_align_end       165 
# 
_pdbx_struct_assembly.id                   1 
_pdbx_struct_assembly.details              author_defined_assembly 
_pdbx_struct_assembly.method_details       ? 
_pdbx_struct_assembly.oligomeric_details   monomeric 
_pdbx_struct_assembly.oligomeric_count     1 
# 
_pdbx_struct_assembly_gen.assembly_id       1 
_pdbx_struct_assembly_gen.oper_expression   1 
_pdbx_struct_assembly_gen.asym_id_list      A,B 
# 
_pdbx_struct_oper_list.id                   1 
_pdbx_struct_oper_list.type                 'identity operation' 
_pdbx_struct_oper_list.name                 1_555 
_pdbx_struct_oper_list.symmetry_operation   x,y,z 
_pdbx_struct_oper_list.matrix[1][1]         1.0000000000 
_pdbx_struct_oper_list.matrix[1][2]         0.0000000000 
_pdbx_struct_oper_list.matrix[1][3]         0.0000000000 
_pdbx_struct_oper_list.vector[1]            0.0000000000 
_pdbx_struct_oper_list.matrix[2][1]         0.0000000000 
_pdbx_struct_oper_list.matrix[2][2]         1.0000000000 
_pdbx_struct_oper_list.matrix[2][3]         0.0000000000 
_pdbx_struct_oper_list.vector[2]            0.0000000000 
_pdbx_struct_oper_list.matrix[3][1]         0.0000000000 
_pdbx_struct_oper_list.matrix[3][2]         0.0000000000 
_pdbx_struct_oper_list.matrix[3][3]         1.0000000000 
_pdbx_struct_oper_list.vector[3]            0.0000000000 
# 
_struct_biol.id        1 
_struct_biol.details   ? 
# 
loop_
_struct_conf.conf_type_id 
_struct_conf.id 
_struct_conf.pdbx_PDB_helix_id 
_struct_conf.beg_label_comp_id 
_struct_conf.beg_label_asym_id 
_struct_conf.beg_label_seq_id 
_struct_conf.pdbx_beg_PDB_ins_code 
_struct_conf.end_label_comp_id 
_struct_conf.end_label_asym_id 
_struct_conf.end_label_seq_id 
_struct_conf.pdbx_end_PDB_ins_code 
_struct_conf.beg_auth_comp_id 
_struct_conf.beg_auth_asym_id 
_struct_conf.beg_auth_seq_id 
_struct_conf.end_auth_comp_id 
_struct_conf.end_auth_asym_id 
_struct_conf.end_auth_seq_id 
_struct_conf.pdbx_PDB_helix_class 
_struct_conf.details 
_struct_conf.pdbx_PDB_helix_length 
HELX_P HELX_P1 1 ARG A 4   ? THR A 21  ? ARG A 25  THR A 42  1 ? 18 
HELX_P HELX_P2 2 GLU A 24  ? LEU A 31  ? GLU A 45  LEU A 52  1 ? 8  
HELX_P HELX_P3 3 GLN A 34  ? GLU A 59  ? GLN A 55  GLU A 80  1 ? 26 
HELX_P HELX_P4 4 GLU A 66  ? MET A 104 ? GLU A 87  MET A 125 1 ? 39 
HELX_P HELX_P5 5 GLU A 110 ? ALA A 139 ? GLU A 131 ALA A 160 1 ? 30 
# 
_struct_conf_type.id          HELX_P 
_struct_conf_type.criteria    ? 
_struct_conf_type.reference   ? 
# 
_pdbx_validate_close_contact.id               1 
_pdbx_validate_close_contact.PDB_model_num    1 
_pdbx_validate_close_contact.auth_atom_id_1   O 
_pdbx_validate_close_contact.auth_asym_id_1   A 
_pdbx_validate_close_contact.auth_comp_id_1   HOH 
_pdbx_validate_close_contact.auth_seq_id_1    178 
_pdbx_validate_close_contact.PDB_ins_code_1   ? 
_pdbx_validate_close_contact.label_alt_id_1   ? 
_pdbx_validate_close_contact.auth_atom_id_2   O 
_pdbx_validate_close_contact.auth_asym_id_2   A 
_pdbx_validate_close_contact.auth_comp_id_2   HOH 
_pdbx_validate_close_contact.auth_seq_id_2    191 
_pdbx_validate_close_contact.PDB_ins_code_2   ? 
_pdbx_validate_close_contact.label_alt_id_2   ? 
_pdbx_validate_close_contact.dist             2.13 
# 
_pdbx_validate_torsion.id              1 
_pdbx_validate_torsion.PDB_model_num   1 
_pdbx_validate_torsion.auth_comp_id    GLU 
_pdbx_validate_torsion.auth_asym_id    A 
_pdbx_validate_torsion.auth_seq_id     79 
_pdbx_validate_torsion.PDB_ins_code    ? 
_pdbx_validate_torsion.label_alt_id    ? 
_pdbx_validate_torsion.phi             -69.07 
_pdbx_validate_torsion.psi             1.46 
# 
_pdbx_validate_planes.id              1 
_pdbx_validate_planes.PDB_model_num   1 
_pdbx_validate_planes.auth_comp_id    ARG 
_pdbx_validate_planes.auth_asym_id    A 
_pdbx_validate_planes.auth_seq_id     136 
_pdbx_validate_planes.PDB_ins_code    ? 
_pdbx_validate_planes.label_alt_id    ? 
_pdbx_validate_planes.rmsd            0.143 
_pdbx_validate_planes.type            'SIDE CHAIN' 
# 
loop_
_chem_comp_atom.comp_id 
_chem_comp_atom.atom_id 
_chem_comp_atom.type_symbol 
_chem_comp_atom.pdbx_aromatic_flag 
_chem_comp_atom.pdbx_stereo_config 
_chem_comp_atom.pdbx_ordinal 
ALA N    N N N 1   
ALA CA   C N S 2   
ALA C    C N N 3   
ALA O    O N N 4   
ALA CB   C N N 5   
ALA OXT  O N N 6   
ALA H    H N N 7   
ALA H2   H N N 8   
ALA HA   H N N 9   
ALA HB1  H N N 10  
ALA HB2  H N N 11  
ALA HB3  H N N 12  
ALA HXT  H N N 13  
ARG N    N N N 14  
ARG CA   C N S 15  
ARG C    C N N 16  
ARG O    O N N 17  
ARG CB   C N N 18  
ARG CG   C N N 19  
ARG CD   C N N 20  
ARG NE   N N N 21  
ARG CZ   C N N 22  
ARG NH1  N N N 23  
ARG NH2  N N N 24  
ARG OXT  O N N 25  
ARG H    H N N 26  
ARG H2   H N N 27  
ARG HA   H N N 28  
ARG HB2  H N N 29  
ARG HB3  H N N 30  
ARG HG2  H N N 31  
ARG HG3  H N N 32  
ARG HD2  H N N 33  
ARG HD3  H N N 34  
ARG HE   H N N 35  
ARG HH11 H N N 36  
ARG HH12 H N N 37  
ARG HH21 H N N 38  
ARG HH22 H N N 39  
ARG HXT  H N N 40  
ASP N    N N N 41  
ASP CA   C N S 42  
ASP C    C N N 43  
ASP O    O N N 44  
ASP CB   C N N 45  
ASP CG   C N N 46  
ASP OD1  O N N 47  
ASP OD2  O N N 48  
ASP OXT  O N N 49  
ASP H    H N N 50  
ASP H2   H N N 51  
ASP HA   H N N 52  
ASP HB2  H N N 53  
ASP HB3  H N N 54  
ASP HD2  H N N 55  
ASP HXT  H N N 56  
CYS N    N N N 57  
CYS CA   C N R 58  
CYS C    C N N 59  
CYS O    O N N 60  
CYS CB   C N N 61  
CYS SG   S N N 62  
CYS OXT  O N N 63  
CYS H    H N N 64  
CYS H2   H N N 65  
CYS HA   H N N 66  
CYS HB2  H N N 67  
CYS HB3  H N N 68  
CYS HG   H N N 69  
CYS HXT  H N N 70  
GLN N    N N N 71  
GLN CA   C N S 72  
GLN C    C N N 73  
GLN O    O N N 74  
GLN CB   C N N 75  
GLN CG   C N N 76  
GLN CD   C N N 77  
GLN OE1  O N N 78  
GLN NE2  N N N 79  
GLN OXT  O N N 80  
GLN H    H N N 81  
GLN H2   H N N 82  
GLN HA   H N N 83  
GLN HB2  H N N 84  
GLN HB3  H N N 85  
GLN HG2  H N N 86  
GLN HG3  H N N 87  
GLN HE21 H N N 88  
GLN HE22 H N N 89  
GLN HXT  H N N 90  
GLU N    N N N 91  
GLU CA   C N S 92  
GLU C    C N N 93  
GLU O    O N N 94  
GLU CB   C N N 95  
GLU CG   C N N 96  
GLU CD   C N N 97  
GLU OE1  O N N 98  
GLU OE2  O N N 99  
GLU OXT  O N N 100 
GLU H    H N N 101 
GLU H2   H N N 102 
GLU HA   H N N 103 
GLU HB2  H N N 104 
GLU HB3  H N N 105 
GLU HG2  H N N 106 
GLU HG3  H N N 107 
GLU HE2  H N N 108 
GLU HXT  H N N 109 
GLY N    N N N 110 
GLY CA   C N N 111 
GLY C    C N N 112 
GLY O    O N N 113 
GLY OXT  O N N 114 
GLY H    H N N 115 
GLY H2   H N N 116 
GLY HA2  H N N 117 
GLY HA3  H N N 118 
GLY HXT  H N N 119 
HIS N    N N N 120 
HIS CA   C N S 121 
HIS C    C N N 122 
HIS O    O N N 123 
HIS CB   C N N 124 
HIS CG   C Y N 125 
HIS ND1  N Y N 126 
HIS CD2  C Y N 127 
HIS CE1  C Y N 128 
HIS NE2  N Y N 129 
HIS OXT  O N N 130 
HIS H    H N N 131 
HIS H2   H N N 132 
HIS HA   H N N 133 
HIS HB2  H N N 134 
HIS HB3  H N N 135 
HIS HD1  H N N 136 
HIS HD2  H N N 137 
HIS HE1  H N N 138 
HIS HE2  H N N 139 
HIS HXT  H N N 140 
HOH O    O N N 141 
HOH H1   H N N 142 
HOH H2   H N N 143 
LEU N    N N N 144 
LEU CA   C N S 145 
LEU C    C N N 146 
LEU O    O N N 147 
LEU CB   C N N 148 
LEU CG   C N N 149 
LEU CD1  C N N 150 
LEU CD2  C N N 151 
LEU OXT  O N N 152 
LEU H    H N N 153 
LEU H2   H N N 154 
LEU HA   H N N 155 
LEU HB2  H N N 156 
LEU HB3  H N N 157 
LEU HG   H N N 158 
LEU HD11 H N N 159 
LEU HD12 H N N 160 
LEU HD13 H N N 161 
LEU HD21 H N N 162 
LEU HD22 H N N 163 
LEU HD23 H N N 164 
LEU HXT  H N N 165 
LYS N    N N N 166 
LYS CA   C N S 167 
LYS C    C N N 168 
LYS O    O N N 169 
LYS CB   C N N 170 
LYS CG   C N N 171 
LYS CD   C N N 172 
LYS CE   C N N 173 
LYS NZ   N N N 174 
LYS OXT  O N N 175 
LYS H    H N N 176 
LYS H2   H N N 177 
LYS HA   H N N 178 
LYS HB2  H N N 179 
LYS HB3  H N N 180 
LYS HG2  H N N 181 
LYS HG3  H N N 182 
LYS HD2  H N N 183 
LYS HD3  H N N 184 
LYS HE2  H N N 185 
LYS HE3  H N N 186 
LYS HZ1  H N N 187 
LYS HZ2  H N N 188 
LYS HZ3  H N N 189 
LYS HXT  H N N 190 
MET N    N N N 191 
MET CA   C N S 192 
MET C    C N N 193 
MET O    O N N 194 
MET CB   C N N 195 
MET CG   C N N 196 
MET SD   S N N 197 
MET CE   C N N 198 
MET OXT  O N N 199 
MET H    H N N 200 
MET H2   H N N 201 
MET HA   H N N 202 
MET HB2  H N N 203 
MET HB3  H N N 204 
MET HG2  H N N 205 
MET HG3  H N N 206 
MET HE1  H N N 207 
MET HE2  H N N 208 
MET HE3  H N N 209 
MET HXT  H N N 210 
PHE N    N N N 211 
PHE CA   C N S 212 
PHE C    C N N 213 
PHE O    O N N 214 
PHE CB   C N N 215 
PHE CG   C Y N 216 
PHE CD1  C Y N 217 
PHE CD2  C Y N 218 
PHE CE1  C Y N 219 
PHE CE2  C Y N 220 
PHE CZ   C Y N 221 
PHE OXT  O N N 222 
PHE H    H N N 223 
PHE H2   H N N 224 
PHE HA   H N N 225 
PHE HB2  H N N 226 
PHE HB3  H N N 227 
PHE HD1  H N N 228 
PHE HD2  H N N 229 
PHE HE1  H N N 230 
PHE HE2  H N N 231 
PHE HZ   H N N 232 
PHE HXT  H N N 233 
PRO N    N N N 234 
PRO CA   C N S 235 
PRO C    C N N 236 
PRO O    O N N 237 
PRO CB   C N N 238 
PRO CG   C N N 239 
PRO CD   C N N 240 
PRO OXT  O N N 241 
PRO H    H N N 242 
PRO HA   H N N 243 
PRO HB2  H N N 244 
PRO HB3  H N N 245 
PRO HG2  H N N 246 
PRO HG3  H N N 247 
PRO HD2  H N N 248 
PRO HD3  H N N 249 
PRO HXT  H N N 250 
SER N    N N N 251 
SER CA   C N S 252 
SER C    C N N 253 
SER O    O N N 254 
SER CB   C N N 255 
SER OG   O N N 256 
SER OXT  O N N 257 
SER H    H N N 258 
SER H2   H N N 259 
SER HA   H N N 260 
SER HB2  H N N 261 
SER HB3  H N N 262 
SER HG   H N N 263 
SER HXT  H N N 264 
THR N    N N N 265 
THR CA   C N S 266 
THR C    C N N 267 
THR O    O N N 268 
THR CB   C N R 269 
THR OG1  O N N 270 
THR CG2  C N N 271 
THR OXT  O N N 272 
THR H    H N N 273 
THR H2   H N N 274 
THR HA   H N N 275 
THR HB   H N N 276 
THR HG1  H N N 277 
THR HG21 H N N 278 
THR HG22 H N N 279 
THR HG23 H N N 280 
THR HXT  H N N 281 
TRP N    N N N 282 
TRP CA   C N S 283 
TRP C    C N N 284 
TRP O    O N N 285 
TRP CB   C N N 286 
TRP CG   C Y N 287 
TRP CD1  C Y N 288 
TRP CD2  C Y N 289 
TRP NE1  N Y N 290 
TRP CE2  C Y N 291 
TRP CE3  C Y N 292 
TRP CZ2  C Y N 293 
TRP CZ3  C Y N 294 
TRP CH2  C Y N 295 
TRP OXT  O N N 296 
TRP H    H N N 297 
TRP H2   H N N 298 
TRP HA   H N N 299 
TRP HB2  H N N 300 
TRP HB3  H N N 301 
TRP HD1  H N N 302 
TRP HE1  H N N 303 
TRP HE3  H N N 304 
TRP HZ2  H N N 305 
TRP HZ3  H N N 306 
TRP HH2  H N N 307 
TRP HXT  H N N 308 
TYR N    N N N 309 
TYR CA   C N S 310 
TYR C    C N N 311 
TYR O    O N N 312 
TYR CB   C N N 313 
TYR CG   C Y N 314 
TYR CD1  C Y N 315 
TYR CD2  C Y N 316 
TYR CE1  C Y N 317 
TYR CE2  C Y N 318 
TYR CZ   C Y N 319 
TYR OH   O N N 320 
TYR OXT  O N N 321 
TYR H    H N N 322 
TYR H2   H N N 323 
TYR HA   H N N 324 
TYR HB2  H N N 325 
TYR HB3  H N N 326 
TYR HD1  H N N 327 
TYR HD2  H N N 328 
TYR HE1  H N N 329 
TYR HE2  H N N 330 
TYR HH   H N N 331 
TYR HXT  H N N 332 
VAL N    N N N 333 
VAL CA   C N S 334 
VAL C    C N N 335 
VAL O    O N N 336 
VAL CB   C N N 337 
VAL CG1  C N N 338 
VAL CG2  C N N 339 
VAL OXT  O N N 340 
VAL H    H N N 341 
VAL H2   H N N 342 
VAL HA   H N N 343 
VAL HB   H N N 344 
VAL HG11 H N N 345 
VAL HG12 H N N 346 
VAL HG13 H N N 347 
VAL HG21 H N N 348 
VAL HG22 H N N 349 
VAL HG23 H N N 350 
VAL HXT  H N N 351 
# 
loop_
_chem_comp_bond.comp_id 
_chem_comp_bond.atom_id_1 
_chem_comp_bond.atom_id_2 
_chem_comp_bond.value_order 
_chem_comp_bond.pdbx_aromatic_flag 
_chem_comp_bond.pdbx_stereo_config 
_chem_comp_bond.pdbx_ordinal 
ALA N   CA   sing N N 1   
ALA N   H    sing N N 2   
ALA N   H2   sing N N 3   
ALA CA  C    sing N N 4   
ALA CA  CB   sing N N 5   
ALA CA  HA   sing N N 6   
ALA C   O    doub N N 7   
ALA C   OXT  sing N N 8   
ALA CB  HB1  sing N N 9   
ALA CB  HB2  sing N N 10  
ALA CB  HB3  sing N N 11  
ALA OXT HXT  sing N N 12  
ARG N   CA   sing N N 13  
ARG N   H    sing N N 14  
ARG N   H2   sing N N 15  
ARG CA  C    sing N N 16  
ARG CA  CB   sing N N 17  
ARG CA  HA   sing N N 18  
ARG C   O    doub N N 19  
ARG C   OXT  sing N N 20  
ARG CB  CG   sing N N 21  
ARG CB  HB2  sing N N 22  
ARG CB  HB3  sing N N 23  
ARG CG  CD   sing N N 24  
ARG CG  HG2  sing N N 25  
ARG CG  HG3  sing N N 26  
ARG CD  NE   sing N N 27  
ARG CD  HD2  sing N N 28  
ARG CD  HD3  sing N N 29  
ARG NE  CZ   sing N N 30  
ARG NE  HE   sing N N 31  
ARG CZ  NH1  sing N N 32  
ARG CZ  NH2  doub N N 33  
ARG NH1 HH11 sing N N 34  
ARG NH1 HH12 sing N N 35  
ARG NH2 HH21 sing N N 36  
ARG NH2 HH22 sing N N 37  
ARG OXT HXT  sing N N 38  
ASP N   CA   sing N N 39  
ASP N   H    sing N N 40  
ASP N   H2   sing N N 41  
ASP CA  C    sing N N 42  
ASP CA  CB   sing N N 43  
ASP CA  HA   sing N N 44  
ASP C   O    doub N N 45  
ASP C   OXT  sing N N 46  
ASP CB  CG   sing N N 47  
ASP CB  HB2  sing N N 48  
ASP CB  HB3  sing N N 49  
ASP CG  OD1  doub N N 50  
ASP CG  OD2  sing N N 51  
ASP OD2 HD2  sing N N 52  
ASP OXT HXT  sing N N 53  
CYS N   CA   sing N N 54  
CYS N   H    sing N N 55  
CYS N   H2   sing N N 56  
CYS CA  C    sing N N 57  
CYS CA  CB   sing N N 58  
CYS CA  HA   sing N N 59  
CYS C   O    doub N N 60  
CYS C   OXT  sing N N 61  
CYS CB  SG   sing N N 62  
CYS CB  HB2  sing N N 63  
CYS CB  HB3  sing N N 64  
CYS SG  HG   sing N N 65  
CYS OXT HXT  sing N N 66  
GLN N   CA   sing N N 67  
GLN N   H    sing N N 68  
GLN N   H2   sing N N 69  
GLN CA  C    sing N N 70  
GLN CA  CB   sing N N 71  
GLN CA  HA   sing N N 72  
GLN C   O    doub N N 73  
GLN C   OXT  sing N N 74  
GLN CB  CG   sing N N 75  
GLN CB  HB2  sing N N 76  
GLN CB  HB3  sing N N 77  
GLN CG  CD   sing N N 78  
GLN CG  HG2  sing N N 79  
GLN CG  HG3  sing N N 80  
GLN CD  OE1  doub N N 81  
GLN CD  NE2  sing N N 82  
GLN NE2 HE21 sing N N 83  
GLN NE2 HE22 sing N N 84  
GLN OXT HXT  sing N N 85  
GLU N   CA   sing N N 86  
GLU N   H    sing N N 87  
GLU N   H2   sing N N 88  
GLU CA  C    sing N N 89  
GLU CA  CB   sing N N 90  
GLU CA  HA   sing N N 91  
GLU C   O    doub N N 92  
GLU C   OXT  sing N N 93  
GLU CB  CG   sing N N 94  
GLU CB  HB2  sing N N 95  
GLU CB  HB3  sing N N 96  
GLU CG  CD   sing N N 97  
GLU CG  HG2  sing N N 98  
GLU CG  HG3  sing N N 99  
GLU CD  OE1  doub N N 100 
GLU CD  OE2  sing N N 101 
GLU OE2 HE2  sing N N 102 
GLU OXT HXT  sing N N 103 
GLY N   CA   sing N N 104 
GLY N   H    sing N N 105 
GLY N   H2   sing N N 106 
GLY CA  C    sing N N 107 
GLY CA  HA2  sing N N 108 
GLY CA  HA3  sing N N 109 
GLY C   O    doub N N 110 
GLY C   OXT  sing N N 111 
GLY OXT HXT  sing N N 112 
HIS N   CA   sing N N 113 
HIS N   H    sing N N 114 
HIS N   H2   sing N N 115 
HIS CA  C    sing N N 116 
HIS CA  CB   sing N N 117 
HIS CA  HA   sing N N 118 
HIS C   O    doub N N 119 
HIS C   OXT  sing N N 120 
HIS CB  CG   sing N N 121 
HIS CB  HB2  sing N N 122 
HIS CB  HB3  sing N N 123 
HIS CG  ND1  sing Y N 124 
HIS CG  CD2  doub Y N 125 
HIS ND1 CE1  doub Y N 126 
HIS ND1 HD1  sing N N 127 
HIS CD2 NE2  sing Y N 128 
HIS CD2 HD2  sing N N 129 
HIS CE1 NE2  sing Y N 130 
HIS CE1 HE1  sing N N 131 
HIS NE2 HE2  sing N N 132 
HIS OXT HXT  sing N N 133 
HOH O   H1   sing N N 134 
HOH O   H2   sing N N 135 
LEU N   CA   sing N N 136 
LEU N   H    sing N N 137 
LEU N   H2   sing N N 138 
LEU CA  C    sing N N 139 
LEU CA  CB   sing N N 140 
LEU CA  HA   sing N N 141 
LEU C   O    doub N N 142 
LEU C   OXT  sing N N 143 
LEU CB  CG   sing N N 144 
LEU CB  HB2  sing N N 145 
LEU CB  HB3  sing N N 146 
LEU CG  CD1  sing N N 147 
LEU CG  CD2  sing N N 148 
LEU CG  HG   sing N N 149 
LEU CD1 HD11 sing N N 150 
LEU CD1 HD12 sing N N 151 
LEU CD1 HD13 sing N N 152 
LEU CD2 HD21 sing N N 153 
LEU CD2 HD22 sing N N 154 
LEU CD2 HD23 sing N N 155 
LEU OXT HXT  sing N N 156 
LYS N   CA   sing N N 157 
LYS N   H    sing N N 158 
LYS N   H2   sing N N 159 
LYS CA  C    sing N N 160 
LYS CA  CB   sing N N 161 
LYS CA  HA   sing N N 162 
LYS C   O    doub N N 163 
LYS C   OXT  sing N N 164 
LYS CB  CG   sing N N 165 
LYS CB  HB2  sing N N 166 
LYS CB  HB3  sing N N 167 
LYS CG  CD   sing N N 168 
LYS CG  HG2  sing N N 169 
LYS CG  HG3  sing N N 170 
LYS CD  CE   sing N N 171 
LYS CD  HD2  sing N N 172 
LYS CD  HD3  sing N N 173 
LYS CE  NZ   sing N N 174 
LYS CE  HE2  sing N N 175 
LYS CE  HE3  sing N N 176 
LYS NZ  HZ1  sing N N 177 
LYS NZ  HZ2  sing N N 178 
LYS NZ  HZ3  sing N N 179 
LYS OXT HXT  sing N N 180 
MET N   CA   sing N N 181 
MET N   H    sing N N 182 
MET N   H2   sing N N 183 
MET CA  C    sing N N 184 
MET CA  CB   sing N N 185 
MET CA  HA   sing N N 186 
MET C   O    doub N N 187 
MET C   OXT  sing N N 188 
MET CB  CG   sing N N 189 
MET CB  HB2  sing N N 190 
MET CB  HB3  sing N N 191 
MET CG  SD   sing N N 192 
MET CG  HG2  sing N N 193 
MET CG  HG3  sing N N 194 
MET SD  CE   sing N N 195 
MET CE  HE1  sing N N 196 
MET CE  HE2  sing N N 197 
MET CE  HE3  sing N N 198 
MET OXT HXT  sing N N 199 
PHE N   CA   sing N N 200 
PHE N   H    sing N N 201 
PHE N   H2   sing N N 202 
PHE CA  C    sing N N 203 
PHE CA  CB   sing N N 204 
PHE CA  HA   sing N N 205 
PHE C   O    doub N N 206 
PHE C   OXT  sing N N 207 
PHE CB  CG   sing N N 208 
PHE CB  HB2  sing N N 209 
PHE CB  HB3  sing N N 210 
PHE CG  CD1  doub Y N 211 
PHE CG  CD2  sing Y N 212 
PHE CD1 CE1  sing Y N 213 
PHE CD1 HD1  sing N N 214 
PHE CD2 CE2  doub Y N 215 
PHE CD2 HD2  sing N N 216 
PHE CE1 CZ   doub Y N 217 
PHE CE1 HE1  sing N N 218 
PHE CE2 CZ   sing Y N 219 
PHE CE2 HE2  sing N N 220 
PHE CZ  HZ   sing N N 221 
PHE OXT HXT  sing N N 222 
PRO N   CA   sing N N 223 
PRO N   CD   sing N N 224 
PRO N   H    sing N N 225 
PRO CA  C    sing N N 226 
PRO CA  CB   sing N N 227 
PRO CA  HA   sing N N 228 
PRO C   O    doub N N 229 
PRO C   OXT  sing N N 230 
PRO CB  CG   sing N N 231 
PRO CB  HB2  sing N N 232 
PRO CB  HB3  sing N N 233 
PRO CG  CD   sing N N 234 
PRO CG  HG2  sing N N 235 
PRO CG  HG3  sing N N 236 
PRO CD  HD2  sing N N 237 
PRO CD  HD3  sing N N 238 
PRO OXT HXT  sing N N 239 
SER N   CA   sing N N 240 
SER N   H    sing N N 241 
SER N   H2   sing N N 242 
SER CA  C    sing N N 243 
SER CA  CB   sing N N 244 
SER CA  HA   sing N N 245 
SER C   O    doub N N 246 
SER C   OXT  sing N N 247 
SER CB  OG   sing N N 248 
SER CB  HB2  sing N N 249 
SER CB  HB3  sing N N 250 
SER OG  HG   sing N N 251 
SER OXT HXT  sing N N 252 
THR N   CA   sing N N 253 
THR N   H    sing N N 254 
THR N   H2   sing N N 255 
THR CA  C    sing N N 256 
THR CA  CB   sing N N 257 
THR CA  HA   sing N N 258 
THR C   O    doub N N 259 
THR C   OXT  sing N N 260 
THR CB  OG1  sing N N 261 
THR CB  CG2  sing N N 262 
THR CB  HB   sing N N 263 
THR OG1 HG1  sing N N 264 
THR CG2 HG21 sing N N 265 
THR CG2 HG22 sing N N 266 
THR CG2 HG23 sing N N 267 
THR OXT HXT  sing N N 268 
TRP N   CA   sing N N 269 
TRP N   H    sing N N 270 
TRP N   H2   sing N N 271 
TRP CA  C    sing N N 272 
TRP CA  CB   sing N N 273 
TRP CA  HA   sing N N 274 
TRP C   O    doub N N 275 
TRP C   OXT  sing N N 276 
TRP CB  CG   sing N N 277 
TRP CB  HB2  sing N N 278 
TRP CB  HB3  sing N N 279 
TRP CG  CD1  doub Y N 280 
TRP CG  CD2  sing Y N 281 
TRP CD1 NE1  sing Y N 282 
TRP CD1 HD1  sing N N 283 
TRP CD2 CE2  doub Y N 284 
TRP CD2 CE3  sing Y N 285 
TRP NE1 CE2  sing Y N 286 
TRP NE1 HE1  sing N N 287 
TRP CE2 CZ2  sing Y N 288 
TRP CE3 CZ3  doub Y N 289 
TRP CE3 HE3  sing N N 290 
TRP CZ2 CH2  doub Y N 291 
TRP CZ2 HZ2  sing N N 292 
TRP CZ3 CH2  sing Y N 293 
TRP CZ3 HZ3  sing N N 294 
TRP CH2 HH2  sing N N 295 
TRP OXT HXT  sing N N 296 
TYR N   CA   sing N N 297 
TYR N   H    sing N N 298 
TYR N   H2   sing N N 299 
TYR CA  C    sing N N 300 
TYR CA  CB   sing N N 301 
TYR CA  HA   sing N N 302 
TYR C   O    doub N N 303 
TYR C   OXT  sing N N 304 
TYR CB  CG   sing N N 305 
TYR CB  HB2  sing N N 306 
TYR CB  HB3  sing N N 307 
TYR CG  CD1  doub Y N 308 
TYR CG  CD2  sing Y N 309 
TYR CD1 CE1  sing Y N 310 
TYR CD1 HD1  sing N N 311 
TYR CD2 CE2  doub Y N 312 
TYR CD2 HD2  sing N N 313 
TYR CE1 CZ   doub Y N 314 
TYR CE1 HE1  sing N N 315 
TYR CE2 CZ   sing Y N 316 
TYR CE2 HE2  sing N N 317 
TYR CZ  OH   sing N N 318 
TYR OH  HH   sing N N 319 
TYR OXT HXT  sing N N 320 
VAL N   CA   sing N N 321 
VAL N   H    sing N N 322 
VAL N   H2   sing N N 323 
VAL CA  C    sing N N 324 
VAL CA  CB   sing N N 325 
VAL CA  HA   sing N N 326 
VAL C   O    doub N N 327 
VAL C   OXT  sing N N 328 
VAL CB  CG1  sing N N 329 
VAL CB  CG2  sing N N 330 
VAL CB  HB   sing N N 331 
VAL CG1 HG11 sing N N 332 
VAL CG1 HG12 sing N N 333 
VAL CG1 HG13 sing N N 334 
VAL CG2 HG21 sing N N 335 
VAL CG2 HG22 sing N N 336 
VAL CG2 HG23 sing N N 337 
VAL OXT HXT  sing N N 338 
# 
_atom_sites.entry_id                    1BZ4 
_atom_sites.fract_transf_matrix[1][1]   0.02302391 
_atom_sites.fract_transf_matrix[1][2]   0.00234057 
_atom_sites.fract_transf_matrix[1][3]   -0.00810256 
_atom_sites.fract_transf_matrix[2][1]   -0.00524287 
_atom_sites.fract_transf_matrix[2][2]   -0.00659519 
_atom_sites.fract_transf_matrix[2][3]   -0.01680306 
_atom_sites.fract_transf_matrix[3][1]   -0.00237420 
_atom_sites.fract_transf_matrix[3][2]   0.01098855 
_atom_sites.fract_transf_matrix[3][3]   -0.00357220 
_atom_sites.fract_transf_vector[1]      0.096184 
_atom_sites.fract_transf_vector[2]      0.286030 
_atom_sites.fract_transf_vector[3]      0.311140 
# 
loop_
_atom_type.symbol 
C 
N 
O 
S 
# 
loop_
_atom_site.group_PDB 
_atom_site.id 
_atom_site.type_symbol 
_atom_site.label_atom_id 
_atom_site.label_alt_id 
_atom_site.label_comp_id 
_atom_site.label_asym_id 
_atom_site.label_entity_id 
_atom_site.label_seq_id 
_atom_site.pdbx_PDB_ins_code 
_atom_site.Cartn_x 
_atom_site.Cartn_y 
_atom_site.Cartn_z 
_atom_site.occupancy 
_atom_site.B_iso_or_equiv 
_atom_site.pdbx_formal_charge 
_atom_site.auth_seq_id 
_atom_site.auth_comp_id 
_atom_site.auth_asym_id 
_atom_site.auth_atom_id 
_atom_site.pdbx_PDB_model_num 
ATOM   1    N N   . SER A 1 1   ? -12.054 -0.133  11.783  1.00 45.66 ? 22  SER A N   1 
ATOM   2    C CA  . SER A 1 1   ? -12.430 -0.037  13.222  1.00 48.37 ? 22  SER A CA  1 
ATOM   3    C C   . SER A 1 1   ? -11.286 0.503   14.076  1.00 47.79 ? 22  SER A C   1 
ATOM   4    O O   . SER A 1 1   ? -11.204 0.227   15.278  1.00 49.89 ? 22  SER A O   1 
ATOM   5    C CB  . SER A 1 1   ? -12.861 -1.410  13.746  1.00 49.61 ? 22  SER A CB  1 
ATOM   6    O OG  . SER A 1 1   ? -11.835 -2.372  13.568  1.00 47.07 ? 22  SER A OG  1 
ATOM   7    N N   . GLY A 1 2   ? -10.404 1.271   13.446  1.00 46.17 ? 23  GLY A N   1 
ATOM   8    C CA  . GLY A 1 2   ? -9.282  1.859   14.155  1.00 40.72 ? 23  GLY A CA  1 
ATOM   9    C C   . GLY A 1 2   ? -8.210  0.912   14.673  1.00 36.72 ? 23  GLY A C   1 
ATOM   10   O O   . GLY A 1 2   ? -7.602  1.182   15.707  1.00 36.30 ? 23  GLY A O   1 
ATOM   11   N N   . GLN A 1 3   ? -7.969  -0.193  13.977  1.00 29.00 ? 24  GLN A N   1 
ATOM   12   C CA  . GLN A 1 3   ? -6.943  -1.120  14.416  1.00 24.65 ? 24  GLN A CA  1 
ATOM   13   C C   . GLN A 1 3   ? -5.602  -0.438  14.176  1.00 21.45 ? 24  GLN A C   1 
ATOM   14   O O   . GLN A 1 3   ? -5.509  0.483   13.368  1.00 19.23 ? 24  GLN A O   1 
ATOM   15   C CB  . GLN A 1 3   ? -7.016  -2.433  13.623  1.00 23.37 ? 24  GLN A CB  1 
ATOM   16   C CG  . GLN A 1 3   ? -8.328  -3.210  13.775  1.00 27.06 ? 24  GLN A CG  1 
ATOM   17   C CD  . GLN A 1 3   ? -8.739  -3.420  15.224  1.00 32.51 ? 24  GLN A CD  1 
ATOM   18   O OE1 . GLN A 1 3   ? -7.913  -3.741  16.078  1.00 31.66 ? 24  GLN A OE1 1 
ATOM   19   N NE2 . GLN A 1 3   ? -10.027 -3.239  15.506  1.00 33.08 ? 24  GLN A NE2 1 
ATOM   20   N N   . ARG A 1 4   ? -4.569  -0.870  14.885  1.00 20.07 ? 25  ARG A N   1 
ATOM   21   C CA  . ARG A 1 4   ? -3.247  -0.284  14.703  1.00 16.99 ? 25  ARG A CA  1 
ATOM   22   C C   . ARG A 1 4   ? -2.810  -0.335  13.235  1.00 19.28 ? 25  ARG A C   1 
ATOM   23   O O   . ARG A 1 4   ? -2.361  0.665   12.683  1.00 17.23 ? 25  ARG A O   1 
ATOM   24   C CB  . ARG A 1 4   ? -2.225  -1.019  15.570  1.00 12.51 ? 25  ARG A CB  1 
ATOM   25   C CG  . ARG A 1 4   ? -2.375  -0.728  17.055  1.00 21.25 ? 25  ARG A CG  1 
ATOM   26   C CD  . ARG A 1 4   ? -1.532  -1.666  17.896  1.00 24.26 ? 25  ARG A CD  1 
ATOM   27   N NE  . ARG A 1 4   ? -0.114  -1.568  17.564  1.00 22.24 ? 25  ARG A NE  1 
ATOM   28   C CZ  . ARG A 1 4   ? 0.826   -1.155  18.409  1.00 18.27 ? 25  ARG A CZ  1 
ATOM   29   N NH1 . ARG A 1 4   ? 0.500   -0.788  19.644  1.00 14.69 ? 25  ARG A NH1 1 
ATOM   30   N NH2 . ARG A 1 4   ? 2.096   -1.102  18.024  1.00 15.75 ? 25  ARG A NH2 1 
ATOM   31   N N   . TRP A 1 5   ? -2.949  -1.503  12.607  1.00 17.81 ? 26  TRP A N   1 
ATOM   32   C CA  . TRP A 1 5   ? -2.546  -1.675  11.215  1.00 16.62 ? 26  TRP A CA  1 
ATOM   33   C C   . TRP A 1 5   ? -3.335  -0.790  10.247  1.00 14.43 ? 26  TRP A C   1 
ATOM   34   O O   . TRP A 1 5   ? -2.815  -0.382  9.201   1.00 15.46 ? 26  TRP A O   1 
ATOM   35   C CB  . TRP A 1 5   ? -2.643  -3.162  10.809  1.00 16.80 ? 26  TRP A CB  1 
ATOM   36   C CG  . TRP A 1 5   ? -3.968  -3.602  10.256  1.00 18.22 ? 26  TRP A CG  1 
ATOM   37   C CD1 . TRP A 1 5   ? -5.004  -4.156  10.952  1.00 13.61 ? 26  TRP A CD1 1 
ATOM   38   C CD2 . TRP A 1 5   ? -4.406  -3.509  8.900   1.00 17.39 ? 26  TRP A CD2 1 
ATOM   39   N NE1 . TRP A 1 5   ? -6.061  -4.408  10.109  1.00 20.72 ? 26  TRP A NE1 1 
ATOM   40   C CE2 . TRP A 1 5   ? -5.716  -4.020  8.838   1.00 18.21 ? 26  TRP A CE2 1 
ATOM   41   C CE3 . TRP A 1 5   ? -3.809  -3.038  7.717   1.00 20.45 ? 26  TRP A CE3 1 
ATOM   42   C CZ2 . TRP A 1 5   ? -6.450  -4.077  7.653   1.00 19.94 ? 26  TRP A CZ2 1 
ATOM   43   C CZ3 . TRP A 1 5   ? -4.536  -3.096  6.535   1.00 24.15 ? 26  TRP A CZ3 1 
ATOM   44   C CH2 . TRP A 1 5   ? -5.849  -3.606  6.513   1.00 21.61 ? 26  TRP A CH2 1 
ATOM   45   N N   . GLU A 1 6   ? -4.578  -0.487  10.599  1.00 12.54 ? 27  GLU A N   1 
ATOM   46   C CA  . GLU A 1 6   ? -5.413  0.359   9.757   1.00 17.47 ? 27  GLU A CA  1 
ATOM   47   C C   . GLU A 1 6   ? -4.970  1.813   9.851   1.00 19.16 ? 27  GLU A C   1 
ATOM   48   O O   . GLU A 1 6   ? -5.026  2.551   8.866   1.00 17.74 ? 27  GLU A O   1 
ATOM   49   C CB  . GLU A 1 6   ? -6.883  0.234   10.165  1.00 15.76 ? 27  GLU A CB  1 
ATOM   50   C CG  . GLU A 1 6   ? -7.518  -1.078  9.731   1.00 26.16 ? 27  GLU A CG  1 
ATOM   51   C CD  . GLU A 1 6   ? -8.882  -1.319  10.354  1.00 27.88 ? 27  GLU A CD  1 
ATOM   52   O OE1 . GLU A 1 6   ? -9.222  -0.651  11.354  1.00 30.16 ? 27  GLU A OE1 1 
ATOM   53   O OE2 . GLU A 1 6   ? -9.615  -2.184  9.834   1.00 30.79 ? 27  GLU A OE2 1 
ATOM   54   N N   . LEU A 1 7   ? -4.531  2.223   11.037  1.00 14.72 ? 28  LEU A N   1 
ATOM   55   C CA  . LEU A 1 7   ? -4.067  3.587   11.241  1.00 16.10 ? 28  LEU A CA  1 
ATOM   56   C C   . LEU A 1 7   ? -2.740  3.755   10.519  1.00 15.62 ? 28  LEU A C   1 
ATOM   57   O O   . LEU A 1 7   ? -2.438  4.824   9.991   1.00 14.14 ? 28  LEU A O   1 
ATOM   58   C CB  . LEU A 1 7   ? -3.900  3.876   12.734  1.00 19.31 ? 28  LEU A CB  1 
ATOM   59   C CG  . LEU A 1 7   ? -5.218  3.842   13.515  1.00 26.02 ? 28  LEU A CG  1 
ATOM   60   C CD1 . LEU A 1 7   ? -4.977  4.338   14.929  1.00 28.47 ? 28  LEU A CD1 1 
ATOM   61   C CD2 . LEU A 1 7   ? -6.269  4.698   12.813  1.00 28.97 ? 28  LEU A CD2 1 
ATOM   62   N N   . ALA A 1 8   ? -1.950  2.684   10.491  1.00 12.11 ? 29  ALA A N   1 
ATOM   63   C CA  . ALA A 1 8   ? -0.667  2.723   9.809   1.00 9.99  ? 29  ALA A CA  1 
ATOM   64   C C   . ALA A 1 8   ? -0.921  2.857   8.306   1.00 12.45 ? 29  ALA A C   1 
ATOM   65   O O   . ALA A 1 8   ? -0.305  3.683   7.634   1.00 10.34 ? 29  ALA A O   1 
ATOM   66   C CB  . ALA A 1 8   ? 0.113   1.466   10.104  1.00 9.36  ? 29  ALA A CB  1 
ATOM   67   N N   . LEU A 1 9   ? -1.841  2.050   7.786   1.00 11.24 ? 30  LEU A N   1 
ATOM   68   C CA  . LEU A 1 9   ? -2.170  2.108   6.365   1.00 11.36 ? 30  LEU A CA  1 
ATOM   69   C C   . LEU A 1 9   ? -2.750  3.479   6.053   1.00 11.31 ? 30  LEU A C   1 
ATOM   70   O O   . LEU A 1 9   ? -2.526  4.027   4.979   1.00 10.91 ? 30  LEU A O   1 
ATOM   71   C CB  . LEU A 1 9   ? -3.192  1.028   5.992   1.00 12.51 ? 30  LEU A CB  1 
ATOM   72   C CG  . LEU A 1 9   ? -3.698  1.045   4.545   1.00 12.82 ? 30  LEU A CG  1 
ATOM   73   C CD1 . LEU A 1 9   ? -2.536  0.780   3.597   1.00 14.31 ? 30  LEU A CD1 1 
ATOM   74   C CD2 . LEU A 1 9   ? -4.786  -0.003  4.366   1.00 13.89 ? 30  LEU A CD2 1 
ATOM   75   N N   . GLY A 1 10  ? -3.498  4.025   7.006   1.00 9.76  ? 31  GLY A N   1 
ATOM   76   C CA  . GLY A 1 10  ? -4.098  5.338   6.827   1.00 8.86  ? 31  GLY A CA  1 
ATOM   77   C C   . GLY A 1 10  ? -3.040  6.405   6.617   1.00 12.78 ? 31  GLY A C   1 
ATOM   78   O O   . GLY A 1 10  ? -3.231  7.329   5.831   1.00 12.17 ? 31  GLY A O   1 
ATOM   79   N N   . ARG A 1 11  ? -1.922  6.290   7.327   1.00 10.92 ? 32  ARG A N   1 
ATOM   80   C CA  . ARG A 1 11  ? -0.841  7.250   7.177   1.00 9.53  ? 32  ARG A CA  1 
ATOM   81   C C   . ARG A 1 11  ? -0.139  7.034   5.840   1.00 11.35 ? 32  ARG A C   1 
ATOM   82   O O   . ARG A 1 11  ? 0.311   7.986   5.215   1.00 12.34 ? 32  ARG A O   1 
ATOM   83   C CB  . ARG A 1 11  ? 0.142   7.115   8.341   1.00 12.05 ? 32  ARG A CB  1 
ATOM   84   C CG  . ARG A 1 11  ? -0.457  7.572   9.669   1.00 19.12 ? 32  ARG A CG  1 
ATOM   85   C CD  . ARG A 1 11  ? 0.593   7.681   10.757  1.00 24.67 ? 32  ARG A CD  1 
ATOM   86   N NE  . ARG A 1 11  ? 0.896   6.385   11.348  1.00 34.77 ? 32  ARG A NE  1 
ATOM   87   C CZ  . ARG A 1 11  ? 0.120   5.754   12.223  1.00 37.70 ? 32  ARG A CZ  1 
ATOM   88   N NH1 . ARG A 1 11  ? -1.026  6.299   12.621  1.00 36.78 ? 32  ARG A NH1 1 
ATOM   89   N NH2 . ARG A 1 11  ? 0.495   4.575   12.705  1.00 29.74 ? 32  ARG A NH2 1 
ATOM   90   N N   . PHE A 1 12  ? -0.046  5.789   5.388   1.00 9.86  ? 33  PHE A N   1 
ATOM   91   C CA  . PHE A 1 12  ? 0.585   5.525   4.095   1.00 9.28  ? 33  PHE A CA  1 
ATOM   92   C C   . PHE A 1 12  ? -0.311  6.154   3.033   1.00 8.78  ? 33  PHE A C   1 
ATOM   93   O O   . PHE A 1 12  ? 0.152   6.829   2.108   1.00 9.72  ? 33  PHE A O   1 
ATOM   94   C CB  . PHE A 1 12  ? 0.681   4.021   3.831   1.00 10.37 ? 33  PHE A CB  1 
ATOM   95   C CG  . PHE A 1 12  ? 1.168   3.681   2.446   1.00 15.29 ? 33  PHE A CG  1 
ATOM   96   C CD1 . PHE A 1 12  ? 0.270   3.536   1.391   1.00 13.98 ? 33  PHE A CD1 1 
ATOM   97   C CD2 . PHE A 1 12  ? 2.526   3.518   2.196   1.00 13.55 ? 33  PHE A CD2 1 
ATOM   98   C CE1 . PHE A 1 12  ? 0.722   3.237   0.107   1.00 14.12 ? 33  PHE A CE1 1 
ATOM   99   C CE2 . PHE A 1 12  ? 2.989   3.217   0.915   1.00 12.87 ? 33  PHE A CE2 1 
ATOM   100  C CZ  . PHE A 1 12  ? 2.086   3.077   -0.128  1.00 11.30 ? 33  PHE A CZ  1 
ATOM   101  N N   . TRP A 1 13  ? -1.606  5.915   3.187   1.00 10.39 ? 34  TRP A N   1 
ATOM   102  C CA  . TRP A 1 13  ? -2.631  6.416   2.278   1.00 8.40  ? 34  TRP A CA  1 
ATOM   103  C C   . TRP A 1 13  ? -2.692  7.950   2.215   1.00 10.38 ? 34  TRP A C   1 
ATOM   104  O O   . TRP A 1 13  ? -2.811  8.518   1.131   1.00 9.13  ? 34  TRP A O   1 
ATOM   105  C CB  . TRP A 1 13  ? -3.986  5.833   2.698   1.00 7.40  ? 34  TRP A CB  1 
ATOM   106  C CG  . TRP A 1 13  ? -5.109  6.135   1.769   1.00 8.24  ? 34  TRP A CG  1 
ATOM   107  C CD1 . TRP A 1 13  ? -6.153  6.980   2.000   1.00 13.06 ? 34  TRP A CD1 1 
ATOM   108  C CD2 . TRP A 1 13  ? -5.330  5.565   0.471   1.00 10.65 ? 34  TRP A CD2 1 
ATOM   109  N NE1 . TRP A 1 13  ? -7.017  6.976   0.932   1.00 13.31 ? 34  TRP A NE1 1 
ATOM   110  C CE2 . TRP A 1 13  ? -6.532  6.117   -0.024  1.00 11.86 ? 34  TRP A CE2 1 
ATOM   111  C CE3 . TRP A 1 13  ? -4.627  4.648   -0.323  1.00 11.66 ? 34  TRP A CE3 1 
ATOM   112  C CZ2 . TRP A 1 13  ? -7.055  5.780   -1.277  1.00 8.62  ? 34  TRP A CZ2 1 
ATOM   113  C CZ3 . TRP A 1 13  ? -5.143  4.315   -1.573  1.00 8.26  ? 34  TRP A CZ3 1 
ATOM   114  C CH2 . TRP A 1 13  ? -6.347  4.880   -2.035  1.00 11.80 ? 34  TRP A CH2 1 
ATOM   115  N N   . ASP A 1 14  ? -2.598  8.618   3.364   1.00 7.21  ? 35  ASP A N   1 
ATOM   116  C CA  . ASP A 1 14  ? -2.640  10.075  3.393   1.00 5.89  ? 35  ASP A CA  1 
ATOM   117  C C   . ASP A 1 14  ? -1.426  10.652  2.684   1.00 8.99  ? 35  ASP A C   1 
ATOM   118  O O   . ASP A 1 14  ? -1.526  11.623  1.936   1.00 10.36 ? 35  ASP A O   1 
ATOM   119  C CB  . ASP A 1 14  ? -2.664  10.585  4.837   1.00 11.36 ? 35  ASP A CB  1 
ATOM   120  C CG  . ASP A 1 14  ? -4.049  10.540  5.448   1.00 12.73 ? 35  ASP A CG  1 
ATOM   121  O OD1 . ASP A 1 14  ? -4.967  10.010  4.798   1.00 13.85 ? 35  ASP A OD1 1 
ATOM   122  O OD2 . ASP A 1 14  ? -4.221  11.036  6.577   1.00 16.14 ? 35  ASP A OD2 1 
ATOM   123  N N   . TYR A 1 15  ? -0.274  10.046  2.926   1.00 10.79 ? 36  TYR A N   1 
ATOM   124  C CA  . TYR A 1 15  ? 0.963   10.496  2.311   1.00 9.93  ? 36  TYR A CA  1 
ATOM   125  C C   . TYR A 1 15  ? 0.865   10.333  0.792   1.00 10.92 ? 36  TYR A C   1 
ATOM   126  O O   . TYR A 1 15  ? 1.231   11.237  0.046   1.00 10.95 ? 36  TYR A O   1 
ATOM   127  C CB  . TYR A 1 15  ? 2.143   9.688   2.860   1.00 15.78 ? 36  TYR A CB  1 
ATOM   128  C CG  . TYR A 1 15  ? 3.498   10.216  2.443   1.00 19.28 ? 36  TYR A CG  1 
ATOM   129  C CD1 . TYR A 1 15  ? 3.968   10.030  1.144   1.00 22.61 ? 36  TYR A CD1 1 
ATOM   130  C CD2 . TYR A 1 15  ? 4.315   10.898  3.346   1.00 18.47 ? 36  TYR A CD2 1 
ATOM   131  C CE1 . TYR A 1 15  ? 5.216   10.506  0.747   1.00 22.84 ? 36  TYR A CE1 1 
ATOM   132  C CE2 . TYR A 1 15  ? 5.571   11.382  2.958   1.00 20.19 ? 36  TYR A CE2 1 
ATOM   133  C CZ  . TYR A 1 15  ? 6.014   11.183  1.652   1.00 21.22 ? 36  TYR A CZ  1 
ATOM   134  O OH  . TYR A 1 15  ? 7.246   11.652  1.247   1.00 22.75 ? 36  TYR A OH  1 
ATOM   135  N N   . LEU A 1 16  ? 0.361   9.186   0.344   1.00 8.95  ? 37  LEU A N   1 
ATOM   136  C CA  . LEU A 1 16  ? 0.220   8.924   -1.081  1.00 11.18 ? 37  LEU A CA  1 
ATOM   137  C C   . LEU A 1 16  ? -0.775  9.883   -1.728  1.00 12.63 ? 37  LEU A C   1 
ATOM   138  O O   . LEU A 1 16  ? -0.605  10.274  -2.883  1.00 12.17 ? 37  LEU A O   1 
ATOM   139  C CB  . LEU A 1 16  ? -0.213  7.469   -1.316  1.00 12.25 ? 37  LEU A CB  1 
ATOM   140  C CG  . LEU A 1 16  ? -0.235  6.921   -2.752  1.00 16.91 ? 37  LEU A CG  1 
ATOM   141  C CD1 . LEU A 1 16  ? 1.054   7.265   -3.479  1.00 17.07 ? 37  LEU A CD1 1 
ATOM   142  C CD2 . LEU A 1 16  ? -0.435  5.410   -2.708  1.00 10.96 ? 37  LEU A CD2 1 
ATOM   143  N N   . ARG A 1 17  ? -1.810  10.263  -0.981  1.00 10.73 ? 38  ARG A N   1 
ATOM   144  C CA  . ARG A 1 17  ? -2.807  11.195  -1.495  1.00 8.13  ? 38  ARG A CA  1 
ATOM   145  C C   . ARG A 1 17  ? -2.121  12.535  -1.748  1.00 8.62  ? 38  ARG A C   1 
ATOM   146  O O   . ARG A 1 17  ? -2.429  13.223  -2.715  1.00 10.78 ? 38  ARG A O   1 
ATOM   147  C CB  . ARG A 1 17  ? -3.948  11.375  -0.487  1.00 7.76  ? 38  ARG A CB  1 
ATOM   148  C CG  . ARG A 1 17  ? -4.904  12.500  -0.845  1.00 10.26 ? 38  ARG A CG  1 
ATOM   149  C CD  . ARG A 1 17  ? -6.259  12.314  -0.171  1.00 12.53 ? 38  ARG A CD  1 
ATOM   150  N NE  . ARG A 1 17  ? -7.137  11.430  -0.933  1.00 19.40 ? 38  ARG A NE  1 
ATOM   151  C CZ  . ARG A 1 17  ? -7.886  10.472  -0.392  1.00 18.27 ? 38  ARG A CZ  1 
ATOM   152  N NH1 . ARG A 1 17  ? -7.870  10.266  0.917   1.00 15.21 ? 38  ARG A NH1 1 
ATOM   153  N NH2 . ARG A 1 17  ? -8.667  9.730   -1.161  1.00 18.39 ? 38  ARG A NH2 1 
ATOM   154  N N   . TRP A 1 18  ? -1.188  12.894  -0.875  1.00 8.72  ? 39  TRP A N   1 
ATOM   155  C CA  . TRP A 1 18  ? -0.444  14.143  -1.008  1.00 9.61  ? 39  TRP A CA  1 
ATOM   156  C C   . TRP A 1 18  ? 0.433   14.069  -2.250  1.00 10.56 ? 39  TRP A C   1 
ATOM   157  O O   . TRP A 1 18  ? 0.486   15.008  -3.042  1.00 13.51 ? 39  TRP A O   1 
ATOM   158  C CB  . TRP A 1 18  ? 0.425   14.367  0.230   1.00 8.29  ? 39  TRP A CB  1 
ATOM   159  C CG  . TRP A 1 18  ? 1.395   15.501  0.118   1.00 16.02 ? 39  TRP A CG  1 
ATOM   160  C CD1 . TRP A 1 18  ? 1.100   16.831  0.003   1.00 14.60 ? 39  TRP A CD1 1 
ATOM   161  C CD2 . TRP A 1 18  ? 2.825   15.409  0.158   1.00 16.49 ? 39  TRP A CD2 1 
ATOM   162  N NE1 . TRP A 1 18  ? 2.257   17.573  -0.024  1.00 13.25 ? 39  TRP A NE1 1 
ATOM   163  C CE2 . TRP A 1 18  ? 3.328   16.729  0.068   1.00 15.89 ? 39  TRP A CE2 1 
ATOM   164  C CE3 . TRP A 1 18  ? 3.728   14.342  0.260   1.00 15.30 ? 39  TRP A CE3 1 
ATOM   165  C CZ2 . TRP A 1 18  ? 4.701   17.006  0.079   1.00 21.35 ? 39  TRP A CZ2 1 
ATOM   166  C CZ3 . TRP A 1 18  ? 5.092   14.619  0.273   1.00 20.89 ? 39  TRP A CZ3 1 
ATOM   167  C CH2 . TRP A 1 18  ? 5.564   15.944  0.182   1.00 21.59 ? 39  TRP A CH2 1 
ATOM   168  N N   . VAL A 1 19  ? 1.122   12.949  -2.418  1.00 9.28  ? 40  VAL A N   1 
ATOM   169  C CA  . VAL A 1 19  ? 1.983   12.759  -3.570  1.00 9.59  ? 40  VAL A CA  1 
ATOM   170  C C   . VAL A 1 19  ? 1.165   12.898  -4.848  1.00 10.46 ? 40  VAL A C   1 
ATOM   171  O O   . VAL A 1 19  ? 1.635   13.453  -5.842  1.00 12.58 ? 40  VAL A O   1 
ATOM   172  C CB  . VAL A 1 19  ? 2.644   11.360  -3.540  1.00 9.65  ? 40  VAL A CB  1 
ATOM   173  C CG1 . VAL A 1 19  ? 3.319   11.059  -4.870  1.00 8.50  ? 40  VAL A CG1 1 
ATOM   174  C CG2 . VAL A 1 19  ? 3.650   11.302  -2.420  1.00 6.74  ? 40  VAL A CG2 1 
ATOM   175  N N   . GLN A 1 20  ? -0.067  12.402  -4.823  1.00 11.43 ? 41  GLN A N   1 
ATOM   176  C CA  . GLN A 1 20  ? -0.931  12.470  -5.995  1.00 8.40  ? 41  GLN A CA  1 
ATOM   177  C C   . GLN A 1 20  ? -1.125  13.900  -6.501  1.00 13.03 ? 41  GLN A C   1 
ATOM   178  O O   . GLN A 1 20  ? -1.277  14.119  -7.699  1.00 13.66 ? 41  GLN A O   1 
ATOM   179  C CB  . GLN A 1 20  ? -2.291  11.835  -5.676  1.00 6.71  ? 41  GLN A CB  1 
ATOM   180  C CG  . GLN A 1 20  ? -3.347  11.977  -6.776  1.00 11.87 ? 41  GLN A CG  1 
ATOM   181  C CD  . GLN A 1 20  ? -3.194  10.962  -7.898  1.00 11.19 ? 41  GLN A CD  1 
ATOM   182  O OE1 . GLN A 1 20  ? -3.369  9.760   -7.694  1.00 13.73 ? 41  GLN A OE1 1 
ATOM   183  N NE2 . GLN A 1 20  ? -2.871  11.446  -9.095  1.00 9.55  ? 41  GLN A NE2 1 
ATOM   184  N N   . THR A 1 21  ? -1.112  14.870  -5.592  1.00 12.93 ? 42  THR A N   1 
ATOM   185  C CA  . THR A 1 21  ? -1.302  16.263  -5.972  1.00 16.44 ? 42  THR A CA  1 
ATOM   186  C C   . THR A 1 21  ? -0.178  16.771  -6.866  1.00 16.82 ? 42  THR A C   1 
ATOM   187  O O   . THR A 1 21  ? -0.382  17.673  -7.680  1.00 14.96 ? 42  THR A O   1 
ATOM   188  C CB  . THR A 1 21  ? -1.390  17.185  -4.742  1.00 13.71 ? 42  THR A CB  1 
ATOM   189  O OG1 . THR A 1 21  ? -0.108  17.263  -4.108  1.00 11.68 ? 42  THR A OG1 1 
ATOM   190  C CG2 . THR A 1 21  ? -2.417  16.649  -3.749  1.00 11.74 ? 42  THR A CG2 1 
ATOM   191  N N   . LEU A 1 22  ? 1.002   16.178  -6.719  1.00 14.08 ? 43  LEU A N   1 
ATOM   192  C CA  . LEU A 1 22  ? 2.176   16.560  -7.499  1.00 13.73 ? 43  LEU A CA  1 
ATOM   193  C C   . LEU A 1 22  ? 2.425   18.055  -7.361  1.00 16.21 ? 43  LEU A C   1 
ATOM   194  O O   . LEU A 1 22  ? 2.754   18.740  -8.329  1.00 16.80 ? 43  LEU A O   1 
ATOM   195  C CB  . LEU A 1 22  ? 1.996   16.178  -8.973  1.00 11.94 ? 43  LEU A CB  1 
ATOM   196  C CG  . LEU A 1 22  ? 2.006   14.666  -9.224  1.00 7.91  ? 43  LEU A CG  1 
ATOM   197  C CD1 . LEU A 1 22  ? 1.773   14.377  -10.687 1.00 10.88 ? 43  LEU A CD1 1 
ATOM   198  C CD2 . LEU A 1 22  ? 3.335   14.075  -8.774  1.00 16.25 ? 43  LEU A CD2 1 
ATOM   199  N N   . SER A 1 23  ? 2.262   18.551  -6.140  1.00 14.49 ? 44  SER A N   1 
ATOM   200  C CA  . SER A 1 23  ? 2.476   19.955  -5.839  1.00 18.25 ? 44  SER A CA  1 
ATOM   201  C C   . SER A 1 23  ? 3.965   20.257  -5.970  1.00 16.22 ? 44  SER A C   1 
ATOM   202  O O   . SER A 1 23  ? 4.774   19.354  -6.194  1.00 14.72 ? 44  SER A O   1 
ATOM   203  C CB  . SER A 1 23  ? 2.009   20.261  -4.414  1.00 17.21 ? 44  SER A CB  1 
ATOM   204  O OG  . SER A 1 23  ? 2.818   19.574  -3.469  1.00 16.70 ? 44  SER A OG  1 
ATOM   205  N N   . GLU A 1 24  ? 4.333   21.524  -5.819  1.00 14.50 ? 45  GLU A N   1 
ATOM   206  C CA  . GLU A 1 24  ? 5.733   21.911  -5.943  1.00 15.73 ? 45  GLU A CA  1 
ATOM   207  C C   . GLU A 1 24  ? 6.652   21.113  -5.021  1.00 19.85 ? 45  GLU A C   1 
ATOM   208  O O   . GLU A 1 24  ? 7.665   20.586  -5.470  1.00 20.87 ? 45  GLU A O   1 
ATOM   209  C CB  . GLU A 1 24  ? 5.898   23.411  -5.674  1.00 18.09 ? 45  GLU A CB  1 
ATOM   210  C CG  . GLU A 1 24  ? 5.502   24.303  -6.851  1.00 22.67 ? 45  GLU A CG  1 
ATOM   211  C CD  . GLU A 1 24  ? 6.240   23.959  -8.134  1.00 21.87 ? 45  GLU A CD  1 
ATOM   212  O OE1 . GLU A 1 24  ? 7.378   23.453  -8.052  1.00 15.75 ? 45  GLU A OE1 1 
ATOM   213  O OE2 . GLU A 1 24  ? 5.682   24.196  -9.226  1.00 22.63 ? 45  GLU A OE2 1 
ATOM   214  N N   . GLN A 1 25  ? 6.302   21.016  -3.738  1.00 22.74 ? 46  GLN A N   1 
ATOM   215  C CA  . GLN A 1 25  ? 7.124   20.267  -2.791  1.00 25.71 ? 46  GLN A CA  1 
ATOM   216  C C   . GLN A 1 25  ? 7.162   18.776  -3.112  1.00 22.85 ? 46  GLN A C   1 
ATOM   217  O O   . GLN A 1 25  ? 8.186   18.130  -2.908  1.00 24.98 ? 46  GLN A O   1 
ATOM   218  C CB  . GLN A 1 25  ? 6.639   20.473  -1.353  1.00 26.09 ? 46  GLN A CB  1 
ATOM   219  C CG  . GLN A 1 25  ? 7.558   19.867  -0.297  1.00 35.80 ? 46  GLN A CG  1 
ATOM   220  C CD  . GLN A 1 25  ? 8.977   20.404  -0.383  1.00 42.86 ? 46  GLN A CD  1 
ATOM   221  O OE1 . GLN A 1 25  ? 9.215   21.466  -0.960  1.00 48.43 ? 46  GLN A OE1 1 
ATOM   222  N NE2 . GLN A 1 25  ? 9.929   19.672  0.193   1.00 45.93 ? 46  GLN A NE2 1 
ATOM   223  N N   . VAL A 1 26  ? 6.060   18.218  -3.610  1.00 20.34 ? 47  VAL A N   1 
ATOM   224  C CA  . VAL A 1 26  ? 6.059   16.800  -3.955  1.00 16.60 ? 47  VAL A CA  1 
ATOM   225  C C   . VAL A 1 26  ? 7.046   16.586  -5.099  1.00 16.75 ? 47  VAL A C   1 
ATOM   226  O O   . VAL A 1 26  ? 7.880   15.681  -5.057  1.00 21.34 ? 47  VAL A O   1 
ATOM   227  C CB  . VAL A 1 26  ? 4.669   16.306  -4.429  1.00 14.86 ? 47  VAL A CB  1 
ATOM   228  C CG1 . VAL A 1 26  ? 4.800   14.926  -5.041  1.00 12.05 ? 47  VAL A CG1 1 
ATOM   229  C CG2 . VAL A 1 26  ? 3.692   16.261  -3.263  1.00 13.27 ? 47  VAL A CG2 1 
ATOM   230  N N   . GLN A 1 27  ? 6.947   17.439  -6.114  1.00 20.29 ? 48  GLN A N   1 
ATOM   231  C CA  . GLN A 1 27  ? 7.814   17.366  -7.291  1.00 21.55 ? 48  GLN A CA  1 
ATOM   232  C C   . GLN A 1 27  ? 9.279   17.456  -6.903  1.00 24.92 ? 48  GLN A C   1 
ATOM   233  O O   . GLN A 1 27  ? 10.144  16.832  -7.522  1.00 27.22 ? 48  GLN A O   1 
ATOM   234  C CB  . GLN A 1 27  ? 7.482   18.495  -8.259  1.00 16.99 ? 48  GLN A CB  1 
ATOM   235  C CG  . GLN A 1 27  ? 6.213   18.271  -9.031  1.00 14.92 ? 48  GLN A CG  1 
ATOM   236  C CD  . GLN A 1 27  ? 5.924   19.401  -9.979  1.00 20.33 ? 48  GLN A CD  1 
ATOM   237  O OE1 . GLN A 1 27  ? 6.670   19.632  -10.922 1.00 27.87 ? 48  GLN A OE1 1 
ATOM   238  N NE2 . GLN A 1 27  ? 4.832   20.115  -9.738  1.00 18.92 ? 48  GLN A NE2 1 
ATOM   239  N N   . GLU A 1 28  ? 9.552   18.248  -5.874  1.00 23.30 ? 49  GLU A N   1 
ATOM   240  C CA  . GLU A 1 28  ? 10.911  18.413  -5.394  1.00 26.22 ? 49  GLU A CA  1 
ATOM   241  C C   . GLU A 1 28  ? 11.391  17.112  -4.764  1.00 29.79 ? 49  GLU A C   1 
ATOM   242  O O   . GLU A 1 28  ? 12.438  16.578  -5.135  1.00 29.77 ? 49  GLU A O   1 
ATOM   243  C CB  . GLU A 1 28  ? 10.964  19.540  -4.362  1.00 22.29 ? 49  GLU A CB  1 
ATOM   244  C CG  . GLU A 1 28  ? 12.368  19.976  -3.986  1.00 29.11 ? 49  GLU A CG  1 
ATOM   245  C CD  . GLU A 1 28  ? 13.039  20.808  -5.065  1.00 32.15 ? 49  GLU A CD  1 
ATOM   246  O OE1 . GLU A 1 28  ? 12.371  21.135  -6.070  1.00 25.73 ? 49  GLU A OE1 1 
ATOM   247  O OE2 . GLU A 1 28  ? 14.234  21.138  -4.905  1.00 33.64 ? 49  GLU A OE2 1 
ATOM   248  N N   . GLU A 1 29  ? 10.609  16.598  -3.817  1.00 26.90 ? 50  GLU A N   1 
ATOM   249  C CA  . GLU A 1 29  ? 10.951  15.371  -3.112  1.00 21.17 ? 50  GLU A CA  1 
ATOM   250  C C   . GLU A 1 29  ? 10.925  14.126  -3.985  1.00 21.06 ? 50  GLU A C   1 
ATOM   251  O O   . GLU A 1 29  ? 11.499  13.103  -3.622  1.00 27.61 ? 50  GLU A O   1 
ATOM   252  C CB  . GLU A 1 29  ? 10.016  15.178  -1.915  1.00 22.83 ? 50  GLU A CB  1 
ATOM   253  C CG  . GLU A 1 29  ? 10.171  16.256  -0.847  1.00 24.26 ? 50  GLU A CG  1 
ATOM   254  C CD  . GLU A 1 29  ? 9.345   15.998  0.404   1.00 26.96 ? 50  GLU A CD  1 
ATOM   255  O OE1 . GLU A 1 29  ? 8.988   14.829  0.665   1.00 29.02 ? 50  GLU A OE1 1 
ATOM   256  O OE2 . GLU A 1 29  ? 9.055   16.973  1.131   1.00 24.51 ? 50  GLU A OE2 1 
ATOM   257  N N   . LEU A 1 30  ? 10.263  14.207  -5.135  1.00 15.54 ? 51  LEU A N   1 
ATOM   258  C CA  . LEU A 1 30  ? 10.188  13.066  -6.037  1.00 15.27 ? 51  LEU A CA  1 
ATOM   259  C C   . LEU A 1 30  ? 11.495  12.858  -6.803  1.00 21.01 ? 51  LEU A C   1 
ATOM   260  O O   . LEU A 1 30  ? 11.805  11.747  -7.215  1.00 22.23 ? 51  LEU A O   1 
ATOM   261  C CB  . LEU A 1 30  ? 9.043   13.251  -7.039  1.00 14.52 ? 51  LEU A CB  1 
ATOM   262  C CG  . LEU A 1 30  ? 7.648   12.738  -6.670  1.00 14.90 ? 51  LEU A CG  1 
ATOM   263  C CD1 . LEU A 1 30  ? 6.689   13.056  -7.810  1.00 11.23 ? 51  LEU A CD1 1 
ATOM   264  C CD2 . LEU A 1 30  ? 7.692   11.240  -6.397  1.00 14.75 ? 51  LEU A CD2 1 
ATOM   265  N N   . LEU A 1 31  ? 12.266  13.924  -6.992  1.00 21.56 ? 52  LEU A N   1 
ATOM   266  C CA  . LEU A 1 31  ? 13.523  13.831  -7.733  1.00 25.02 ? 52  LEU A CA  1 
ATOM   267  C C   . LEU A 1 31  ? 14.658  13.367  -6.846  1.00 28.23 ? 52  LEU A C   1 
ATOM   268  O O   . LEU A 1 31  ? 15.723  12.980  -7.327  1.00 27.43 ? 52  LEU A O   1 
ATOM   269  C CB  . LEU A 1 31  ? 13.843  15.173  -8.392  1.00 24.86 ? 52  LEU A CB  1 
ATOM   270  C CG  . LEU A 1 31  ? 12.851  15.488  -9.521  1.00 19.43 ? 52  LEU A CG  1 
ATOM   271  C CD1 . LEU A 1 31  ? 13.475  16.491  -10.469 1.00 16.61 ? 52  LEU A CD1 1 
ATOM   272  C CD2 . LEU A 1 31  ? 12.468  14.211  -10.275 1.00 15.96 ? 52  LEU A CD2 1 
ATOM   273  N N   . SER A 1 32  ? 14.430  13.455  -5.543  1.00 29.06 ? 53  SER A N   1 
ATOM   274  C CA  . SER A 1 32  ? 15.375  12.951  -4.562  1.00 31.89 ? 53  SER A CA  1 
ATOM   275  C C   . SER A 1 32  ? 14.664  11.632  -4.264  1.00 32.99 ? 53  SER A C   1 
ATOM   276  O O   . SER A 1 32  ? 13.642  11.338  -4.888  1.00 35.05 ? 53  SER A O   1 
ATOM   277  C CB  . SER A 1 32  ? 15.397  13.831  -3.315  1.00 29.23 ? 53  SER A CB  1 
ATOM   278  O OG  . SER A 1 32  ? 14.214  13.643  -2.565  1.00 34.06 ? 53  SER A OG  1 
ATOM   279  N N   . SER A 1 33  ? 15.166  10.824  -3.345  1.00 32.53 ? 54  SER A N   1 
ATOM   280  C CA  . SER A 1 33  ? 14.454  9.584   -3.059  1.00 29.39 ? 54  SER A CA  1 
ATOM   281  C C   . SER A 1 33  ? 13.703  9.705   -1.731  1.00 24.84 ? 54  SER A C   1 
ATOM   282  O O   . SER A 1 33  ? 13.365  8.702   -1.101  1.00 23.56 ? 54  SER A O   1 
ATOM   283  C CB  . SER A 1 33  ? 15.427  8.399   -3.031  1.00 32.18 ? 54  SER A CB  1 
ATOM   284  O OG  . SER A 1 33  ? 16.237  8.420   -1.870  1.00 35.55 ? 54  SER A OG  1 
ATOM   285  N N   . GLN A 1 34  ? 13.426  10.942  -1.323  1.00 22.89 ? 55  GLN A N   1 
ATOM   286  C CA  . GLN A 1 34  ? 12.730  11.195  -0.071  1.00 20.73 ? 55  GLN A CA  1 
ATOM   287  C C   . GLN A 1 34  ? 11.319  10.616  -0.048  1.00 22.17 ? 55  GLN A C   1 
ATOM   288  O O   . GLN A 1 34  ? 10.903  10.022  0.942   1.00 21.26 ? 55  GLN A O   1 
ATOM   289  C CB  . GLN A 1 34  ? 12.650  12.697  0.217   1.00 20.22 ? 55  GLN A CB  1 
ATOM   290  C CG  . GLN A 1 34  ? 11.890  13.008  1.502   1.00 25.79 ? 55  GLN A CG  1 
ATOM   291  C CD  . GLN A 1 34  ? 12.040  14.442  1.962   1.00 27.17 ? 55  GLN A CD  1 
ATOM   292  O OE1 . GLN A 1 34  ? 12.530  15.292  1.230   1.00 29.04 ? 55  GLN A OE1 1 
ATOM   293  N NE2 . GLN A 1 34  ? 11.614  14.717  3.188   1.00 26.31 ? 55  GLN A NE2 1 
ATOM   294  N N   . VAL A 1 35  ? 10.577  10.791  -1.133  1.00 22.55 ? 56  VAL A N   1 
ATOM   295  C CA  . VAL A 1 35  ? 9.219   10.268  -1.183  1.00 23.71 ? 56  VAL A CA  1 
ATOM   296  C C   . VAL A 1 35  ? 9.173   8.741   -1.122  1.00 22.82 ? 56  VAL A C   1 
ATOM   297  O O   . VAL A 1 35  ? 8.366   8.180   -0.384  1.00 23.90 ? 56  VAL A O   1 
ATOM   298  C CB  . VAL A 1 35  ? 8.466   10.746  -2.453  1.00 19.63 ? 56  VAL A CB  1 
ATOM   299  C CG1 . VAL A 1 35  ? 7.231   9.883   -2.689  1.00 10.10 ? 56  VAL A CG1 1 
ATOM   300  C CG2 . VAL A 1 35  ? 8.053   12.193  -2.290  1.00 16.86 ? 56  VAL A CG2 1 
ATOM   301  N N   . THR A 1 36  ? 10.022  8.064   -1.892  1.00 22.55 ? 57  THR A N   1 
ATOM   302  C CA  . THR A 1 36  ? 10.026  6.600   -1.885  1.00 22.19 ? 57  THR A CA  1 
ATOM   303  C C   . THR A 1 36  ? 10.562  6.044   -0.568  1.00 23.32 ? 57  THR A C   1 
ATOM   304  O O   . THR A 1 36  ? 10.150  4.970   -0.119  1.00 21.59 ? 57  THR A O   1 
ATOM   305  C CB  . THR A 1 36  ? 10.875  6.026   -3.034  1.00 22.48 ? 57  THR A CB  1 
ATOM   306  O OG1 . THR A 1 36  ? 12.070  6.801   -3.184  1.00 26.36 ? 57  THR A OG1 1 
ATOM   307  C CG2 . THR A 1 36  ? 10.095  6.060   -4.333  1.00 23.20 ? 57  THR A CG2 1 
ATOM   308  N N   . GLN A 1 37  ? 11.484  6.772   0.049   1.00 23.53 ? 58  GLN A N   1 
ATOM   309  C CA  . GLN A 1 37  ? 12.049  6.335   1.316   1.00 26.87 ? 58  GLN A CA  1 
ATOM   310  C C   . GLN A 1 37  ? 10.996  6.452   2.421   1.00 26.25 ? 58  GLN A C   1 
ATOM   311  O O   . GLN A 1 37  ? 10.802  5.525   3.207   1.00 22.44 ? 58  GLN A O   1 
ATOM   312  C CB  . GLN A 1 37  ? 13.285  7.174   1.660   1.00 31.42 ? 58  GLN A CB  1 
ATOM   313  C CG  . GLN A 1 37  ? 14.464  6.936   0.725   1.00 42.03 ? 58  GLN A CG  1 
ATOM   314  C CD  . GLN A 1 37  ? 15.784  7.431   1.291   1.00 50.07 ? 58  GLN A CD  1 
ATOM   315  O OE1 . GLN A 1 37  ? 16.854  6.954   0.906   1.00 55.86 ? 58  GLN A OE1 1 
ATOM   316  N NE2 . GLN A 1 37  ? 15.715  8.392   2.208   1.00 50.67 ? 58  GLN A NE2 1 
ATOM   317  N N   . GLU A 1 38  ? 10.306  7.587   2.474   1.00 25.09 ? 59  GLU A N   1 
ATOM   318  C CA  . GLU A 1 38  ? 9.286   7.791   3.492   1.00 23.32 ? 59  GLU A CA  1 
ATOM   319  C C   . GLU A 1 38  ? 8.084   6.884   3.246   1.00 22.28 ? 59  GLU A C   1 
ATOM   320  O O   . GLU A 1 38  ? 7.414   6.469   4.188   1.00 20.87 ? 59  GLU A O   1 
ATOM   321  C CB  . GLU A 1 38  ? 8.873   9.266   3.537   1.00 23.11 ? 59  GLU A CB  1 
ATOM   322  C CG  . GLU A 1 38  ? 9.906   10.122  4.283   1.00 25.44 ? 59  GLU A CG  1 
ATOM   323  C CD  . GLU A 1 38  ? 9.638   11.612  4.226   1.00 28.35 ? 59  GLU A CD  1 
ATOM   324  O OE1 . GLU A 1 38  ? 8.634   12.027  3.606   1.00 27.03 ? 59  GLU A OE1 1 
ATOM   325  O OE2 . GLU A 1 38  ? 10.446  12.373  4.806   1.00 25.40 ? 59  GLU A OE2 1 
ATOM   326  N N   . LEU A 1 39  ? 7.831   6.559   1.981   1.00 20.71 ? 60  LEU A N   1 
ATOM   327  C CA  . LEU A 1 39  ? 6.717   5.689   1.630   1.00 18.85 ? 60  LEU A CA  1 
ATOM   328  C C   . LEU A 1 39  ? 7.021   4.229   1.969   1.00 24.14 ? 60  LEU A C   1 
ATOM   329  O O   . LEU A 1 39  ? 6.124   3.491   2.378   1.00 21.08 ? 60  LEU A O   1 
ATOM   330  C CB  . LEU A 1 39  ? 6.374   5.813   0.138   1.00 19.06 ? 60  LEU A CB  1 
ATOM   331  C CG  . LEU A 1 39  ? 5.317   6.835   -0.307  1.00 15.61 ? 60  LEU A CG  1 
ATOM   332  C CD1 . LEU A 1 39  ? 5.043   6.655   -1.790  1.00 16.26 ? 60  LEU A CD1 1 
ATOM   333  C CD2 . LEU A 1 39  ? 4.032   6.660   0.492   1.00 20.05 ? 60  LEU A CD2 1 
ATOM   334  N N   . ARG A 1 40  ? 8.269   3.797   1.803   1.00 24.08 ? 61  ARG A N   1 
ATOM   335  C CA  . ARG A 1 40  ? 8.603   2.409   2.128   1.00 23.27 ? 61  ARG A CA  1 
ATOM   336  C C   . ARG A 1 40  ? 8.539   2.215   3.639   1.00 17.98 ? 61  ARG A C   1 
ATOM   337  O O   . ARG A 1 40  ? 8.115   1.166   4.115   1.00 20.89 ? 61  ARG A O   1 
ATOM   338  C CB  . ARG A 1 40  ? 10.000  2.025   1.628   1.00 27.50 ? 61  ARG A CB  1 
ATOM   339  C CG  . ARG A 1 40  ? 10.429  0.638   2.121   1.00 33.58 ? 61  ARG A CG  1 
ATOM   340  C CD  A ARG A 1 40  ? 11.470  -0.016  1.222   0.50 35.29 ? 61  ARG A CD  1 
ATOM   341  C CD  B ARG A 1 40  ? 11.405  -0.031  1.163   0.50 36.14 ? 61  ARG A CD  1 
ATOM   342  N NE  A ARG A 1 40  ? 11.232  0.241   -0.195  0.50 36.82 ? 61  ARG A NE  1 
ATOM   343  N NE  B ARG A 1 40  ? 10.759  -0.434  -0.083  0.50 37.70 ? 61  ARG A NE  1 
ATOM   344  C CZ  A ARG A 1 40  ? 10.810  -0.673  -1.064  0.50 33.74 ? 61  ARG A CZ  1 
ATOM   345  C CZ  B ARG A 1 40  ? 10.957  0.171   -1.250  0.50 36.41 ? 61  ARG A CZ  1 
ATOM   346  N NH1 A ARG A 1 40  ? 10.572  -1.918  -0.668  0.50 32.29 ? 61  ARG A NH1 1 
ATOM   347  N NH1 B ARG A 1 40  ? 11.775  1.209   -1.325  0.50 35.06 ? 61  ARG A NH1 1 
ATOM   348  N NH2 A ARG A 1 40  ? 10.639  -0.344  -2.337  0.50 32.10 ? 61  ARG A NH2 1 
ATOM   349  N NH2 B ARG A 1 40  ? 10.331  -0.254  -2.333  0.50 34.04 ? 61  ARG A NH2 1 
ATOM   350  N N   . ALA A 1 41  ? 8.967   3.228   4.386   1.00 15.76 ? 62  ALA A N   1 
ATOM   351  C CA  . ALA A 1 41  ? 8.931   3.158   5.842   1.00 15.45 ? 62  ALA A CA  1 
ATOM   352  C C   . ALA A 1 41  ? 7.488   2.990   6.313   1.00 15.77 ? 62  ALA A C   1 
ATOM   353  O O   . ALA A 1 41  ? 7.205   2.194   7.209   1.00 12.42 ? 62  ALA A O   1 
ATOM   354  C CB  . ALA A 1 41  ? 9.536   4.420   6.450   1.00 14.06 ? 62  ALA A CB  1 
ATOM   355  N N   . LEU A 1 42  ? 6.577   3.744   5.703   1.00 14.68 ? 63  LEU A N   1 
ATOM   356  C CA  . LEU A 1 42  ? 5.163   3.673   6.053   1.00 13.11 ? 63  LEU A CA  1 
ATOM   357  C C   . LEU A 1 42  ? 4.585   2.323   5.638   1.00 14.53 ? 63  LEU A C   1 
ATOM   358  O O   . LEU A 1 42  ? 3.693   1.788   6.294   1.00 12.59 ? 63  LEU A O   1 
ATOM   359  C CB  . LEU A 1 42  ? 4.390   4.804   5.368   1.00 9.45  ? 63  LEU A CB  1 
ATOM   360  C CG  . LEU A 1 42  ? 4.690   6.213   5.890   1.00 12.17 ? 63  LEU A CG  1 
ATOM   361  C CD1 . LEU A 1 42  ? 4.035   7.247   4.988   1.00 10.48 ? 63  LEU A CD1 1 
ATOM   362  C CD2 . LEU A 1 42  ? 4.176   6.350   7.315   1.00 13.96 ? 63  LEU A CD2 1 
ATOM   363  N N   . MET A 1 43  ? 5.102   1.771   4.548   1.00 15.42 ? 64  MET A N   1 
ATOM   364  C CA  . MET A 1 43  ? 4.640   0.477   4.058   1.00 17.16 ? 64  MET A CA  1 
ATOM   365  C C   . MET A 1 43  ? 5.106   -0.613  5.022   1.00 16.37 ? 64  MET A C   1 
ATOM   366  O O   . MET A 1 43  ? 4.348   -1.517  5.378   1.00 14.03 ? 64  MET A O   1 
ATOM   367  C CB  . MET A 1 43  ? 5.214   0.222   2.662   1.00 19.08 ? 64  MET A CB  1 
ATOM   368  C CG  . MET A 1 43  ? 4.936   -1.163  2.094   1.00 25.56 ? 64  MET A CG  1 
ATOM   369  S SD  . MET A 1 43  ? 6.030   -1.546  0.702   1.00 28.07 ? 64  MET A SD  1 
ATOM   370  C CE  . MET A 1 43  ? 5.961   -0.012  -0.248  1.00 29.29 ? 64  MET A CE  1 
ATOM   371  N N   . ASP A 1 44  ? 6.360   -0.512  5.442   1.00 18.58 ? 65  ASP A N   1 
ATOM   372  C CA  . ASP A 1 44  ? 6.946   -1.476  6.359   1.00 18.71 ? 65  ASP A CA  1 
ATOM   373  C C   . ASP A 1 44  ? 6.179   -1.516  7.680   1.00 20.59 ? 65  ASP A C   1 
ATOM   374  O O   . ASP A 1 44  ? 5.871   -2.591  8.197   1.00 18.06 ? 65  ASP A O   1 
ATOM   375  C CB  . ASP A 1 44  ? 8.416   -1.124  6.607   1.00 21.31 ? 65  ASP A CB  1 
ATOM   376  C CG  . ASP A 1 44  ? 9.309   -1.470  5.420   1.00 26.07 ? 65  ASP A CG  1 
ATOM   377  O OD1 . ASP A 1 44  ? 8.838   -2.169  4.496   1.00 22.44 ? 65  ASP A OD1 1 
ATOM   378  O OD2 . ASP A 1 44  ? 10.482  -1.045  5.413   1.00 28.59 ? 65  ASP A OD2 1 
ATOM   379  N N   . GLU A 1 45  ? 5.870   -0.346  8.226   1.00 18.65 ? 66  GLU A N   1 
ATOM   380  C CA  . GLU A 1 45  ? 5.128   -0.282  9.476   1.00 16.68 ? 66  GLU A CA  1 
ATOM   381  C C   . GLU A 1 45  ? 3.745   -0.902  9.334   1.00 15.88 ? 66  GLU A C   1 
ATOM   382  O O   . GLU A 1 45  ? 3.271   -1.577  10.245  1.00 16.90 ? 66  GLU A O   1 
ATOM   383  C CB  . GLU A 1 45  ? 4.984   1.158   9.965   1.00 17.51 ? 66  GLU A CB  1 
ATOM   384  C CG  . GLU A 1 45  ? 4.161   1.256   11.250  1.00 26.74 ? 66  GLU A CG  1 
ATOM   385  C CD  . GLU A 1 45  ? 3.971   2.676   11.736  1.00 36.69 ? 66  GLU A CD  1 
ATOM   386  O OE1 . GLU A 1 45  ? 4.712   3.567   11.273  1.00 44.27 ? 66  GLU A OE1 1 
ATOM   387  O OE2 . GLU A 1 45  ? 3.080   2.898   12.587  1.00 33.90 ? 66  GLU A OE2 1 
ATOM   388  N N   . THR A 1 46  ? 3.099   -0.688  8.192   1.00 13.80 ? 67  THR A N   1 
ATOM   389  C CA  . THR A 1 46  ? 1.770   -1.248  7.964   1.00 13.70 ? 67  THR A CA  1 
ATOM   390  C C   . THR A 1 46  ? 1.794   -2.775  7.945   1.00 13.75 ? 67  THR A C   1 
ATOM   391  O O   . THR A 1 46  ? 0.961   -3.428  8.575   1.00 14.95 ? 67  THR A O   1 
ATOM   392  C CB  . THR A 1 46  ? 1.177   -0.777  6.624   1.00 16.82 ? 67  THR A CB  1 
ATOM   393  O OG1 . THR A 1 46  ? 1.028   0.646   6.637   1.00 13.66 ? 67  THR A OG1 1 
ATOM   394  C CG2 . THR A 1 46  ? -0.175  -1.427  6.390   1.00 15.52 ? 67  THR A CG2 1 
ATOM   395  N N   . MET A 1 47  ? 2.751   -3.338  7.212   1.00 14.26 ? 68  MET A N   1 
ATOM   396  C CA  . MET A 1 47  ? 2.877   -4.787  7.104   1.00 14.76 ? 68  MET A CA  1 
ATOM   397  C C   . MET A 1 47  ? 3.260   -5.388  8.454   1.00 18.18 ? 68  MET A C   1 
ATOM   398  O O   . MET A 1 47  ? 2.797   -6.471  8.820   1.00 17.02 ? 68  MET A O   1 
ATOM   399  C CB  . MET A 1 47  ? 3.929   -5.152  6.052   1.00 15.46 ? 68  MET A CB  1 
ATOM   400  C CG  . MET A 1 47  ? 3.589   -4.678  4.648   1.00 17.53 ? 68  MET A CG  1 
ATOM   401  S SD  . MET A 1 47  ? 1.972   -5.258  4.094   1.00 19.52 ? 68  MET A SD  1 
ATOM   402  C CE  . MET A 1 47  ? 2.362   -6.945  3.643   1.00 22.34 ? 68  MET A CE  1 
ATOM   403  N N   . LYS A 1 48  ? 4.103   -4.675  9.192   1.00 17.75 ? 69  LYS A N   1 
ATOM   404  C CA  . LYS A 1 48  ? 4.548   -5.120  10.503  1.00 18.12 ? 69  LYS A CA  1 
ATOM   405  C C   . LYS A 1 48  ? 3.358   -5.259  11.445  1.00 16.34 ? 69  LYS A C   1 
ATOM   406  O O   . LYS A 1 48  ? 3.181   -6.285  12.106  1.00 15.96 ? 69  LYS A O   1 
ATOM   407  C CB  . LYS A 1 48  ? 5.545   -4.113  11.075  1.00 22.56 ? 69  LYS A CB  1 
ATOM   408  C CG  . LYS A 1 48  ? 6.526   -4.718  12.054  1.00 32.07 ? 69  LYS A CG  1 
ATOM   409  C CD  . LYS A 1 48  ? 6.918   -3.735  13.142  1.00 39.70 ? 69  LYS A CD  1 
ATOM   410  C CE  . LYS A 1 48  ? 7.845   -2.668  12.603  1.00 44.90 ? 69  LYS A CE  1 
ATOM   411  N NZ  . LYS A 1 48  ? 7.719   -1.388  13.352  1.00 49.23 ? 69  LYS A NZ  1 
ATOM   412  N N   . GLU A 1 49  ? 2.539   -4.218  11.503  1.00 12.21 ? 70  GLU A N   1 
ATOM   413  C CA  . GLU A 1 49  ? 1.370   -4.212  12.358  1.00 11.36 ? 70  GLU A CA  1 
ATOM   414  C C   . GLU A 1 49  ? 0.341   -5.223  11.870  1.00 15.51 ? 70  GLU A C   1 
ATOM   415  O O   . GLU A 1 49  ? -0.371  -5.823  12.663  1.00 16.14 ? 70  GLU A O   1 
ATOM   416  C CB  . GLU A 1 49  ? 0.758   -2.812  12.383  1.00 11.14 ? 70  GLU A CB  1 
ATOM   417  C CG  . GLU A 1 49  ? 1.605   -1.793  13.111  1.00 15.60 ? 70  GLU A CG  1 
ATOM   418  C CD  . GLU A 1 49  ? 1.758   -2.116  14.583  1.00 22.84 ? 70  GLU A CD  1 
ATOM   419  O OE1 . GLU A 1 49  ? 0.820   -2.686  15.173  1.00 25.84 ? 70  GLU A OE1 1 
ATOM   420  O OE2 . GLU A 1 49  ? 2.818   -1.803  15.155  1.00 26.51 ? 70  GLU A OE2 1 
ATOM   421  N N   . LEU A 1 50  ? 0.269   -5.411  10.560  1.00 16.63 ? 71  LEU A N   1 
ATOM   422  C CA  . LEU A 1 50  ? -0.674  -6.362  9.982   1.00 18.17 ? 71  LEU A CA  1 
ATOM   423  C C   . LEU A 1 50  ? -0.368  -7.773  10.469  1.00 20.89 ? 71  LEU A C   1 
ATOM   424  O O   . LEU A 1 50  ? -1.261  -8.522  10.868  1.00 19.64 ? 71  LEU A O   1 
ATOM   425  C CB  . LEU A 1 50  ? -0.591  -6.311  8.451   1.00 21.02 ? 71  LEU A CB  1 
ATOM   426  C CG  . LEU A 1 50  ? -1.644  -7.004  7.582   1.00 26.82 ? 71  LEU A CG  1 
ATOM   427  C CD1 . LEU A 1 50  ? -3.032  -6.869  8.190   1.00 24.74 ? 71  LEU A CD1 1 
ATOM   428  C CD2 . LEU A 1 50  ? -1.607  -6.379  6.190   1.00 24.91 ? 71  LEU A CD2 1 
ATOM   429  N N   . LYS A 1 51  ? 0.901   -8.122  10.437  1.00 21.09 ? 72  LYS A N   1 
ATOM   430  C CA  . LYS A 1 51  ? 1.355   -9.441  10.856  1.00 22.97 ? 72  LYS A CA  1 
ATOM   431  C C   . LYS A 1 51  ? 1.100   -9.662  12.343  1.00 22.68 ? 72  LYS A C   1 
ATOM   432  O O   . LYS A 1 51  ? 0.672   -10.742 12.753  1.00 24.48 ? 72  LYS A O   1 
ATOM   433  C CB  . LYS A 1 51  ? 2.847   -9.609  10.556  1.00 29.36 ? 72  LYS A CB  1 
ATOM   434  C CG  . LYS A 1 51  ? 3.361   -11.028 10.734  1.00 43.99 ? 72  LYS A CG  1 
ATOM   435  C CD  . LYS A 1 51  ? 4.850   -11.116 10.444  1.00 54.80 ? 72  LYS A CD  1 
ATOM   436  C CE  . LYS A 1 51  ? 5.232   -12.492 9.926   1.00 62.41 ? 72  LYS A CE  1 
ATOM   437  N NZ  . LYS A 1 51  ? 4.609   -12.780 8.604   1.00 65.47 ? 72  LYS A NZ  1 
ATOM   438  N N   . ALA A 1 52  ? 1.355   -8.636  13.149  1.00 19.59 ? 73  ALA A N   1 
ATOM   439  C CA  . ALA A 1 52  ? 1.150   -8.721  14.590  1.00 18.36 ? 73  ALA A CA  1 
ATOM   440  C C   . ALA A 1 52  ? -0.329  -8.865  14.915  1.00 19.84 ? 73  ALA A C   1 
ATOM   441  O O   . ALA A 1 52  ? -0.708  -9.570  15.854  1.00 20.74 ? 73  ALA A O   1 
ATOM   442  C CB  . ALA A 1 52  ? 1.712   -7.483  15.272  1.00 14.32 ? 73  ALA A CB  1 
ATOM   443  N N   . TYR A 1 53  ? -1.163  -8.196  14.127  1.00 19.92 ? 74  TYR A N   1 
ATOM   444  C CA  . TYR A 1 53  ? -2.606  -8.232  14.322  1.00 19.04 ? 74  TYR A CA  1 
ATOM   445  C C   . TYR A 1 53  ? -3.172  -9.609  14.037  1.00 22.11 ? 74  TYR A C   1 
ATOM   446  O O   . TYR A 1 53  ? -4.008  -10.117 14.790  1.00 20.85 ? 74  TYR A O   1 
ATOM   447  C CB  . TYR A 1 53  ? -3.283  -7.217  13.406  1.00 18.94 ? 74  TYR A CB  1 
ATOM   448  C CG  . TYR A 1 53  ? -4.773  -7.126  13.611  1.00 17.73 ? 74  TYR A CG  1 
ATOM   449  C CD1 . TYR A 1 53  ? -5.302  -6.784  14.854  1.00 21.62 ? 74  TYR A CD1 1 
ATOM   450  C CD2 . TYR A 1 53  ? -5.653  -7.372  12.564  1.00 18.27 ? 74  TYR A CD2 1 
ATOM   451  C CE1 . TYR A 1 53  ? -6.671  -6.694  15.047  1.00 20.67 ? 74  TYR A CE1 1 
ATOM   452  C CE2 . TYR A 1 53  ? -7.022  -7.283  12.746  1.00 20.74 ? 74  TYR A CE2 1 
ATOM   453  C CZ  . TYR A 1 53  ? -7.527  -6.944  13.990  1.00 24.06 ? 74  TYR A CZ  1 
ATOM   454  O OH  . TYR A 1 53  ? -8.886  -6.850  14.164  1.00 20.07 ? 74  TYR A OH  1 
ATOM   455  N N   . LYS A 1 54  ? -2.728  -10.207 12.937  1.00 19.76 ? 75  LYS A N   1 
ATOM   456  C CA  . LYS A 1 54  ? -3.190  -11.529 12.547  1.00 20.97 ? 75  LYS A CA  1 
ATOM   457  C C   . LYS A 1 54  ? -2.829  -12.526 13.633  1.00 21.60 ? 75  LYS A C   1 
ATOM   458  O O   . LYS A 1 54  ? -3.651  -13.351 14.035  1.00 23.60 ? 75  LYS A O   1 
ATOM   459  C CB  . LYS A 1 54  ? -2.539  -11.952 11.231  1.00 22.49 ? 75  LYS A CB  1 
ATOM   460  C CG  . LYS A 1 54  ? -3.057  -13.277 10.683  1.00 28.59 ? 75  LYS A CG  1 
ATOM   461  C CD  . LYS A 1 54  ? -2.596  -13.500 9.247   1.00 37.60 ? 75  LYS A CD  1 
ATOM   462  C CE  . LYS A 1 54  ? -1.228  -14.158 9.209   1.00 48.83 ? 75  LYS A CE  1 
ATOM   463  N NZ  . LYS A 1 54  ? -0.446  -13.728 8.014   1.00 58.44 ? 75  LYS A NZ  1 
ATOM   464  N N   . SER A 1 55  ? -1.591  -12.443 14.104  1.00 19.36 ? 76  SER A N   1 
ATOM   465  C CA  . SER A 1 55  ? -1.097  -13.337 15.144  1.00 20.85 ? 76  SER A CA  1 
ATOM   466  C C   . SER A 1 55  ? -1.913  -13.259 16.420  1.00 24.39 ? 76  SER A C   1 
ATOM   467  O O   . SER A 1 55  ? -2.134  -14.271 17.087  1.00 25.80 ? 76  SER A O   1 
ATOM   468  C CB  . SER A 1 55  ? 0.357   -13.017 15.466  1.00 22.04 ? 76  SER A CB  1 
ATOM   469  O OG  . SER A 1 55  ? 0.760   -13.684 16.647  1.00 23.64 ? 76  SER A OG  1 
ATOM   470  N N   . GLU A 1 56  ? -2.352  -12.055 16.765  1.00 19.60 ? 77  GLU A N   1 
ATOM   471  C CA  . GLU A 1 56  ? -3.133  -11.859 17.972  1.00 19.34 ? 77  GLU A CA  1 
ATOM   472  C C   . GLU A 1 56  ? -4.557  -12.361 17.797  1.00 20.54 ? 77  GLU A C   1 
ATOM   473  O O   . GLU A 1 56  ? -5.151  -12.890 18.733  1.00 21.97 ? 77  GLU A O   1 
ATOM   474  C CB  . GLU A 1 56  ? -3.134  -10.380 18.365  1.00 19.56 ? 77  GLU A CB  1 
ATOM   475  C CG  . GLU A 1 56  ? -1.835  -9.938  19.029  1.00 17.24 ? 77  GLU A CG  1 
ATOM   476  C CD  . GLU A 1 56  ? -1.867  -8.505  19.518  1.00 19.71 ? 77  GLU A CD  1 
ATOM   477  O OE1 . GLU A 1 56  ? -2.946  -8.033  19.929  1.00 21.32 ? 77  GLU A OE1 1 
ATOM   478  O OE2 . GLU A 1 56  ? -0.805  -7.852  19.494  1.00 21.51 ? 77  GLU A OE2 1 
ATOM   479  N N   . LEU A 1 57  ? -5.093  -12.197 16.590  1.00 20.23 ? 78  LEU A N   1 
ATOM   480  C CA  . LEU A 1 57  ? -6.448  -12.640 16.269  1.00 21.45 ? 78  LEU A CA  1 
ATOM   481  C C   . LEU A 1 57  ? -6.554  -14.155 16.446  1.00 20.29 ? 78  LEU A C   1 
ATOM   482  O O   . LEU A 1 57  ? -7.585  -14.677 16.861  1.00 20.97 ? 78  LEU A O   1 
ATOM   483  C CB  . LEU A 1 57  ? -6.790  -12.302 14.813  1.00 22.20 ? 78  LEU A CB  1 
ATOM   484  C CG  . LEU A 1 57  ? -7.272  -10.903 14.445  1.00 23.05 ? 78  LEU A CG  1 
ATOM   485  C CD1 . LEU A 1 57  ? -7.639  -10.888 12.973  1.00 24.43 ? 78  LEU A CD1 1 
ATOM   486  C CD2 . LEU A 1 57  ? -8.467  -10.522 15.293  1.00 26.50 ? 78  LEU A CD2 1 
ATOM   487  N N   . GLU A 1 58  ? -5.472  -14.851 16.120  1.00 20.28 ? 79  GLU A N   1 
ATOM   488  C CA  . GLU A 1 58  ? -5.450  -16.300 16.201  1.00 23.78 ? 79  GLU A CA  1 
ATOM   489  C C   . GLU A 1 58  ? -5.492  -16.863 17.613  1.00 24.71 ? 79  GLU A C   1 
ATOM   490  O O   . GLU A 1 58  ? -5.472  -18.078 17.805  1.00 24.64 ? 79  GLU A O   1 
ATOM   491  C CB  . GLU A 1 58  ? -4.234  -16.834 15.436  1.00 29.96 ? 79  GLU A CB  1 
ATOM   492  C CG  . GLU A 1 58  ? -4.512  -16.953 13.932  1.00 37.72 ? 79  GLU A CG  1 
ATOM   493  C CD  . GLU A 1 58  ? -3.277  -16.820 13.068  1.00 40.36 ? 79  GLU A CD  1 
ATOM   494  O OE1 . GLU A 1 58  ? -2.151  -16.809 13.616  1.00 46.27 ? 79  GLU A OE1 1 
ATOM   495  O OE2 . GLU A 1 58  ? -3.436  -16.731 11.828  1.00 40.17 ? 79  GLU A OE2 1 
ATOM   496  N N   . GLU A 1 59  ? -5.574  -15.976 18.599  1.00 24.66 ? 80  GLU A N   1 
ATOM   497  C CA  . GLU A 1 59  ? -5.632  -16.387 19.998  1.00 30.60 ? 80  GLU A CA  1 
ATOM   498  C C   . GLU A 1 59  ? -7.081  -16.584 20.429  1.00 35.15 ? 80  GLU A C   1 
ATOM   499  O O   . GLU A 1 59  ? -7.358  -17.240 21.430  1.00 39.47 ? 80  GLU A O   1 
ATOM   500  C CB  . GLU A 1 59  ? -4.974  -15.329 20.897  1.00 27.74 ? 80  GLU A CB  1 
ATOM   501  C CG  . GLU A 1 59  ? -3.457  -15.237 20.773  1.00 23.60 ? 80  GLU A CG  1 
ATOM   502  C CD  . GLU A 1 59  ? -2.764  -16.474 21.297  1.00 27.85 ? 80  GLU A CD  1 
ATOM   503  O OE1 . GLU A 1 59  ? -3.189  -16.979 22.354  1.00 32.74 ? 80  GLU A OE1 1 
ATOM   504  O OE2 . GLU A 1 59  ? -1.805  -16.943 20.653  1.00 31.75 ? 80  GLU A OE2 1 
ATOM   505  N N   . GLN A 1 60  ? -8.006  -16.013 19.668  1.00 37.67 ? 81  GLN A N   1 
ATOM   506  C CA  . GLN A 1 60  ? -9.423  -16.123 19.994  1.00 41.99 ? 81  GLN A CA  1 
ATOM   507  C C   . GLN A 1 60  ? -10.236 -16.581 18.792  1.00 42.61 ? 81  GLN A C   1 
ATOM   508  O O   . GLN A 1 60  ? -11.159 -15.893 18.361  1.00 44.73 ? 81  GLN A O   1 
ATOM   509  C CB  . GLN A 1 60  ? -9.942  -14.770 20.480  1.00 46.63 ? 81  GLN A CB  1 
ATOM   510  C CG  . GLN A 1 60  ? -8.997  -14.078 21.442  1.00 50.69 ? 81  GLN A CG  1 
ATOM   511  C CD  . GLN A 1 60  ? -9.619  -13.837 22.802  1.00 55.96 ? 81  GLN A CD  1 
ATOM   512  O OE1 . GLN A 1 60  ? -10.296 -14.706 23.351  1.00 60.80 ? 81  GLN A OE1 1 
ATOM   513  N NE2 . GLN A 1 60  ? -9.392  -12.649 23.357  1.00 60.30 ? 81  GLN A NE2 1 
ATOM   514  N N   . LEU A 1 61  ? -9.899  -17.753 18.266  1.00 41.86 ? 82  LEU A N   1 
ATOM   515  C CA  . LEU A 1 61  ? -10.575 -18.300 17.099  1.00 43.74 ? 82  LEU A CA  1 
ATOM   516  C C   . LEU A 1 61  ? -11.686 -19.305 17.401  1.00 46.53 ? 82  LEU A C   1 
ATOM   517  O O   . LEU A 1 61  ? -11.653 -20.008 18.417  1.00 48.79 ? 82  LEU A O   1 
ATOM   518  C CB  . LEU A 1 61  ? -9.566  -18.992 16.173  1.00 39.62 ? 82  LEU A CB  1 
ATOM   519  C CG  . LEU A 1 61  ? -8.336  -18.272 15.616  1.00 39.42 ? 82  LEU A CG  1 
ATOM   520  C CD1 . LEU A 1 61  ? -7.387  -19.318 15.034  1.00 35.67 ? 82  LEU A CD1 1 
ATOM   521  C CD2 . LEU A 1 61  ? -8.747  -17.275 14.545  1.00 25.83 ? 82  LEU A CD2 1 
ATOM   522  N N   . THR A 1 62  ? -12.664 -19.354 16.505  1.00 47.56 ? 83  THR A N   1 
ATOM   523  C CA  . THR A 1 62  ? -13.765 -20.305 16.605  1.00 51.01 ? 83  THR A CA  1 
ATOM   524  C C   . THR A 1 62  ? -13.201 -21.545 15.917  1.00 55.25 ? 83  THR A C   1 
ATOM   525  O O   . THR A 1 62  ? -12.706 -21.470 14.791  1.00 57.92 ? 83  THR A O   1 
ATOM   526  C CB  . THR A 1 62  ? -15.011 -19.827 15.842  1.00 50.62 ? 83  THR A CB  1 
ATOM   527  O OG1 . THR A 1 62  ? -15.622 -18.744 16.554  1.00 52.74 ? 83  THR A OG1 1 
ATOM   528  C CG2 . THR A 1 62  ? -16.018 -20.964 15.694  1.00 49.66 ? 83  THR A CG2 1 
ATOM   529  N N   . PRO A 1 63  ? -13.268 -22.700 16.581  1.00 56.83 ? 84  PRO A N   1 
ATOM   530  C CA  . PRO A 1 63  ? -12.743 -23.950 16.014  1.00 55.99 ? 84  PRO A CA  1 
ATOM   531  C C   . PRO A 1 63  ? -13.504 -24.548 14.835  1.00 56.57 ? 84  PRO A C   1 
ATOM   532  O O   . PRO A 1 63  ? -14.702 -24.824 14.923  1.00 56.84 ? 84  PRO A O   1 
ATOM   533  C CB  . PRO A 1 63  ? -12.702 -24.903 17.215  1.00 55.66 ? 84  PRO A CB  1 
ATOM   534  C CG  . PRO A 1 63  ? -13.075 -24.065 18.424  1.00 57.36 ? 84  PRO A CG  1 
ATOM   535  C CD  . PRO A 1 63  ? -13.851 -22.907 17.915  1.00 56.99 ? 84  PRO A CD  1 
ATOM   536  N N   . VAL A 1 64  ? -12.789 -24.749 13.729  1.00 57.08 ? 85  VAL A N   1 
ATOM   537  C CA  . VAL A 1 64  ? -13.359 -25.337 12.516  1.00 55.82 ? 85  VAL A CA  1 
ATOM   538  C C   . VAL A 1 64  ? -12.447 -26.445 11.981  1.00 56.05 ? 85  VAL A C   1 
ATOM   539  O O   . VAL A 1 64  ? -11.375 -26.693 12.533  1.00 58.76 ? 85  VAL A O   1 
ATOM   540  C CB  . VAL A 1 64  ? -13.554 -24.280 11.393  1.00 54.18 ? 85  VAL A CB  1 
ATOM   541  C CG1 . VAL A 1 64  ? -14.490 -23.185 11.865  1.00 49.19 ? 85  VAL A CG1 1 
ATOM   542  C CG2 . VAL A 1 64  ? -12.210 -23.703 10.972  1.00 51.90 ? 85  VAL A CG2 1 
ATOM   543  N N   . ALA A 1 65  ? -12.869 -27.100 10.901  1.00 52.92 ? 86  ALA A N   1 
ATOM   544  C CA  . ALA A 1 65  ? -12.078 -28.170 10.301  1.00 51.24 ? 86  ALA A CA  1 
ATOM   545  C C   . ALA A 1 65  ? -10.700 -27.651 9.924   1.00 51.11 ? 86  ALA A C   1 
ATOM   546  O O   . ALA A 1 65  ? -10.571 -26.559 9.363   1.00 50.62 ? 86  ALA A O   1 
ATOM   547  C CB  . ALA A 1 65  ? -12.779 -28.708 9.067   1.00 52.62 ? 86  ALA A CB  1 
ATOM   548  N N   . GLU A 1 66  ? -9.673  -28.433 10.229  1.00 50.27 ? 87  GLU A N   1 
ATOM   549  C CA  . GLU A 1 66  ? -8.309  -28.039 9.912   1.00 52.58 ? 87  GLU A CA  1 
ATOM   550  C C   . GLU A 1 66  ? -8.225  -27.508 8.481   1.00 51.42 ? 87  GLU A C   1 
ATOM   551  O O   . GLU A 1 66  ? -7.505  -26.547 8.213   1.00 50.91 ? 87  GLU A O   1 
ATOM   552  C CB  . GLU A 1 66  ? -7.349  -29.225 10.084  1.00 55.95 ? 87  GLU A CB  1 
ATOM   553  C CG  . GLU A 1 66  ? -6.026  -28.858 10.745  1.00 64.40 ? 87  GLU A CG  1 
ATOM   554  C CD  . GLU A 1 66  ? -5.172  -27.964 9.864   1.00 70.05 ? 87  GLU A CD  1 
ATOM   555  O OE1 . GLU A 1 66  ? -5.413  -26.736 9.830   1.00 74.20 ? 87  GLU A OE1 1 
ATOM   556  O OE2 . GLU A 1 66  ? -4.259  -28.489 9.196   1.00 72.84 ? 87  GLU A OE2 1 
ATOM   557  N N   . GLU A 1 67  ? -8.986  -28.116 7.575   1.00 51.41 ? 88  GLU A N   1 
ATOM   558  C CA  . GLU A 1 67  ? -8.980  -27.721 6.166   1.00 54.05 ? 88  GLU A CA  1 
ATOM   559  C C   . GLU A 1 67  ? -9.539  -26.327 5.881   1.00 53.05 ? 88  GLU A C   1 
ATOM   560  O O   . GLU A 1 67  ? -8.925  -25.553 5.143   1.00 52.47 ? 88  GLU A O   1 
ATOM   561  C CB  . GLU A 1 67  ? -9.710  -28.777 5.318   1.00 55.71 ? 88  GLU A CB  1 
ATOM   562  C CG  . GLU A 1 67  ? -11.090 -28.390 4.812   1.00 61.52 ? 88  GLU A CG  1 
ATOM   563  C CD  . GLU A 1 67  ? -11.055 -27.656 3.489   1.00 65.60 ? 88  GLU A CD  1 
ATOM   564  O OE1 . GLU A 1 67  ? -10.099 -27.854 2.708   1.00 65.61 ? 88  GLU A OE1 1 
ATOM   565  O OE2 . GLU A 1 67  ? -11.998 -26.877 3.226   1.00 70.69 ? 88  GLU A OE2 1 
ATOM   566  N N   . THR A 1 68  ? -10.692 -25.990 6.449   1.00 50.75 ? 89  THR A N   1 
ATOM   567  C CA  . THR A 1 68  ? -11.247 -24.664 6.201   1.00 50.19 ? 89  THR A CA  1 
ATOM   568  C C   . THR A 1 68  ? -10.461 -23.605 6.958   1.00 45.80 ? 89  THR A C   1 
ATOM   569  O O   . THR A 1 68  ? -10.407 -22.456 6.530   1.00 42.15 ? 89  THR A O   1 
ATOM   570  C CB  . THR A 1 68  ? -12.743 -24.561 6.590   1.00 51.23 ? 89  THR A CB  1 
ATOM   571  O OG1 . THR A 1 68  ? -12.920 -23.587 7.632   1.00 52.85 ? 89  THR A OG1 1 
ATOM   572  C CG2 . THR A 1 68  ? -13.268 -25.908 7.056   1.00 52.27 ? 89  THR A CG2 1 
ATOM   573  N N   . ARG A 1 69  ? -9.848  -23.974 8.079   1.00 41.93 ? 90  ARG A N   1 
ATOM   574  C CA  . ARG A 1 69  ? -9.043  -23.004 8.819   1.00 38.70 ? 90  ARG A CA  1 
ATOM   575  C C   . ARG A 1 69  ? -7.777  -22.759 8.011   1.00 39.45 ? 90  ARG A C   1 
ATOM   576  O O   . ARG A 1 69  ? -7.353  -21.617 7.826   1.00 41.24 ? 90  ARG A O   1 
ATOM   577  C CB  . ARG A 1 69  ? -8.660  -23.536 10.201  1.00 38.08 ? 90  ARG A CB  1 
ATOM   578  C CG  . ARG A 1 69  ? -7.672  -22.633 10.960  1.00 38.11 ? 90  ARG A CG  1 
ATOM   579  C CD  . ARG A 1 69  ? -8.160  -21.183 11.069  1.00 34.00 ? 90  ARG A CD  1 
ATOM   580  N NE  . ARG A 1 69  ? -9.301  -21.041 11.973  1.00 35.44 ? 90  ARG A NE  1 
ATOM   581  C CZ  . ARG A 1 69  ? -10.176 -20.036 11.931  1.00 36.39 ? 90  ARG A CZ  1 
ATOM   582  N NH1 . ARG A 1 69  ? -10.044 -19.075 11.026  1.00 35.50 ? 90  ARG A NH1 1 
ATOM   583  N NH2 . ARG A 1 69  ? -11.188 -19.995 12.790  1.00 27.22 ? 90  ARG A NH2 1 
ATOM   584  N N   . ALA A 1 70  ? -7.178  -23.848 7.536   1.00 36.59 ? 91  ALA A N   1 
ATOM   585  C CA  . ALA A 1 70  ? -5.960  -23.784 6.736   1.00 34.13 ? 91  ALA A CA  1 
ATOM   586  C C   . ALA A 1 70  ? -6.179  -22.958 5.467   1.00 33.34 ? 91  ALA A C   1 
ATOM   587  O O   . ALA A 1 70  ? -5.267  -22.270 5.000   1.00 32.72 ? 91  ALA A O   1 
ATOM   588  C CB  . ALA A 1 70  ? -5.509  -25.187 6.366   1.00 32.30 ? 91  ALA A CB  1 
ATOM   589  N N   . ARG A 1 71  ? -7.385  -23.042 4.910   1.00 30.16 ? 92  ARG A N   1 
ATOM   590  C CA  . ARG A 1 71  ? -7.728  -22.303 3.696   1.00 29.77 ? 92  ARG A CA  1 
ATOM   591  C C   . ARG A 1 71  ? -7.906  -20.814 3.970   1.00 30.08 ? 92  ARG A C   1 
ATOM   592  O O   . ARG A 1 71  ? -7.438  -19.969 3.198   1.00 31.64 ? 92  ARG A O   1 
ATOM   593  C CB  . ARG A 1 71  ? -9.016  -22.854 3.071   1.00 27.10 ? 92  ARG A CB  1 
ATOM   594  C CG  . ARG A 1 71  ? -9.486  -22.072 1.848   1.00 33.96 ? 92  ARG A CG  1 
ATOM   595  C CD  . ARG A 1 71  ? -10.716 -22.690 1.212   1.00 37.98 ? 92  ARG A CD  1 
ATOM   596  N NE  . ARG A 1 71  ? -11.831 -22.796 2.149   1.00 42.90 ? 92  ARG A NE  1 
ATOM   597  C CZ  . ARG A 1 71  ? -12.611 -21.781 2.513   1.00 44.64 ? 92  ARG A CZ  1 
ATOM   598  N NH1 . ARG A 1 71  ? -12.408 -20.562 2.023   1.00 42.56 ? 92  ARG A NH1 1 
ATOM   599  N NH2 . ARG A 1 71  ? -13.597 -21.987 3.373   1.00 44.11 ? 92  ARG A NH2 1 
ATOM   600  N N   . LEU A 1 72  ? -8.589  -20.491 5.062   1.00 29.11 ? 93  LEU A N   1 
ATOM   601  C CA  . LEU A 1 72  ? -8.829  -19.099 5.429   1.00 29.60 ? 93  LEU A CA  1 
ATOM   602  C C   . LEU A 1 72  ? -7.511  -18.389 5.738   1.00 27.92 ? 93  LEU A C   1 
ATOM   603  O O   . LEU A 1 72  ? -7.358  -17.193 5.479   1.00 25.88 ? 93  LEU A O   1 
ATOM   604  C CB  . LEU A 1 72  ? -9.761  -19.035 6.639   1.00 26.96 ? 93  LEU A CB  1 
ATOM   605  C CG  . LEU A 1 72  ? -11.221 -19.408 6.360   1.00 35.58 ? 93  LEU A CG  1 
ATOM   606  C CD1 . LEU A 1 72  ? -12.050 -19.249 7.631   1.00 29.25 ? 93  LEU A CD1 1 
ATOM   607  C CD2 . LEU A 1 72  ? -11.768 -18.524 5.243   1.00 32.19 ? 93  LEU A CD2 1 
ATOM   608  N N   . SER A 1 73  ? -6.562  -19.138 6.292   1.00 28.14 ? 94  SER A N   1 
ATOM   609  C CA  . SER A 1 73  ? -5.253  -18.596 6.632   1.00 29.74 ? 94  SER A CA  1 
ATOM   610  C C   . SER A 1 73  ? -4.416  -18.363 5.382   1.00 32.05 ? 94  SER A C   1 
ATOM   611  O O   . SER A 1 73  ? -3.565  -17.471 5.347   1.00 34.06 ? 94  SER A O   1 
ATOM   612  C CB  . SER A 1 73  ? -4.513  -19.547 7.568   1.00 26.14 ? 94  SER A CB  1 
ATOM   613  O OG  . SER A 1 73  ? -3.185  -19.116 7.794   1.00 31.65 ? 94  SER A OG  1 
ATOM   614  N N   . LYS A 1 74  ? -4.655  -19.185 4.365   1.00 33.25 ? 95  LYS A N   1 
ATOM   615  C CA  . LYS A 1 74  ? -3.944  -19.083 3.095   1.00 32.98 ? 95  LYS A CA  1 
ATOM   616  C C   . LYS A 1 74  ? -4.541  -17.922 2.316   1.00 30.49 ? 95  LYS A C   1 
ATOM   617  O O   . LYS A 1 74  ? -3.836  -17.173 1.632   1.00 28.03 ? 95  LYS A O   1 
ATOM   618  C CB  A LYS A 1 74  ? -4.111  -20.374 2.290   0.50 34.25 ? 95  LYS A CB  1 
ATOM   619  C CB  B LYS A 1 74  ? -4.106  -20.377 2.293   0.50 35.87 ? 95  LYS A CB  1 
ATOM   620  C CG  A LYS A 1 74  ? -3.448  -20.350 0.919   0.50 37.25 ? 95  LYS A CG  1 
ATOM   621  C CG  B LYS A 1 74  ? -3.281  -20.428 1.012   0.50 40.67 ? 95  LYS A CG  1 
ATOM   622  C CD  A LYS A 1 74  ? -3.123  -21.755 0.429   0.50 37.54 ? 95  LYS A CD  1 
ATOM   623  C CD  B LYS A 1 74  ? -3.261  -21.831 0.410   0.50 43.26 ? 95  LYS A CD  1 
ATOM   624  C CE  A LYS A 1 74  ? -3.187  -21.840 -1.091  0.50 38.83 ? 95  LYS A CE  1 
ATOM   625  C CE  B LYS A 1 74  ? -2.996  -21.788 -1.092  0.50 45.17 ? 95  LYS A CE  1 
ATOM   626  N NZ  A LYS A 1 74  ? -1.978  -22.480 -1.681  0.50 29.70 ? 95  LYS A NZ  1 
ATOM   627  N NZ  B LYS A 1 74  ? -3.591  -22.959 -1.800  0.50 39.93 ? 95  LYS A NZ  1 
ATOM   628  N N   . GLU A 1 75  ? -5.855  -17.789 2.426   1.00 26.72 ? 96  GLU A N   1 
ATOM   629  C CA  . GLU A 1 75  ? -6.565  -16.726 1.747   1.00 28.10 ? 96  GLU A CA  1 
ATOM   630  C C   . GLU A 1 75  ? -6.189  -15.391 2.373   1.00 30.57 ? 96  GLU A C   1 
ATOM   631  O O   . GLU A 1 75  ? -5.990  -14.404 1.667   1.00 28.84 ? 96  GLU A O   1 
ATOM   632  C CB  . GLU A 1 75  ? -8.074  -16.944 1.852   1.00 29.89 ? 96  GLU A CB  1 
ATOM   633  C CG  . GLU A 1 75  ? -8.650  -17.888 0.806   1.00 31.34 ? 96  GLU A CG  1 
ATOM   634  C CD  . GLU A 1 75  ? -10.070 -18.307 1.130   1.00 38.26 ? 96  GLU A CD  1 
ATOM   635  O OE1 . GLU A 1 75  ? -10.633 -17.785 2.115   1.00 42.41 ? 96  GLU A OE1 1 
ATOM   636  O OE2 . GLU A 1 75  ? -10.631 -19.156 0.406   1.00 38.76 ? 96  GLU A OE2 1 
ATOM   637  N N   . LEU A 1 76  ? -6.094  -15.367 3.701   1.00 27.68 ? 97  LEU A N   1 
ATOM   638  C CA  . LEU A 1 76  ? -5.736  -14.146 4.414   1.00 26.19 ? 97  LEU A CA  1 
ATOM   639  C C   . LEU A 1 76  ? -4.307  -13.721 4.080   1.00 24.22 ? 97  LEU A C   1 
ATOM   640  O O   . LEU A 1 76  ? -4.022  -12.534 3.915   1.00 22.05 ? 97  LEU A O   1 
ATOM   641  C CB  . LEU A 1 76  ? -5.880  -14.350 5.928   1.00 24.77 ? 97  LEU A CB  1 
ATOM   642  C CG  . LEU A 1 76  ? -5.777  -13.106 6.821   1.00 26.96 ? 97  LEU A CG  1 
ATOM   643  C CD1 . LEU A 1 76  ? -6.678  -12.004 6.283   1.00 27.06 ? 97  LEU A CD1 1 
ATOM   644  C CD2 . LEU A 1 76  ? -6.169  -13.462 8.246   1.00 27.26 ? 97  LEU A CD2 1 
ATOM   645  N N   . GLN A 1 77  ? -3.412  -14.698 3.972   1.00 25.51 ? 98  GLN A N   1 
ATOM   646  C CA  . GLN A 1 77  ? -2.017  -14.413 3.655   1.00 28.37 ? 98  GLN A CA  1 
ATOM   647  C C   . GLN A 1 77  ? -1.872  -13.856 2.241   1.00 27.07 ? 98  GLN A C   1 
ATOM   648  O O   . GLN A 1 77  ? -0.999  -13.029 1.986   1.00 24.47 ? 98  GLN A O   1 
ATOM   649  C CB  . GLN A 1 77  ? -1.166  -15.680 3.799   1.00 32.80 ? 98  GLN A CB  1 
ATOM   650  C CG  . GLN A 1 77  ? -0.814  -16.036 5.235   1.00 44.29 ? 98  GLN A CG  1 
ATOM   651  C CD  . GLN A 1 77  ? 0.494   -15.413 5.693   1.00 53.95 ? 98  GLN A CD  1 
ATOM   652  O OE1 . GLN A 1 77  ? 0.840   -14.300 5.290   1.00 58.53 ? 98  GLN A OE1 1 
ATOM   653  N NE2 . GLN A 1 77  ? 1.225   -16.126 6.541   1.00 56.84 ? 98  GLN A NE2 1 
ATOM   654  N N   . ALA A 1 78  ? -2.727  -14.305 1.328   1.00 21.98 ? 99  ALA A N   1 
ATOM   655  C CA  . ALA A 1 78  ? -2.668  -13.830 -0.048  1.00 22.80 ? 99  ALA A CA  1 
ATOM   656  C C   . ALA A 1 78  ? -3.134  -12.374 -0.138  1.00 22.22 ? 99  ALA A C   1 
ATOM   657  O O   . ALA A 1 78  ? -2.560  -11.574 -0.874  1.00 20.48 ? 99  ALA A O   1 
ATOM   658  C CB  . ALA A 1 78  ? -3.520  -14.713 -0.942  1.00 20.13 ? 99  ALA A CB  1 
ATOM   659  N N   . ALA A 1 79  ? -4.175  -12.036 0.615   1.00 17.90 ? 100 ALA A N   1 
ATOM   660  C CA  . ALA A 1 79  ? -4.701  -10.677 0.614   1.00 17.87 ? 100 ALA A CA  1 
ATOM   661  C C   . ALA A 1 79  ? -3.652  -9.729  1.176   1.00 21.22 ? 100 ALA A C   1 
ATOM   662  O O   . ALA A 1 79  ? -3.544  -8.582  0.750   1.00 19.15 ? 100 ALA A O   1 
ATOM   663  C CB  . ALA A 1 79  ? -5.962  -10.609 1.444   1.00 17.35 ? 100 ALA A CB  1 
ATOM   664  N N   . GLN A 1 80  ? -2.882  -10.219 2.142   1.00 23.55 ? 101 GLN A N   1 
ATOM   665  C CA  . GLN A 1 80  ? -1.827  -9.436  2.770   1.00 24.96 ? 101 GLN A CA  1 
ATOM   666  C C   . GLN A 1 80  ? -0.737  -9.146  1.752   1.00 25.84 ? 101 GLN A C   1 
ATOM   667  O O   . GLN A 1 80  ? -0.280  -8.010  1.616   1.00 26.27 ? 101 GLN A O   1 
ATOM   668  C CB  . GLN A 1 80  ? -1.231  -10.223 3.928   1.00 31.47 ? 101 GLN A CB  1 
ATOM   669  C CG  . GLN A 1 80  ? -1.247  -9.498  5.246   1.00 40.72 ? 101 GLN A CG  1 
ATOM   670  C CD  . GLN A 1 80  ? -0.323  -10.140 6.256   1.00 47.10 ? 101 GLN A CD  1 
ATOM   671  O OE1 . GLN A 1 80  ? -0.704  -11.086 6.952   1.00 42.43 ? 101 GLN A OE1 1 
ATOM   672  N NE2 . GLN A 1 80  ? 0.903   -9.634  6.340   1.00 48.45 ? 101 GLN A NE2 1 
ATOM   673  N N   . ALA A 1 81  ? -0.324  -10.192 1.043   1.00 24.44 ? 102 ALA A N   1 
ATOM   674  C CA  . ALA A 1 81  ? 0.714   -10.087 0.027   1.00 23.24 ? 102 ALA A CA  1 
ATOM   675  C C   . ALA A 1 81  ? 0.323   -9.071  -1.039  1.00 19.50 ? 102 ALA A C   1 
ATOM   676  O O   . ALA A 1 81  ? 1.150   -8.285  -1.498  1.00 18.90 ? 102 ALA A O   1 
ATOM   677  C CB  . ALA A 1 81  ? 0.947   -11.453 -0.615  1.00 22.65 ? 102 ALA A CB  1 
ATOM   678  N N   . ARG A 1 82  ? -0.948  -9.102  -1.428  1.00 18.01 ? 103 ARG A N   1 
ATOM   679  C CA  . ARG A 1 82  ? -1.467  -8.188  -2.439  1.00 21.11 ? 103 ARG A CA  1 
ATOM   680  C C   . ARG A 1 82  ? -1.248  -6.734  -2.028  1.00 19.39 ? 103 ARG A C   1 
ATOM   681  O O   . ARG A 1 82  ? -0.819  -5.904  -2.832  1.00 18.67 ? 103 ARG A O   1 
ATOM   682  C CB  A ARG A 1 82  ? -2.962  -8.444  -2.656  0.50 21.30 ? 103 ARG A CB  1 
ATOM   683  C CB  B ARG A 1 82  ? -2.961  -8.444  -2.655  0.50 23.73 ? 103 ARG A CB  1 
ATOM   684  C CG  A ARG A 1 82  ? -3.321  -8.813  -4.086  0.50 26.02 ? 103 ARG A CG  1 
ATOM   685  C CG  B ARG A 1 82  ? -3.322  -8.809  -4.086  0.50 31.60 ? 103 ARG A CG  1 
ATOM   686  C CD  A ARG A 1 82  ? -4.475  -9.805  -4.146  0.50 28.10 ? 103 ARG A CD  1 
ATOM   687  C CD  B ARG A 1 82  ? -4.473  -9.802  -4.143  0.50 37.15 ? 103 ARG A CD  1 
ATOM   688  N NE  A ARG A 1 82  ? -5.612  -9.389  -3.328  0.50 33.87 ? 103 ARG A NE  1 
ATOM   689  N NE  B ARG A 1 82  ? -5.611  -9.386  -3.328  0.50 45.64 ? 103 ARG A NE  1 
ATOM   690  C CZ  A ARG A 1 82  ? -6.362  -10.225 -2.615  0.50 37.01 ? 103 ARG A CZ  1 
ATOM   691  C CZ  B ARG A 1 82  ? -6.361  -10.223 -2.613  0.50 49.49 ? 103 ARG A CZ  1 
ATOM   692  N NH1 A ARG A 1 82  ? -6.096  -11.527 -2.614  0.50 29.64 ? 103 ARG A NH1 1 
ATOM   693  N NH1 B ARG A 1 82  ? -6.090  -11.524 -2.612  0.50 45.52 ? 103 ARG A NH1 1 
ATOM   694  N NH2 A ARG A 1 82  ? -7.386  -9.765  -1.903  0.50 34.15 ? 103 ARG A NH2 1 
ATOM   695  N NH2 B ARG A 1 82  ? -7.385  -9.765  -1.904  0.50 48.80 ? 103 ARG A NH2 1 
ATOM   696  N N   . LEU A 1 83  ? -1.555  -6.436  -0.770  1.00 17.77 ? 104 LEU A N   1 
ATOM   697  C CA  . LEU A 1 83  ? -1.396  -5.089  -0.232  1.00 17.92 ? 104 LEU A CA  1 
ATOM   698  C C   . LEU A 1 83  ? 0.056   -4.633  -0.310  1.00 15.49 ? 104 LEU A C   1 
ATOM   699  O O   . LEU A 1 83  ? 0.338   -3.525  -0.757  1.00 11.87 ? 104 LEU A O   1 
ATOM   700  C CB  . LEU A 1 83  ? -1.872  -5.050  1.222   1.00 20.09 ? 104 LEU A CB  1 
ATOM   701  C CG  . LEU A 1 83  ? -2.076  -3.668  1.843   1.00 21.70 ? 104 LEU A CG  1 
ATOM   702  C CD1 . LEU A 1 83  ? -3.349  -3.045  1.305   1.00 25.98 ? 104 LEU A CD1 1 
ATOM   703  C CD2 . LEU A 1 83  ? -2.145  -3.797  3.355   1.00 19.34 ? 104 LEU A CD2 1 
ATOM   704  N N   . GLY A 1 84  ? 0.969   -5.492  0.134   1.00 16.97 ? 105 GLY A N   1 
ATOM   705  C CA  . GLY A 1 84  ? 2.380   -5.160  0.091   1.00 16.39 ? 105 GLY A CA  1 
ATOM   706  C C   . GLY A 1 84  ? 2.836   -4.921  -1.335  1.00 19.91 ? 105 GLY A C   1 
ATOM   707  O O   . GLY A 1 84  ? 3.570   -3.973  -1.607  1.00 15.65 ? 105 GLY A O   1 
ATOM   708  N N   . ALA A 1 85  ? 2.392   -5.787  -2.246  1.00 18.38 ? 106 ALA A N   1 
ATOM   709  C CA  . ALA A 1 85  ? 2.740   -5.684  -3.661  1.00 16.79 ? 106 ALA A CA  1 
ATOM   710  C C   . ALA A 1 85  ? 2.185   -4.403  -4.275  1.00 17.16 ? 106 ALA A C   1 
ATOM   711  O O   . ALA A 1 85  ? 2.808   -3.802  -5.153  1.00 16.96 ? 106 ALA A O   1 
ATOM   712  C CB  . ALA A 1 85  ? 2.209   -6.889  -4.409  1.00 15.95 ? 106 ALA A CB  1 
ATOM   713  N N   . ASP A 1 86  ? 1.006   -3.999  -3.822  1.00 13.40 ? 107 ASP A N   1 
ATOM   714  C CA  . ASP A 1 86  ? 0.384   -2.777  -4.314  1.00 12.68 ? 107 ASP A CA  1 
ATOM   715  C C   . ASP A 1 86  ? 1.262   -1.581  -3.950  1.00 12.74 ? 107 ASP A C   1 
ATOM   716  O O   . ASP A 1 86  ? 1.561   -0.732  -4.789  1.00 14.95 ? 107 ASP A O   1 
ATOM   717  C CB  . ASP A 1 86  ? -0.994  -2.601  -3.678  1.00 12.54 ? 107 ASP A CB  1 
ATOM   718  C CG  . ASP A 1 86  ? -2.002  -3.591  -4.194  1.00 11.12 ? 107 ASP A CG  1 
ATOM   719  O OD1 . ASP A 1 86  ? -1.717  -4.249  -5.217  1.00 14.25 ? 107 ASP A OD1 1 
ATOM   720  O OD2 . ASP A 1 86  ? -3.075  -3.715  -3.573  1.00 11.13 ? 107 ASP A OD2 1 
ATOM   721  N N   . MET A 1 87  ? 1.666   -1.527  -2.684  1.00 16.38 ? 108 MET A N   1 
ATOM   722  C CA  . MET A 1 87  ? 2.500   -0.445  -2.176  1.00 17.88 ? 108 MET A CA  1 
ATOM   723  C C   . MET A 1 87  ? 3.854   -0.445  -2.863  1.00 17.78 ? 108 MET A C   1 
ATOM   724  O O   . MET A 1 87  ? 4.428   0.609   -3.102  1.00 19.67 ? 108 MET A O   1 
ATOM   725  C CB  . MET A 1 87  ? 2.670   -0.581  -0.659  1.00 20.58 ? 108 MET A CB  1 
ATOM   726  C CG  . MET A 1 87  ? 1.351   -0.670  0.105   1.00 24.09 ? 108 MET A CG  1 
ATOM   727  S SD  . MET A 1 87  ? 1.462   -0.233  1.867   1.00 26.94 ? 108 MET A SD  1 
ATOM   728  C CE  . MET A 1 87  ? 1.450   -1.822  2.633   1.00 14.92 ? 108 MET A CE  1 
ATOM   729  N N   . GLU A 1 88  ? 4.354   -1.631  -3.189  1.00 18.58 ? 109 GLU A N   1 
ATOM   730  C CA  . GLU A 1 88  ? 5.632   -1.773  -3.869  1.00 18.75 ? 109 GLU A CA  1 
ATOM   731  C C   . GLU A 1 88  ? 5.508   -1.240  -5.297  1.00 19.17 ? 109 GLU A C   1 
ATOM   732  O O   . GLU A 1 88  ? 6.422   -0.590  -5.808  1.00 19.53 ? 109 GLU A O   1 
ATOM   733  C CB  . GLU A 1 88  ? 6.024   -3.250  -3.901  1.00 23.32 ? 109 GLU A CB  1 
ATOM   734  C CG  . GLU A 1 88  ? 7.514   -3.542  -4.024  1.00 31.55 ? 109 GLU A CG  1 
ATOM   735  C CD  . GLU A 1 88  ? 8.387   -2.672  -3.139  1.00 33.32 ? 109 GLU A CD  1 
ATOM   736  O OE1 . GLU A 1 88  ? 8.450   -2.913  -1.914  1.00 33.82 ? 109 GLU A OE1 1 
ATOM   737  O OE2 . GLU A 1 88  ? 9.016   -1.744  -3.676  1.00 38.03 ? 109 GLU A OE2 1 
ATOM   738  N N   . ASP A 1 89  ? 4.378   -1.529  -5.941  1.00 17.90 ? 110 ASP A N   1 
ATOM   739  C CA  . ASP A 1 89  ? 4.116   -1.083  -7.310  1.00 16.59 ? 110 ASP A CA  1 
ATOM   740  C C   . ASP A 1 89  ? 4.094   0.445   -7.383  1.00 17.08 ? 110 ASP A C   1 
ATOM   741  O O   . ASP A 1 89  ? 4.552   1.041   -8.357  1.00 15.92 ? 110 ASP A O   1 
ATOM   742  C CB  . ASP A 1 89  ? 2.767   -1.611  -7.800  1.00 18.34 ? 110 ASP A CB  1 
ATOM   743  C CG  . ASP A 1 89  ? 2.839   -3.040  -8.271  1.00 21.03 ? 110 ASP A CG  1 
ATOM   744  O OD1 . ASP A 1 89  ? 3.959   -3.567  -8.398  1.00 21.69 ? 110 ASP A OD1 1 
ATOM   745  O OD2 . ASP A 1 89  ? 1.769   -3.634  -8.514  1.00 19.25 ? 110 ASP A OD2 1 
ATOM   746  N N   . VAL A 1 90  ? 3.537   1.076   -6.358  1.00 19.64 ? 111 VAL A N   1 
ATOM   747  C CA  . VAL A 1 90  ? 3.464   2.529   -6.319  1.00 16.65 ? 111 VAL A CA  1 
ATOM   748  C C   . VAL A 1 90  ? 4.880   3.090   -6.254  1.00 17.62 ? 111 VAL A C   1 
ATOM   749  O O   . VAL A 1 90  ? 5.256   3.941   -7.057  1.00 18.96 ? 111 VAL A O   1 
ATOM   750  C CB  . VAL A 1 90  ? 2.667   3.010   -5.088  1.00 18.48 ? 111 VAL A CB  1 
ATOM   751  C CG1 . VAL A 1 90  ? 2.855   4.509   -4.906  1.00 18.08 ? 111 VAL A CG1 1 
ATOM   752  C CG2 . VAL A 1 90  ? 1.188   2.662   -5.266  1.00 13.00 ? 111 VAL A CG2 1 
ATOM   753  N N   . CYS A 1 91  ? 5.653   2.606   -5.285  1.00 17.55 ? 112 CYS A N   1 
ATOM   754  C CA  . CYS A 1 91  ? 7.038   3.034   -5.095  1.00 22.29 ? 112 CYS A CA  1 
ATOM   755  C C   . CYS A 1 91  ? 7.823   2.852   -6.387  1.00 22.25 ? 112 CYS A C   1 
ATOM   756  O O   . CYS A 1 91  ? 8.636   3.703   -6.757  1.00 25.55 ? 112 CYS A O   1 
ATOM   757  C CB  . CYS A 1 91  ? 7.711   2.212   -3.991  1.00 15.25 ? 112 CYS A CB  1 
ATOM   758  S SG  . CYS A 1 91  ? 7.201   2.608   -2.299  1.00 28.69 ? 112 CYS A SG  1 
ATOM   759  N N   . GLY A 1 92  ? 7.574   1.736   -7.066  1.00 20.96 ? 113 GLY A N   1 
ATOM   760  C CA  . GLY A 1 92  ? 8.264   1.453   -8.308  1.00 17.27 ? 113 GLY A CA  1 
ATOM   761  C C   . GLY A 1 92  ? 7.913   2.411   -9.427  1.00 19.50 ? 113 GLY A C   1 
ATOM   762  O O   . GLY A 1 92  ? 8.765   2.766   -10.244 1.00 20.33 ? 113 GLY A O   1 
ATOM   763  N N   . ARG A 1 93  ? 6.654   2.829   -9.479  1.00 14.86 ? 114 ARG A N   1 
ATOM   764  C CA  . ARG A 1 93  ? 6.211   3.751   -10.513 1.00 15.38 ? 114 ARG A CA  1 
ATOM   765  C C   . ARG A 1 93  ? 6.844   5.114   -10.282 1.00 12.85 ? 114 ARG A C   1 
ATOM   766  O O   . ARG A 1 93  ? 7.123   5.852   -11.225 1.00 16.24 ? 114 ARG A O   1 
ATOM   767  C CB  . ARG A 1 93  ? 4.686   3.881   -10.493 1.00 14.36 ? 114 ARG A CB  1 
ATOM   768  C CG  . ARG A 1 93  ? 4.120   4.786   -11.582 1.00 15.35 ? 114 ARG A CG  1 
ATOM   769  C CD  . ARG A 1 93  ? 4.679   4.431   -12.951 1.00 16.76 ? 114 ARG A CD  1 
ATOM   770  N NE  . ARG A 1 93  ? 4.160   5.298   -14.005 1.00 16.62 ? 114 ARG A NE  1 
ATOM   771  C CZ  . ARG A 1 93  ? 4.741   6.423   -14.419 1.00 13.68 ? 114 ARG A CZ  1 
ATOM   772  N NH1 . ARG A 1 93  ? 5.874   6.847   -13.873 1.00 13.17 ? 114 ARG A NH1 1 
ATOM   773  N NH2 . ARG A 1 93  ? 4.182   7.125   -15.387 1.00 12.35 ? 114 ARG A NH2 1 
ATOM   774  N N   . LEU A 1 94  ? 7.062   5.440   -9.017  1.00 13.81 ? 115 LEU A N   1 
ATOM   775  C CA  . LEU A 1 94  ? 7.657   6.714   -8.660  1.00 16.23 ? 115 LEU A CA  1 
ATOM   776  C C   . LEU A 1 94  ? 9.146   6.724   -8.973  1.00 21.22 ? 115 LEU A C   1 
ATOM   777  O O   . LEU A 1 94  ? 9.725   7.778   -9.232  1.00 21.83 ? 115 LEU A O   1 
ATOM   778  C CB  . LEU A 1 94  ? 7.409   7.007   -7.181  1.00 15.08 ? 115 LEU A CB  1 
ATOM   779  C CG  . LEU A 1 94  ? 5.927   7.191   -6.848  1.00 12.50 ? 115 LEU A CG  1 
ATOM   780  C CD1 . LEU A 1 94  ? 5.754   7.368   -5.361  1.00 13.78 ? 115 LEU A CD1 1 
ATOM   781  C CD2 . LEU A 1 94  ? 5.368   8.398   -7.601  1.00 12.04 ? 115 LEU A CD2 1 
ATOM   782  N N   . VAL A 1 95  ? 9.771   5.552   -8.948  1.00 18.44 ? 116 VAL A N   1 
ATOM   783  C CA  . VAL A 1 95  ? 11.189  5.462   -9.266  1.00 19.31 ? 116 VAL A CA  1 
ATOM   784  C C   . VAL A 1 95  ? 11.340  5.661   -10.768 1.00 20.17 ? 116 VAL A C   1 
ATOM   785  O O   . VAL A 1 95  ? 12.283  6.304   -11.226 1.00 23.96 ? 116 VAL A O   1 
ATOM   786  C CB  . VAL A 1 95  ? 11.771  4.083   -8.900  1.00 22.21 ? 116 VAL A CB  1 
ATOM   787  C CG1 . VAL A 1 95  ? 13.192  3.955   -9.440  1.00 20.54 ? 116 VAL A CG1 1 
ATOM   788  C CG2 . VAL A 1 95  ? 11.747  3.889   -7.396  1.00 19.65 ? 116 VAL A CG2 1 
ATOM   789  N N   . GLN A 1 96  ? 10.407  5.096   -11.529 1.00 20.67 ? 117 GLN A N   1 
ATOM   790  C CA  . GLN A 1 96  ? 10.421  5.221   -12.982 1.00 21.26 ? 117 GLN A CA  1 
ATOM   791  C C   . GLN A 1 96  ? 10.333  6.700   -13.391 1.00 24.15 ? 117 GLN A C   1 
ATOM   792  O O   . GLN A 1 96  ? 10.990  7.141   -14.342 1.00 22.55 ? 117 GLN A O   1 
ATOM   793  C CB  . GLN A 1 96  ? 9.246   4.446   -13.586 1.00 21.49 ? 117 GLN A CB  1 
ATOM   794  C CG  . GLN A 1 96  ? 9.101   4.647   -15.080 1.00 26.66 ? 117 GLN A CG  1 
ATOM   795  C CD  . GLN A 1 96  ? 7.788   4.134   -15.623 1.00 30.04 ? 117 GLN A CD  1 
ATOM   796  O OE1 . GLN A 1 96  ? 7.186   3.214   -15.069 1.00 31.59 ? 117 GLN A OE1 1 
ATOM   797  N NE2 . GLN A 1 96  ? 7.338   4.727   -16.721 1.00 29.83 ? 117 GLN A NE2 1 
ATOM   798  N N   . TYR A 1 97  ? 9.518   7.458   -12.659 1.00 19.23 ? 118 TYR A N   1 
ATOM   799  C CA  . TYR A 1 97  ? 9.339   8.880   -12.929 1.00 17.49 ? 118 TYR A CA  1 
ATOM   800  C C   . TYR A 1 97  ? 10.658  9.631   -12.761 1.00 16.13 ? 118 TYR A C   1 
ATOM   801  O O   . TYR A 1 97  ? 11.064  10.410  -13.627 1.00 14.96 ? 118 TYR A O   1 
ATOM   802  C CB  . TYR A 1 97  ? 8.296   9.470   -11.980 1.00 14.92 ? 118 TYR A CB  1 
ATOM   803  C CG  . TYR A 1 97  ? 8.124   10.963  -12.127 1.00 12.18 ? 118 TYR A CG  1 
ATOM   804  C CD1 . TYR A 1 97  ? 7.469   11.497  -13.235 1.00 11.19 ? 118 TYR A CD1 1 
ATOM   805  C CD2 . TYR A 1 97  ? 8.622   11.841  -11.166 1.00 9.44  ? 118 TYR A CD2 1 
ATOM   806  C CE1 . TYR A 1 97  ? 7.316   12.871  -13.387 1.00 12.15 ? 118 TYR A CE1 1 
ATOM   807  C CE2 . TYR A 1 97  ? 8.477   13.215  -11.306 1.00 12.53 ? 118 TYR A CE2 1 
ATOM   808  C CZ  . TYR A 1 97  ? 7.824   13.724  -12.421 1.00 13.75 ? 118 TYR A CZ  1 
ATOM   809  O OH  . TYR A 1 97  ? 7.703   15.081  -12.597 1.00 15.44 ? 118 TYR A OH  1 
ATOM   810  N N   . ARG A 1 98  ? 11.313  9.393   -11.630 1.00 17.66 ? 119 ARG A N   1 
ATOM   811  C CA  . ARG A 1 98  ? 12.585  10.027  -11.322 1.00 19.91 ? 119 ARG A CA  1 
ATOM   812  C C   . ARG A 1 98  ? 13.541  9.857   -12.502 1.00 21.88 ? 119 ARG A C   1 
ATOM   813  O O   . ARG A 1 98  ? 14.204  10.804  -12.930 1.00 21.78 ? 119 ARG A O   1 
ATOM   814  C CB  . ARG A 1 98  ? 13.184  9.389   -10.071 1.00 21.31 ? 119 ARG A CB  1 
ATOM   815  C CG  . ARG A 1 98  ? 14.399  10.097  -9.538  1.00 31.52 ? 119 ARG A CG  1 
ATOM   816  C CD  . ARG A 1 98  ? 14.966  9.351   -8.339  1.00 43.20 ? 119 ARG A CD  1 
ATOM   817  N NE  . ARG A 1 98  ? 13.905  8.810   -7.492  1.00 49.61 ? 119 ARG A NE  1 
ATOM   818  C CZ  . ARG A 1 98  ? 14.036  7.750   -6.696  1.00 49.32 ? 119 ARG A CZ  1 
ATOM   819  N NH1 . ARG A 1 98  ? 15.194  7.102   -6.628  1.00 50.40 ? 119 ARG A NH1 1 
ATOM   820  N NH2 . ARG A 1 98  ? 13.011  7.340   -5.956  1.00 43.90 ? 119 ARG A NH2 1 
ATOM   821  N N   . GLY A 1 99  ? 13.600  8.639   -13.029 1.00 22.51 ? 120 GLY A N   1 
ATOM   822  C CA  . GLY A 1 99  ? 14.476  8.368   -14.150 1.00 18.95 ? 120 GLY A CA  1 
ATOM   823  C C   . GLY A 1 99  ? 14.015  8.980   -15.457 1.00 20.33 ? 120 GLY A C   1 
ATOM   824  O O   . GLY A 1 99  ? 14.836  9.434   -16.249 1.00 18.28 ? 120 GLY A O   1 
ATOM   825  N N   . GLU A 1 100 ? 12.709  8.999   -15.701 1.00 15.27 ? 121 GLU A N   1 
ATOM   826  C CA  . GLU A 1 100 ? 12.219  9.572   -16.947 1.00 21.95 ? 121 GLU A CA  1 
ATOM   827  C C   . GLU A 1 100 ? 12.492  11.072  -16.967 1.00 16.43 ? 121 GLU A C   1 
ATOM   828  O O   . GLU A 1 100 ? 12.784  11.638  -18.016 1.00 16.25 ? 121 GLU A O   1 
ATOM   829  C CB  . GLU A 1 100 ? 10.724  9.281   -17.119 1.00 25.60 ? 121 GLU A CB  1 
ATOM   830  C CG  . GLU A 1 100 ? 10.443  7.824   -17.484 1.00 33.19 ? 121 GLU A CG  1 
ATOM   831  C CD  . GLU A 1 100 ? 9.108   7.627   -18.178 1.00 42.60 ? 121 GLU A CD  1 
ATOM   832  O OE1 . GLU A 1 100 ? 9.037   7.815   -19.413 1.00 48.72 ? 121 GLU A OE1 1 
ATOM   833  O OE2 . GLU A 1 100 ? 8.126   7.273   -17.489 1.00 41.28 ? 121 GLU A OE2 1 
ATOM   834  N N   . VAL A 1 101 ? 12.411  11.712  -15.808 1.00 14.88 ? 122 VAL A N   1 
ATOM   835  C CA  . VAL A 1 101 ? 12.686  13.139  -15.728 1.00 14.52 ? 122 VAL A CA  1 
ATOM   836  C C   . VAL A 1 101 ? 14.164  13.375  -16.060 1.00 14.49 ? 122 VAL A C   1 
ATOM   837  O O   . VAL A 1 101 ? 14.488  14.232  -16.871 1.00 14.55 ? 122 VAL A O   1 
ATOM   838  C CB  . VAL A 1 101 ? 12.377  13.689  -14.312 1.00 17.57 ? 122 VAL A CB  1 
ATOM   839  C CG1 . VAL A 1 101 ? 13.065  15.032  -14.104 1.00 13.88 ? 122 VAL A CG1 1 
ATOM   840  C CG2 . VAL A 1 101 ? 10.871  13.832  -14.130 1.00 11.51 ? 122 VAL A CG2 1 
ATOM   841  N N   . GLN A 1 102 ? 15.054  12.600  -15.446 1.00 16.83 ? 123 GLN A N   1 
ATOM   842  C CA  . GLN A 1 102 ? 16.488  12.743  -15.694 1.00 17.00 ? 123 GLN A CA  1 
ATOM   843  C C   . GLN A 1 102 ? 16.825  12.590  -17.179 1.00 18.29 ? 123 GLN A C   1 
ATOM   844  O O   . GLN A 1 102 ? 17.624  13.352  -17.731 1.00 19.29 ? 123 GLN A O   1 
ATOM   845  C CB  . GLN A 1 102 ? 17.270  11.710  -14.878 1.00 12.75 ? 123 GLN A CB  1 
ATOM   846  C CG  . GLN A 1 102 ? 17.398  12.055  -13.402 1.00 14.78 ? 123 GLN A CG  1 
ATOM   847  C CD  . GLN A 1 102 ? 18.238  13.302  -13.157 1.00 18.54 ? 123 GLN A CD  1 
ATOM   848  O OE1 . GLN A 1 102 ? 19.004  13.728  -14.020 1.00 18.14 ? 123 GLN A OE1 1 
ATOM   849  N NE2 . GLN A 1 102 ? 18.091  13.893  -11.980 1.00 14.90 ? 123 GLN A NE2 1 
ATOM   850  N N   . ALA A 1 103 ? 16.200  11.614  -17.824 1.00 16.89 ? 124 ALA A N   1 
ATOM   851  C CA  . ALA A 1 103 ? 16.438  11.353  -19.238 1.00 19.45 ? 124 ALA A CA  1 
ATOM   852  C C   . ALA A 1 103 ? 16.000  12.509  -20.128 1.00 19.23 ? 124 ALA A C   1 
ATOM   853  O O   . ALA A 1 103 ? 16.431  12.614  -21.278 1.00 20.38 ? 124 ALA A O   1 
ATOM   854  C CB  . ALA A 1 103 ? 15.721  10.074  -19.659 1.00 18.23 ? 124 ALA A CB  1 
ATOM   855  N N   . MET A 1 104 ? 15.141  13.376  -19.596 1.00 18.28 ? 125 MET A N   1 
ATOM   856  C CA  . MET A 1 104 ? 14.636  14.522  -20.351 1.00 19.41 ? 125 MET A CA  1 
ATOM   857  C C   . MET A 1 104 ? 15.666  15.644  -20.496 1.00 17.11 ? 125 MET A C   1 
ATOM   858  O O   . MET A 1 104 ? 15.493  16.559  -21.298 1.00 16.09 ? 125 MET A O   1 
ATOM   859  C CB  . MET A 1 104 ? 13.373  15.071  -19.688 1.00 22.09 ? 125 MET A CB  1 
ATOM   860  C CG  . MET A 1 104 ? 12.178  14.154  -19.801 1.00 28.97 ? 125 MET A CG  1 
ATOM   861  S SD  . MET A 1 104 ? 11.711  13.879  -21.504 1.00 38.55 ? 125 MET A SD  1 
ATOM   862  C CE  . MET A 1 104 ? 10.742  15.334  -21.837 1.00 36.11 ? 125 MET A CE  1 
ATOM   863  N N   . LEU A 1 105 ? 16.731  15.565  -19.709 1.00 17.51 ? 126 LEU A N   1 
ATOM   864  C CA  . LEU A 1 105 ? 17.813  16.546  -19.741 1.00 21.91 ? 126 LEU A CA  1 
ATOM   865  C C   . LEU A 1 105 ? 17.380  18.006  -19.623 1.00 23.06 ? 126 LEU A C   1 
ATOM   866  O O   . LEU A 1 105 ? 17.857  18.876  -20.353 1.00 23.50 ? 126 LEU A O   1 
ATOM   867  C CB  . LEU A 1 105 ? 18.655  16.354  -21.010 1.00 21.66 ? 126 LEU A CB  1 
ATOM   868  C CG  . LEU A 1 105 ? 19.182  14.939  -21.261 1.00 20.53 ? 126 LEU A CG  1 
ATOM   869  C CD1 . LEU A 1 105 ? 19.922  14.903  -22.587 1.00 23.14 ? 126 LEU A CD1 1 
ATOM   870  C CD2 . LEU A 1 105 ? 20.106  14.517  -20.126 1.00 20.37 ? 126 LEU A CD2 1 
ATOM   871  N N   . GLY A 1 106 ? 16.468  18.277  -18.694 1.00 20.82 ? 127 GLY A N   1 
ATOM   872  C CA  . GLY A 1 106 ? 16.019  19.641  -18.483 1.00 21.94 ? 127 GLY A CA  1 
ATOM   873  C C   . GLY A 1 106 ? 14.717  20.039  -19.153 1.00 20.17 ? 127 GLY A C   1 
ATOM   874  O O   . GLY A 1 106 ? 14.152  21.079  -18.811 1.00 18.11 ? 127 GLY A O   1 
ATOM   875  N N   . GLN A 1 107 ? 14.242  19.231  -20.098 1.00 17.55 ? 128 GLN A N   1 
ATOM   876  C CA  . GLN A 1 107 ? 12.998  19.522  -20.813 1.00 19.19 ? 128 GLN A CA  1 
ATOM   877  C C   . GLN A 1 107 ? 11.784  19.512  -19.897 1.00 18.41 ? 128 GLN A C   1 
ATOM   878  O O   . GLN A 1 107 ? 11.825  18.951  -18.799 1.00 17.19 ? 128 GLN A O   1 
ATOM   879  C CB  . GLN A 1 107 ? 12.763  18.500  -21.922 1.00 20.10 ? 128 GLN A CB  1 
ATOM   880  C CG  . GLN A 1 107 ? 13.714  18.602  -23.092 1.00 25.80 ? 128 GLN A CG  1 
ATOM   881  C CD  . GLN A 1 107 ? 13.417  17.542  -24.129 1.00 30.51 ? 128 GLN A CD  1 
ATOM   882  O OE1 . GLN A 1 107 ? 12.403  17.605  -24.825 1.00 29.83 ? 128 GLN A OE1 1 
ATOM   883  N NE2 . GLN A 1 107 ? 14.316  16.574  -24.253 1.00 31.94 ? 128 GLN A NE2 1 
ATOM   884  N N   . SER A 1 108 ? 10.698  20.120  -20.368 1.00 17.45 ? 129 SER A N   1 
ATOM   885  C CA  . SER A 1 108 ? 9.454   20.191  -19.614 1.00 17.60 ? 129 SER A CA  1 
ATOM   886  C C   . SER A 1 108 ? 9.003   18.792  -19.205 1.00 18.89 ? 129 SER A C   1 
ATOM   887  O O   . SER A 1 108 ? 9.032   17.859  -20.008 1.00 17.70 ? 129 SER A O   1 
ATOM   888  C CB  . SER A 1 108 ? 8.369   20.861  -20.466 1.00 16.64 ? 129 SER A CB  1 
ATOM   889  O OG  . SER A 1 108 ? 7.089   20.745  -19.869 1.00 19.11 ? 129 SER A OG  1 
ATOM   890  N N   . THR A 1 109 ? 8.587   18.654  -17.951 1.00 17.29 ? 130 THR A N   1 
ATOM   891  C CA  . THR A 1 109 ? 8.122   17.376  -17.430 1.00 13.35 ? 130 THR A CA  1 
ATOM   892  C C   . THR A 1 109 ? 6.613   17.428  -17.192 1.00 15.75 ? 130 THR A C   1 
ATOM   893  O O   . THR A 1 109 ? 6.047   16.570  -16.512 1.00 13.17 ? 130 THR A O   1 
ATOM   894  C CB  . THR A 1 109 ? 8.824   17.034  -16.109 1.00 15.46 ? 130 THR A CB  1 
ATOM   895  O OG1 . THR A 1 109 ? 8.489   18.017  -15.120 1.00 16.39 ? 130 THR A OG1 1 
ATOM   896  C CG2 . THR A 1 109 ? 10.326  17.016  -16.297 1.00 13.56 ? 130 THR A CG2 1 
ATOM   897  N N   . GLU A 1 110 ? 5.969   18.442  -17.758 1.00 14.33 ? 131 GLU A N   1 
ATOM   898  C CA  . GLU A 1 110 ? 4.534   18.612  -17.606 1.00 20.76 ? 131 GLU A CA  1 
ATOM   899  C C   . GLU A 1 110 ? 3.781   17.517  -18.199 1.00 20.06 ? 131 GLU A C   1 
ATOM   900  O O   . GLU A 1 110 ? 2.837   16.921  -17.483 1.00 14.66 ? 131 GLU A O   1 
ATOM   901  C CB  . GLU A 1 110 ? 4.074   19.877  -18.335 1.00 20.18 ? 131 GLU A CB  1 
ATOM   902  C CG  . GLU A 1 110 ? 2.569   19.991  -18.463 1.00 30.84 ? 131 GLU A CG  1 
ATOM   903  C CD  . GLU A 1 110 ? 1.902   20.287  -17.139 1.00 39.58 ? 131 GLU A CD  1 
ATOM   904  O OE1 . GLU A 1 110 ? 2.593   20.801  -16.234 1.00 39.66 ? 131 GLU A OE1 1 
ATOM   905  O OE2 . GLU A 1 110 ? 0.692   20.004  -17.004 1.00 48.28 ? 131 GLU A OE2 1 
ATOM   906  N N   . GLU A 1 111 ? 4.130   16.935  -19.317 1.00 17.61 ? 132 GLU A N   1 
ATOM   907  C CA  . GLU A 1 111 ? 3.448   15.791  -19.900 1.00 21.60 ? 132 GLU A CA  1 
ATOM   908  C C   . GLU A 1 111 ? 3.705   14.539  -19.079 1.00 19.60 ? 132 GLU A C   1 
ATOM   909  O O   . GLU A 1 111 ? 2.803   13.730  -18.873 1.00 21.96 ? 132 GLU A O   1 
ATOM   910  C CB  . GLU A 1 111 ? 3.906   15.558  -21.340 1.00 30.75 ? 132 GLU A CB  1 
ATOM   911  C CG  . GLU A 1 111 ? 3.014   14.574  -22.095 1.00 50.85 ? 132 GLU A CG  1 
ATOM   912  C CD  . GLU A 1 111 ? 1.560   14.630  -21.661 1.00 62.26 ? 132 GLU A CD  1 
ATOM   913  O OE1 . GLU A 1 111 ? 0.914   15.678  -21.865 1.00 64.75 ? 132 GLU A OE1 1 
ATOM   914  O OE2 . GLU A 1 111 ? 1.060   13.621  -21.117 1.00 67.10 ? 132 GLU A OE2 1 
ATOM   915  N N   . LEU A 1 112 ? 4.943   14.472  -18.575 1.00 17.83 ? 133 LEU A N   1 
ATOM   916  C CA  . LEU A 1 112 ? 5.299   13.228  -17.800 1.00 16.43 ? 133 LEU A CA  1 
ATOM   917  C C   . LEU A 1 112 ? 4.442   13.209  -16.535 1.00 16.73 ? 133 LEU A C   1 
ATOM   918  O O   . LEU A 1 112 ? 3.990   12.154  -16.089 1.00 11.52 ? 133 LEU A O   1 
ATOM   919  C CB  . LEU A 1 112 ? 6.773   13.297  -17.395 1.00 18.24 ? 133 LEU A CB  1 
ATOM   920  C CG  . LEU A 1 112 ? 7.842   12.869  -18.400 1.00 23.12 ? 133 LEU A CG  1 
ATOM   921  C CD1 . LEU A 1 112 ? 9.224   13.128  -17.810 1.00 21.53 ? 133 LEU A CD1 1 
ATOM   922  C CD2 . LEU A 1 112 ? 7.670   11.403  -18.727 1.00 23.80 ? 133 LEU A CD2 1 
ATOM   923  N N   . ARG A 1 113 ? 4.216   14.390  -15.967 1.00 12.46 ? 134 ARG A N   1 
ATOM   924  C CA  . ARG A 1 113 ? 3.432   14.516  -14.744 1.00 11.96 ? 134 ARG A CA  1 
ATOM   925  C C   . ARG A 1 113 ? 1.952   14.231  -14.967 1.00 11.52 ? 134 ARG A C   1 
ATOM   926  O O   . ARG A 1 113 ? 1.278   13.711  -14.081 1.00 11.11 ? 134 ARG A O   1 
ATOM   927  C CB  . ARG A 1 113 ? 3.618   15.913  -14.144 1.00 14.04 ? 134 ARG A CB  1 
ATOM   928  C CG  . ARG A 1 113 ? 4.848   16.031  -13.256 1.00 20.31 ? 134 ARG A CG  1 
ATOM   929  C CD  . ARG A 1 113 ? 4.972   17.423  -12.680 1.00 21.47 ? 134 ARG A CD  1 
ATOM   930  N NE  . ARG A 1 113 ? 5.671   18.327  -13.589 1.00 23.35 ? 134 ARG A NE  1 
ATOM   931  C CZ  . ARG A 1 113 ? 5.202   19.512  -13.954 1.00 19.16 ? 134 ARG A CZ  1 
ATOM   932  N NH1 . ARG A 1 113 ? 4.036   19.924  -13.485 1.00 20.86 ? 134 ARG A NH1 1 
ATOM   933  N NH2 . ARG A 1 113 ? 5.893   20.274  -14.786 1.00 15.69 ? 134 ARG A NH2 1 
ATOM   934  N N   . VAL A 1 114 ? 1.443   14.569  -16.145 1.00 12.25 ? 135 VAL A N   1 
ATOM   935  C CA  . VAL A 1 114 ? 0.041   14.296  -16.435 1.00 12.56 ? 135 VAL A CA  1 
ATOM   936  C C   . VAL A 1 114 ? -0.146  12.783  -16.458 1.00 13.68 ? 135 VAL A C   1 
ATOM   937  O O   . VAL A 1 114 ? -1.099  12.245  -15.891 1.00 14.96 ? 135 VAL A O   1 
ATOM   938  C CB  . VAL A 1 114 ? -0.378  14.866  -17.810 1.00 12.69 ? 135 VAL A CB  1 
ATOM   939  C CG1 . VAL A 1 114 ? -1.703  14.260  -18.245 1.00 16.07 ? 135 VAL A CG1 1 
ATOM   940  C CG2 . VAL A 1 114 ? -0.480  16.379  -17.735 1.00 11.76 ? 135 VAL A CG2 1 
ATOM   941  N N   . ARG A 1 115 ? 0.783   12.100  -17.109 1.00 14.39 ? 136 ARG A N   1 
ATOM   942  C CA  . ARG A 1 115 ? 0.720   10.655  -17.215 1.00 19.85 ? 136 ARG A CA  1 
ATOM   943  C C   . ARG A 1 115 ? 0.983   9.968   -15.883 1.00 19.54 ? 136 ARG A C   1 
ATOM   944  O O   . ARG A 1 115 ? 0.377   8.941   -15.587 1.00 19.86 ? 136 ARG A O   1 
ATOM   945  C CB  . ARG A 1 115 ? 1.700   10.169  -18.283 1.00 23.81 ? 136 ARG A CB  1 
ATOM   946  C CG  . ARG A 1 115 ? 1.245   10.551  -19.688 1.00 37.59 ? 136 ARG A CG  1 
ATOM   947  C CD  . ARG A 1 115 ? 2.218   10.085  -20.751 1.00 51.85 ? 136 ARG A CD  1 
ATOM   948  N NE  . ARG A 1 115 ? 2.438   11.119  -21.756 1.00 65.43 ? 136 ARG A NE  1 
ATOM   949  C CZ  . ARG A 1 115 ? 3.622   11.416  -22.283 1.00 70.33 ? 136 ARG A CZ  1 
ATOM   950  N NH1 . ARG A 1 115 ? 4.736   11.242  -21.582 1.00 66.71 ? 136 ARG A NH1 1 
ATOM   951  N NH2 . ARG A 1 115 ? 3.699   11.882  -23.520 1.00 69.17 ? 136 ARG A NH2 1 
ATOM   952  N N   . LEU A 1 116 ? 1.876   10.522  -15.071 1.00 13.24 ? 137 LEU A N   1 
ATOM   953  C CA  . LEU A 1 116 ? 2.150   9.920   -13.770 1.00 12.33 ? 137 LEU A CA  1 
ATOM   954  C C   . LEU A 1 116 ? 0.901   10.001  -12.889 1.00 13.22 ? 137 LEU A C   1 
ATOM   955  O O   . LEU A 1 116 ? 0.552   9.045   -12.185 1.00 12.55 ? 137 LEU A O   1 
ATOM   956  C CB  . LEU A 1 116 ? 3.316   10.627  -13.071 1.00 10.18 ? 137 LEU A CB  1 
ATOM   957  C CG  . LEU A 1 116 ? 3.540   10.213  -11.610 1.00 9.68  ? 137 LEU A CG  1 
ATOM   958  C CD1 . LEU A 1 116 ? 3.852   8.723   -11.537 1.00 13.53 ? 137 LEU A CD1 1 
ATOM   959  C CD2 . LEU A 1 116 ? 4.663   11.027  -11.007 1.00 8.07  ? 137 LEU A CD2 1 
ATOM   960  N N   . ALA A 1 117 ? 0.227   11.147  -12.938 1.00 13.45 ? 138 ALA A N   1 
ATOM   961  C CA  . ALA A 1 117 ? -0.984  11.377  -12.153 1.00 12.62 ? 138 ALA A CA  1 
ATOM   962  C C   . ALA A 1 117 ? -2.067  10.381  -12.532 1.00 10.50 ? 138 ALA A C   1 
ATOM   963  O O   . ALA A 1 117 ? -2.739  9.820   -11.673 1.00 11.39 ? 138 ALA A O   1 
ATOM   964  C CB  . ALA A 1 117 ? -1.489  12.795  -12.380 1.00 10.75 ? 138 ALA A CB  1 
ATOM   965  N N   . SER A 1 118 ? -2.236  10.181  -13.833 1.00 10.61 ? 139 SER A N   1 
ATOM   966  C CA  . SER A 1 118 ? -3.230  9.259   -14.349 1.00 12.17 ? 139 SER A CA  1 
ATOM   967  C C   . SER A 1 118 ? -2.967  7.849   -13.830 1.00 14.53 ? 139 SER A C   1 
ATOM   968  O O   . SER A 1 118 ? -3.869  7.186   -13.327 1.00 18.24 ? 139 SER A O   1 
ATOM   969  C CB  . SER A 1 118 ? -3.193  9.274   -15.881 1.00 12.89 ? 139 SER A CB  1 
ATOM   970  O OG  . SER A 1 118 ? -4.182  8.434   -16.448 1.00 25.66 ? 139 SER A OG  1 
ATOM   971  N N   . HIS A 1 119 ? -1.721  7.404   -13.953 1.00 13.49 ? 140 HIS A N   1 
ATOM   972  C CA  . HIS A 1 119 ? -1.311  6.072   -13.525 1.00 11.97 ? 140 HIS A CA  1 
ATOM   973  C C   . HIS A 1 119 ? -1.425  5.871   -12.015 1.00 13.85 ? 140 HIS A C   1 
ATOM   974  O O   . HIS A 1 119 ? -1.866  4.818   -11.566 1.00 13.42 ? 140 HIS A O   1 
ATOM   975  C CB  . HIS A 1 119 ? 0.130   5.819   -13.974 1.00 14.38 ? 140 HIS A CB  1 
ATOM   976  C CG  . HIS A 1 119 ? 0.484   4.363   -14.086 1.00 22.59 ? 140 HIS A CG  1 
ATOM   977  N ND1 . HIS A 1 119 ? 1.618   3.934   -14.741 1.00 24.70 ? 140 HIS A ND1 1 
ATOM   978  C CD2 . HIS A 1 119 ? -0.122  3.248   -13.621 1.00 24.51 ? 140 HIS A CD2 1 
ATOM   979  C CE1 . HIS A 1 119 ? 1.692   2.616   -14.678 1.00 23.85 ? 140 HIS A CE1 1 
ATOM   980  N NE2 . HIS A 1 119 ? 0.640   2.177   -14.000 1.00 20.58 ? 140 HIS A NE2 1 
ATOM   981  N N   . LEU A 1 120 ? -1.024  6.872   -11.238 1.00 10.98 ? 141 LEU A N   1 
ATOM   982  C CA  . LEU A 1 120 ? -1.092  6.796   -9.781  1.00 11.78 ? 141 LEU A CA  1 
ATOM   983  C C   . LEU A 1 120 ? -2.528  6.594   -9.317  1.00 12.62 ? 141 LEU A C   1 
ATOM   984  O O   . LEU A 1 120 ? -2.782  5.883   -8.346  1.00 12.23 ? 141 LEU A O   1 
ATOM   985  C CB  . LEU A 1 120 ? -0.545  8.075   -9.147  1.00 13.90 ? 141 LEU A CB  1 
ATOM   986  C CG  . LEU A 1 120 ? 0.957   8.180   -8.893  1.00 17.64 ? 141 LEU A CG  1 
ATOM   987  C CD1 . LEU A 1 120 ? 1.237   9.473   -8.154  1.00 11.36 ? 141 LEU A CD1 1 
ATOM   988  C CD2 . LEU A 1 120 ? 1.436   6.986   -8.086  1.00 16.55 ? 141 LEU A CD2 1 
ATOM   989  N N   . ARG A 1 121 ? -3.460  7.235   -10.012 1.00 11.67 ? 142 ARG A N   1 
ATOM   990  C CA  . ARG A 1 121 ? -4.878  7.124   -9.690  1.00 15.27 ? 142 ARG A CA  1 
ATOM   991  C C   . ARG A 1 121 ? -5.331  5.665   -9.772  1.00 16.54 ? 142 ARG A C   1 
ATOM   992  O O   . ARG A 1 121 ? -6.038  5.171   -8.889  1.00 16.89 ? 142 ARG A O   1 
ATOM   993  C CB  A ARG A 1 121 ? -5.714  7.968   -10.646 0.50 18.36 ? 142 ARG A CB  1 
ATOM   994  C CB  B ARG A 1 121 ? -5.702  7.973   -10.659 0.50 17.73 ? 142 ARG A CB  1 
ATOM   995  C CG  A ARG A 1 121 ? -6.862  8.700   -9.978  0.50 24.87 ? 142 ARG A CG  1 
ATOM   996  C CG  B ARG A 1 121 ? -6.881  8.707   -10.037 0.50 22.86 ? 142 ARG A CG  1 
ATOM   997  C CD  A ARG A 1 121 ? -6.926  10.145  -10.419 0.50 25.95 ? 142 ARG A CD  1 
ATOM   998  C CD  B ARG A 1 121 ? -6.824  10.209  -10.323 0.50 23.39 ? 142 ARG A CD  1 
ATOM   999  N NE  A ARG A 1 121 ? -6.925  11.049  -9.274  0.50 27.11 ? 142 ARG A NE  1 
ATOM   1000 N NE  B ARG A 1 121 ? -6.428  10.504  -11.700 0.50 21.12 ? 142 ARG A NE  1 
ATOM   1001 C CZ  A ARG A 1 121 ? -6.587  12.330  -9.340  0.50 22.78 ? 142 ARG A CZ  1 
ATOM   1002 C CZ  B ARG A 1 121 ? -5.899  11.659  -12.101 0.50 20.78 ? 142 ARG A CZ  1 
ATOM   1003 N NH1 A ARG A 1 121 ? -6.227  12.858  -10.498 0.50 29.18 ? 142 ARG A NH1 1 
ATOM   1004 N NH1 B ARG A 1 121 ? -5.703  12.638  -11.231 0.50 21.98 ? 142 ARG A NH1 1 
ATOM   1005 N NH2 A ARG A 1 121 ? -6.612  13.081  -8.251  0.50 22.30 ? 142 ARG A NH2 1 
ATOM   1006 N NH2 B ARG A 1 121 ? -5.560  11.833  -13.373 0.50 14.19 ? 142 ARG A NH2 1 
ATOM   1007 N N   . LYS A 1 122 ? -4.924  4.987   -10.843 1.00 14.31 ? 143 LYS A N   1 
ATOM   1008 C CA  . LYS A 1 122 ? -5.287  3.586   -11.042 1.00 16.60 ? 143 LYS A CA  1 
ATOM   1009 C C   . LYS A 1 122 ? -4.604  2.666   -10.024 1.00 13.72 ? 143 LYS A C   1 
ATOM   1010 O O   . LYS A 1 122 ? -5.218  1.723   -9.533  1.00 14.64 ? 143 LYS A O   1 
ATOM   1011 C CB  . LYS A 1 122 ? -4.937  3.148   -12.472 1.00 15.74 ? 143 LYS A CB  1 
ATOM   1012 C CG  . LYS A 1 122 ? -5.926  3.661   -13.512 1.00 20.62 ? 143 LYS A CG  1 
ATOM   1013 C CD  . LYS A 1 122 ? -5.480  3.369   -14.934 1.00 19.73 ? 143 LYS A CD  1 
ATOM   1014 C CE  A LYS A 1 122 ? -6.424  3.989   -15.952 0.50 21.88 ? 143 LYS A CE  1 
ATOM   1015 C CE  B LYS A 1 122 ? -6.507  3.882   -15.938 0.50 17.76 ? 143 LYS A CE  1 
ATOM   1016 N NZ  A LYS A 1 122 ? -7.832  4.019   -15.471 0.50 25.12 ? 143 LYS A NZ  1 
ATOM   1017 N NZ  B LYS A 1 122 ? -6.052  3.779   -17.352 0.50 13.58 ? 143 LYS A NZ  1 
ATOM   1018 N N   . LEU A 1 123 ? -3.344  2.949   -9.701  1.00 11.36 ? 144 LEU A N   1 
ATOM   1019 C CA  . LEU A 1 123 ? -2.610  2.139   -8.738  1.00 12.10 ? 144 LEU A CA  1 
ATOM   1020 C C   . LEU A 1 123 ? -3.224  2.304   -7.353  1.00 11.82 ? 144 LEU A C   1 
ATOM   1021 O O   . LEU A 1 123 ? -3.296  1.348   -6.579  1.00 14.38 ? 144 LEU A O   1 
ATOM   1022 C CB  . LEU A 1 123 ? -1.129  2.544   -8.703  1.00 11.45 ? 144 LEU A CB  1 
ATOM   1023 C CG  . LEU A 1 123 ? -0.301  2.240   -9.953  1.00 9.33  ? 144 LEU A CG  1 
ATOM   1024 C CD1 . LEU A 1 123 ? 1.074   2.859   -9.825  1.00 12.28 ? 144 LEU A CD1 1 
ATOM   1025 C CD2 . LEU A 1 123 ? -0.197  0.736   -10.139 1.00 11.44 ? 144 LEU A CD2 1 
ATOM   1026 N N   . ARG A 1 124 ? -3.687  3.513   -7.047  1.00 11.03 ? 145 ARG A N   1 
ATOM   1027 C CA  . ARG A 1 124 ? -4.288  3.793   -5.755  1.00 12.22 ? 145 ARG A CA  1 
ATOM   1028 C C   . ARG A 1 124 ? -5.670  3.166   -5.645  1.00 11.93 ? 145 ARG A C   1 
ATOM   1029 O O   . ARG A 1 124 ? -6.112  2.780   -4.560  1.00 14.69 ? 145 ARG A O   1 
ATOM   1030 C CB  . ARG A 1 124 ? -4.347  5.305   -5.535  1.00 9.11  ? 145 ARG A CB  1 
ATOM   1031 C CG  . ARG A 1 124 ? -2.966  5.910   -5.284  1.00 10.91 ? 145 ARG A CG  1 
ATOM   1032 C CD  . ARG A 1 124 ? -2.977  7.437   -5.280  1.00 8.59  ? 145 ARG A CD  1 
ATOM   1033 N NE  . ARG A 1 124 ? -3.750  7.978   -4.167  1.00 10.41 ? 145 ARG A NE  1 
ATOM   1034 C CZ  . ARG A 1 124 ? -4.764  8.824   -4.307  1.00 15.64 ? 145 ARG A CZ  1 
ATOM   1035 N NH1 . ARG A 1 124 ? -5.129  9.230   -5.520  1.00 11.72 ? 145 ARG A NH1 1 
ATOM   1036 N NH2 . ARG A 1 124 ? -5.420  9.255   -3.239  1.00 14.13 ? 145 ARG A NH2 1 
ATOM   1037 N N   . LYS A 1 125 ? -6.350  3.059   -6.780  1.00 13.61 ? 146 LYS A N   1 
ATOM   1038 C CA  . LYS A 1 125 ? -7.670  2.442   -6.822  1.00 16.18 ? 146 LYS A CA  1 
ATOM   1039 C C   . LYS A 1 125 ? -7.493  0.974   -6.454  1.00 15.01 ? 146 LYS A C   1 
ATOM   1040 O O   . LYS A 1 125 ? -8.256  0.420   -5.666  1.00 13.15 ? 146 LYS A O   1 
ATOM   1041 C CB  . LYS A 1 125 ? -8.258  2.533   -8.232  1.00 19.59 ? 146 LYS A CB  1 
ATOM   1042 C CG  . LYS A 1 125 ? -9.285  3.633   -8.412  1.00 29.53 ? 146 LYS A CG  1 
ATOM   1043 C CD  . LYS A 1 125 ? -9.836  3.648   -9.829  1.00 35.77 ? 146 LYS A CD  1 
ATOM   1044 C CE  . LYS A 1 125 ? -11.350 3.522   -9.828  1.00 45.12 ? 146 LYS A CE  1 
ATOM   1045 N NZ  . LYS A 1 125 ? -11.878 2.998   -11.126 1.00 53.86 ? 146 LYS A NZ  1 
ATOM   1046 N N   . ARG A 1 126 ? -6.471  0.364   -7.043  1.00 12.07 ? 147 ARG A N   1 
ATOM   1047 C CA  . ARG A 1 126 ? -6.138  -1.034  -6.811  1.00 12.73 ? 147 ARG A CA  1 
ATOM   1048 C C   . ARG A 1 126 ? -5.779  -1.259  -5.349  1.00 16.68 ? 147 ARG A C   1 
ATOM   1049 O O   . ARG A 1 126 ? -6.213  -2.236  -4.742  1.00 16.99 ? 147 ARG A O   1 
ATOM   1050 C CB  . ARG A 1 126 ? -4.965  -1.445  -7.711  1.00 13.79 ? 147 ARG A CB  1 
ATOM   1051 C CG  . ARG A 1 126 ? -4.249  -2.734  -7.296  1.00 19.18 ? 147 ARG A CG  1 
ATOM   1052 C CD  . ARG A 1 126 ? -3.877  -3.585  -8.496  1.00 17.24 ? 147 ARG A CD  1 
ATOM   1053 N NE  . ARG A 1 126 ? -2.857  -2.957  -9.332  1.00 22.02 ? 147 ARG A NE  1 
ATOM   1054 C CZ  . ARG A 1 126 ? -1.547  -3.033  -9.110  1.00 22.11 ? 147 ARG A CZ  1 
ATOM   1055 N NH1 . ARG A 1 126 ? -1.079  -3.715  -8.072  1.00 21.56 ? 147 ARG A NH1 1 
ATOM   1056 N NH2 . ARG A 1 126 ? -0.696  -2.445  -9.944  1.00 15.32 ? 147 ARG A NH2 1 
ATOM   1057 N N   . LEU A 1 127 ? -4.979  -0.360  -4.782  1.00 14.09 ? 148 LEU A N   1 
ATOM   1058 C CA  . LEU A 1 127 ? -4.578  -0.496  -3.385  1.00 12.23 ? 148 LEU A CA  1 
ATOM   1059 C C   . LEU A 1 127 ? -5.775  -0.421  -2.437  1.00 10.83 ? 148 LEU A C   1 
ATOM   1060 O O   . LEU A 1 127 ? -5.896  -1.229  -1.512  1.00 14.25 ? 148 LEU A O   1 
ATOM   1061 C CB  . LEU A 1 127 ? -3.556  0.584   -3.017  1.00 15.38 ? 148 LEU A CB  1 
ATOM   1062 C CG  . LEU A 1 127 ? -3.241  0.757   -1.524  1.00 16.47 ? 148 LEU A CG  1 
ATOM   1063 C CD1 . LEU A 1 127 ? -2.569  -0.486  -0.967  1.00 17.10 ? 148 LEU A CD1 1 
ATOM   1064 C CD2 . LEU A 1 127 ? -2.341  1.962   -1.345  1.00 20.82 ? 148 LEU A CD2 1 
ATOM   1065 N N   . LEU A 1 128 ? -6.663  0.540   -2.678  1.00 9.82  ? 149 LEU A N   1 
ATOM   1066 C CA  . LEU A 1 128 ? -7.836  0.716   -1.834  1.00 13.80 ? 149 LEU A CA  1 
ATOM   1067 C C   . LEU A 1 128 ? -8.725  -0.519  -1.916  1.00 17.21 ? 149 LEU A C   1 
ATOM   1068 O O   . LEU A 1 128 ? -9.235  -1.004  -0.906  1.00 16.10 ? 149 LEU A O   1 
ATOM   1069 C CB  . LEU A 1 128 ? -8.619  1.952   -2.276  1.00 14.64 ? 149 LEU A CB  1 
ATOM   1070 C CG  . LEU A 1 128 ? -9.822  2.290   -1.398  1.00 18.37 ? 149 LEU A CG  1 
ATOM   1071 C CD1 . LEU A 1 128 ? -9.362  2.642   0.003   1.00 20.29 ? 149 LEU A CD1 1 
ATOM   1072 C CD2 . LEU A 1 128 ? -10.580 3.442   -2.017  1.00 16.73 ? 149 LEU A CD2 1 
ATOM   1073 N N   . ARG A 1 129 ? -8.897  -1.013  -3.132  1.00 18.36 ? 150 ARG A N   1 
ATOM   1074 C CA  . ARG A 1 129 ? -9.702  -2.200  -3.401  1.00 22.25 ? 150 ARG A CA  1 
ATOM   1075 C C   . ARG A 1 129 ? -9.169  -3.396  -2.599  1.00 20.30 ? 150 ARG A C   1 
ATOM   1076 O O   . ARG A 1 129 ? -9.931  -4.132  -1.968  1.00 14.65 ? 150 ARG A O   1 
ATOM   1077 C CB  A ARG A 1 129 ? -9.668  -2.506  -4.902  0.50 23.97 ? 150 ARG A CB  1 
ATOM   1078 C CB  B ARG A 1 129 ? -9.669  -2.508  -4.901  0.50 24.95 ? 150 ARG A CB  1 
ATOM   1079 C CG  A ARG A 1 129 ? -10.277 -3.834  -5.303  0.50 34.90 ? 150 ARG A CG  1 
ATOM   1080 C CG  B ARG A 1 129 ? -10.278 -3.836  -5.300  0.50 36.92 ? 150 ARG A CG  1 
ATOM   1081 C CD  A ARG A 1 129 ? -10.704 -3.823  -6.766  0.50 36.97 ? 150 ARG A CD  1 
ATOM   1082 C CD  B ARG A 1 129 ? -10.708 -3.830  -6.762  0.50 40.24 ? 150 ARG A CD  1 
ATOM   1083 N NE  A ARG A 1 129 ? -9.560  -3.797  -7.677  0.50 38.01 ? 150 ARG A NE  1 
ATOM   1084 N NE  B ARG A 1 129 ? -9.567  -3.797  -7.674  0.50 42.72 ? 150 ARG A NE  1 
ATOM   1085 C CZ  A ARG A 1 129 ? -8.787  -4.847  -7.934  0.50 39.64 ? 150 ARG A CZ  1 
ATOM   1086 C CZ  B ARG A 1 129 ? -8.788  -4.844  -7.933  0.50 44.90 ? 150 ARG A CZ  1 
ATOM   1087 N NH1 A ARG A 1 129 ? -9.029  -6.010  -7.346  0.50 38.21 ? 150 ARG A NH1 1 
ATOM   1088 N NH1 B ARG A 1 129 ? -9.024  -6.009  -7.347  0.50 44.36 ? 150 ARG A NH1 1 
ATOM   1089 N NH2 A ARG A 1 129 ? -7.769  -4.738  -8.777  0.50 37.60 ? 150 ARG A NH2 1 
ATOM   1090 N NH2 B ARG A 1 129 ? -7.771  -4.728  -8.777  0.50 43.78 ? 150 ARG A NH2 1 
ATOM   1091 N N   . ASP A 1 130 ? -7.852  -3.577  -2.619  1.00 13.35 ? 151 ASP A N   1 
ATOM   1092 C CA  . ASP A 1 130 ? -7.217  -4.679  -1.907  1.00 15.00 ? 151 ASP A CA  1 
ATOM   1093 C C   . ASP A 1 130 ? -7.262  -4.501  -0.388  1.00 16.98 ? 151 ASP A C   1 
ATOM   1094 O O   . ASP A 1 130 ? -7.381  -5.478  0.355   1.00 16.67 ? 151 ASP A O   1 
ATOM   1095 C CB  . ASP A 1 130 ? -5.772  -4.828  -2.379  1.00 7.47  ? 151 ASP A CB  1 
ATOM   1096 C CG  . ASP A 1 130 ? -5.683  -5.367  -3.791  1.00 15.43 ? 151 ASP A CG  1 
ATOM   1097 O OD1 . ASP A 1 130 ? -6.711  -5.857  -4.305  1.00 17.92 ? 151 ASP A OD1 1 
ATOM   1098 O OD2 . ASP A 1 130 ? -4.594  -5.301  -4.390  1.00 14.82 ? 151 ASP A OD2 1 
ATOM   1099 N N   . ALA A 1 131 ? -7.174  -3.255  0.073   1.00 14.93 ? 152 ALA A N   1 
ATOM   1100 C CA  . ALA A 1 131 ? -7.228  -2.969  1.503   1.00 16.50 ? 152 ALA A CA  1 
ATOM   1101 C C   . ALA A 1 131 ? -8.612  -3.306  2.049   1.00 16.51 ? 152 ALA A C   1 
ATOM   1102 O O   . ALA A 1 131 ? -8.738  -3.881  3.127   1.00 17.09 ? 152 ALA A O   1 
ATOM   1103 C CB  . ALA A 1 131 ? -6.916  -1.501  1.759   1.00 11.21 ? 152 ALA A CB  1 
ATOM   1104 N N   . ASP A 1 132 ? -9.647  -2.944  1.296   1.00 19.27 ? 153 ASP A N   1 
ATOM   1105 C CA  . ASP A 1 132 ? -11.024 -3.215  1.694   1.00 19.82 ? 153 ASP A CA  1 
ATOM   1106 C C   . ASP A 1 132 ? -11.258 -4.717  1.810   1.00 19.66 ? 153 ASP A C   1 
ATOM   1107 O O   . ASP A 1 132 ? -11.835 -5.190  2.790   1.00 20.52 ? 153 ASP A O   1 
ATOM   1108 C CB  . ASP A 1 132 ? -11.999 -2.622  0.674   1.00 20.67 ? 153 ASP A CB  1 
ATOM   1109 C CG  . ASP A 1 132 ? -13.438 -3.021  0.945   1.00 28.23 ? 153 ASP A CG  1 
ATOM   1110 O OD1 . ASP A 1 132 ? -13.986 -2.607  1.988   1.00 33.20 ? 153 ASP A OD1 1 
ATOM   1111 O OD2 . ASP A 1 132 ? -14.020 -3.753  0.117   1.00 32.49 ? 153 ASP A OD2 1 
ATOM   1112 N N   . ASP A 1 133 ? -10.804 -5.463  0.807   1.00 18.27 ? 154 ASP A N   1 
ATOM   1113 C CA  . ASP A 1 133 ? -10.962 -6.915  0.797   1.00 18.68 ? 154 ASP A CA  1 
ATOM   1114 C C   . ASP A 1 133 ? -10.231 -7.549  1.976   1.00 18.48 ? 154 ASP A C   1 
ATOM   1115 O O   . ASP A 1 133 ? -10.770 -8.417  2.659   1.00 17.85 ? 154 ASP A O   1 
ATOM   1116 C CB  . ASP A 1 133 ? -10.433 -7.493  -0.521  1.00 19.18 ? 154 ASP A CB  1 
ATOM   1117 C CG  . ASP A 1 133 ? -10.518 -9.002  -0.569  1.00 26.10 ? 154 ASP A CG  1 
ATOM   1118 O OD1 . ASP A 1 133 ? -11.637 -9.536  -0.724  1.00 32.56 ? 154 ASP A OD1 1 
ATOM   1119 O OD2 . ASP A 1 133 ? -9.465  -9.656  -0.449  1.00 27.65 ? 154 ASP A OD2 1 
ATOM   1120 N N   . LEU A 1 134 ? -8.999  -7.116  2.212   1.00 17.58 ? 155 LEU A N   1 
ATOM   1121 C CA  . LEU A 1 134 ? -8.213  -7.635  3.324   1.00 14.38 ? 155 LEU A CA  1 
ATOM   1122 C C   . LEU A 1 134 ? -8.927  -7.331  4.641   1.00 15.63 ? 155 LEU A C   1 
ATOM   1123 O O   . LEU A 1 134 ? -9.011  -8.184  5.524   1.00 16.24 ? 155 LEU A O   1 
ATOM   1124 C CB  . LEU A 1 134 ? -6.822  -6.990  3.324   1.00 13.21 ? 155 LEU A CB  1 
ATOM   1125 C CG  . LEU A 1 134 ? -5.936  -7.189  4.552   1.00 12.50 ? 155 LEU A CG  1 
ATOM   1126 C CD1 . LEU A 1 134 ? -5.703  -8.672  4.791   1.00 13.50 ? 155 LEU A CD1 1 
ATOM   1127 C CD2 . LEU A 1 134 ? -4.623  -6.468  4.333   1.00 11.67 ? 155 LEU A CD2 1 
ATOM   1128 N N   . GLN A 1 135 ? -9.451  -6.114  4.764   1.00 15.19 ? 156 GLN A N   1 
ATOM   1129 C CA  . GLN A 1 135 ? -10.149 -5.713  5.975   1.00 16.50 ? 156 GLN A CA  1 
ATOM   1130 C C   . GLN A 1 135 ? -11.411 -6.547  6.183   1.00 22.40 ? 156 GLN A C   1 
ATOM   1131 O O   . GLN A 1 135 ? -11.764 -6.882  7.317   1.00 25.73 ? 156 GLN A O   1 
ATOM   1132 C CB  . GLN A 1 135 ? -10.492 -4.218  5.924   1.00 19.44 ? 156 GLN A CB  1 
ATOM   1133 C CG  A GLN A 1 135 ? -11.585 -3.817  6.904   0.50 22.15 ? 156 GLN A CG  1 
ATOM   1134 C CG  B GLN A 1 135 ? -9.282  -3.325  6.198   0.50 20.56 ? 156 GLN A CG  1 
ATOM   1135 C CD  A GLN A 1 135 ? -12.027 -2.369  6.768   0.50 25.09 ? 156 GLN A CD  1 
ATOM   1136 C CD  B GLN A 1 135 ? -9.421  -1.921  5.636   0.50 23.77 ? 156 GLN A CD  1 
ATOM   1137 O OE1 A GLN A 1 135 ? -12.370 -1.914  5.678   0.50 27.99 ? 156 GLN A OE1 1 
ATOM   1138 O OE1 B GLN A 1 135 ? -10.495 -1.519  5.192   0.50 23.39 ? 156 GLN A OE1 1 
ATOM   1139 N NE2 A GLN A 1 135 ? -12.014 -1.637  7.875   0.50 24.91 ? 156 GLN A NE2 1 
ATOM   1140 N NE2 B GLN A 1 135 ? -8.328  -1.163  5.659   0.50 21.21 ? 156 GLN A NE2 1 
ATOM   1141 N N   . LYS A 1 136 ? -12.093 -6.894  5.098   1.00 21.71 ? 157 LYS A N   1 
ATOM   1142 C CA  . LYS A 1 136 ? -13.301 -7.699  5.211   1.00 24.49 ? 157 LYS A CA  1 
ATOM   1143 C C   . LYS A 1 136 ? -12.960 -9.127  5.621   1.00 21.76 ? 157 LYS A C   1 
ATOM   1144 O O   . LYS A 1 136 ? -13.664 -9.732  6.430   1.00 23.81 ? 157 LYS A O   1 
ATOM   1145 C CB  . LYS A 1 136 ? -14.067 -7.702  3.885   1.00 26.23 ? 157 LYS A CB  1 
ATOM   1146 C CG  . LYS A 1 136 ? -15.103 -6.590  3.767   1.00 36.35 ? 157 LYS A CG  1 
ATOM   1147 C CD  . LYS A 1 136 ? -14.524 -5.238  4.185   1.00 46.84 ? 157 LYS A CD  1 
ATOM   1148 C CE  . LYS A 1 136 ? -15.479 -4.467  5.084   1.00 52.31 ? 157 LYS A CE  1 
ATOM   1149 N NZ  . LYS A 1 136 ? -14.826 -3.969  6.331   1.00 52.32 ? 157 LYS A NZ  1 
ATOM   1150 N N   . ARG A 1 137 ? -11.880 -9.664  5.067   1.00 18.95 ? 158 ARG A N   1 
ATOM   1151 C CA  . ARG A 1 137 ? -11.460 -11.017 5.394   1.00 17.74 ? 158 ARG A CA  1 
ATOM   1152 C C   . ARG A 1 137 ? -11.043 -11.116 6.855   1.00 19.78 ? 158 ARG A C   1 
ATOM   1153 O O   . ARG A 1 137 ? -11.357 -12.093 7.535   1.00 19.70 ? 158 ARG A O   1 
ATOM   1154 C CB  . ARG A 1 137 ? -10.302 -11.445 4.496   1.00 18.43 ? 158 ARG A CB  1 
ATOM   1155 C CG  . ARG A 1 137 ? -10.682 -11.604 3.029   1.00 21.69 ? 158 ARG A CG  1 
ATOM   1156 C CD  . ARG A 1 137 ? -9.549  -12.219 2.212   1.00 23.24 ? 158 ARG A CD  1 
ATOM   1157 N NE  . ARG A 1 137 ? -9.810  -12.102 0.780   1.00 27.97 ? 158 ARG A NE  1 
ATOM   1158 C CZ  . ARG A 1 137 ? -10.418 -13.033 0.050   1.00 33.23 ? 158 ARG A CZ  1 
ATOM   1159 N NH1 . ARG A 1 137 ? -10.830 -14.159 0.613   1.00 33.87 ? 158 ARG A NH1 1 
ATOM   1160 N NH2 . ARG A 1 137 ? -10.627 -12.830 -1.245  1.00 35.93 ? 158 ARG A NH2 1 
ATOM   1161 N N   . LEU A 1 138 ? -10.339 -10.103 7.343   1.00 17.28 ? 159 LEU A N   1 
ATOM   1162 C CA  . LEU A 1 138 ? -9.893  -10.101 8.729   1.00 21.27 ? 159 LEU A CA  1 
ATOM   1163 C C   . LEU A 1 138 ? -11.070 -10.069 9.700   1.00 25.04 ? 159 LEU A C   1 
ATOM   1164 O O   . LEU A 1 138 ? -11.030 -10.699 10.757  1.00 24.29 ? 159 LEU A O   1 
ATOM   1165 C CB  . LEU A 1 138 ? -8.975  -8.904  8.997   1.00 16.49 ? 159 LEU A CB  1 
ATOM   1166 C CG  . LEU A 1 138 ? -7.526  -9.040  8.514   1.00 13.74 ? 159 LEU A CG  1 
ATOM   1167 C CD1 . LEU A 1 138 ? -6.854  -7.686  8.516   1.00 12.44 ? 159 LEU A CD1 1 
ATOM   1168 C CD2 . LEU A 1 138 ? -6.766  -10.006 9.406   1.00 16.16 ? 159 LEU A CD2 1 
ATOM   1169 N N   . ALA A 1 139 ? -12.118 -9.337  9.331   1.00 23.49 ? 160 ALA A N   1 
ATOM   1170 C CA  . ALA A 1 139 ? -13.306 -9.202  10.168  1.00 23.38 ? 160 ALA A CA  1 
ATOM   1171 C C   . ALA A 1 139 ? -14.070 -10.505 10.409  1.00 27.75 ? 160 ALA A C   1 
ATOM   1172 O O   . ALA A 1 139 ? -14.702 -10.675 11.448  1.00 31.66 ? 160 ALA A O   1 
ATOM   1173 C CB  . ALA A 1 139 ? -14.242 -8.161  9.566   1.00 21.00 ? 160 ALA A CB  1 
ATOM   1174 N N   . VAL A 1 140 ? -14.020 -11.420 9.451   1.00 28.04 ? 161 VAL A N   1 
ATOM   1175 C CA  . VAL A 1 140 ? -14.725 -12.691 9.582   1.00 30.21 ? 161 VAL A CA  1 
ATOM   1176 C C   . VAL A 1 140 ? -13.793 -13.882 9.790   1.00 32.50 ? 161 VAL A C   1 
ATOM   1177 O O   . VAL A 1 140 ? -14.232 -15.031 9.795   1.00 35.60 ? 161 VAL A O   1 
ATOM   1178 C CB  . VAL A 1 140 ? -15.586 -12.976 8.336   1.00 30.36 ? 161 VAL A CB  1 
ATOM   1179 C CG1 . VAL A 1 140 ? -16.656 -11.904 8.191   1.00 33.47 ? 161 VAL A CG1 1 
ATOM   1180 C CG2 . VAL A 1 140 ? -14.708 -13.032 7.094   1.00 22.14 ? 161 VAL A CG2 1 
ATOM   1181 N N   . TYR A 1 141 ? -12.507 -13.605 9.971   1.00 32.39 ? 162 TYR A N   1 
ATOM   1182 C CA  . TYR A 1 141 ? -11.506 -14.650 10.143  1.00 32.62 ? 162 TYR A CA  1 
ATOM   1183 C C   . TYR A 1 141 ? -11.669 -15.547 11.364  1.00 34.03 ? 162 TYR A C   1 
ATOM   1184 O O   . TYR A 1 141 ? -11.535 -16.771 11.271  1.00 33.00 ? 162 TYR A O   1 
ATOM   1185 C CB  . TYR A 1 141 ? -10.108 -14.021 10.168  1.00 28.14 ? 162 TYR A CB  1 
ATOM   1186 C CG  . TYR A 1 141 ? -8.987  -15.020 10.324  1.00 27.45 ? 162 TYR A CG  1 
ATOM   1187 C CD1 . TYR A 1 141 ? -8.885  -16.122 9.476   1.00 25.84 ? 162 TYR A CD1 1 
ATOM   1188 C CD2 . TYR A 1 141 ? -8.011  -14.850 11.305  1.00 27.12 ? 162 TYR A CD2 1 
ATOM   1189 C CE1 . TYR A 1 141 ? -7.840  -17.030 9.598   1.00 24.87 ? 162 TYR A CE1 1 
ATOM   1190 C CE2 . TYR A 1 141 ? -6.963  -15.754 11.439  1.00 32.32 ? 162 TYR A CE2 1 
ATOM   1191 C CZ  . TYR A 1 141 ? -6.881  -16.837 10.578  1.00 31.20 ? 162 TYR A CZ  1 
ATOM   1192 O OH  . TYR A 1 141 ? -5.826  -17.712 10.683  1.00 33.30 ? 162 TYR A OH  1 
ATOM   1193 N N   . GLN A 1 142 ? -11.945 -14.946 12.512  1.00 36.89 ? 163 GLN A N   1 
ATOM   1194 C CA  . GLN A 1 142 ? -12.081 -15.711 13.739  1.00 43.51 ? 163 GLN A CA  1 
ATOM   1195 C C   . GLN A 1 142 ? -13.259 -16.677 13.760  1.00 44.60 ? 163 GLN A C   1 
ATOM   1196 O O   . GLN A 1 142 ? -13.114 -17.809 14.216  1.00 43.35 ? 163 GLN A O   1 
ATOM   1197 C CB  . GLN A 1 142 ? -12.120 -14.760 14.938  1.00 41.83 ? 163 GLN A CB  1 
ATOM   1198 C CG  . GLN A 1 142 ? -10.739 -14.188 15.248  1.00 47.75 ? 163 GLN A CG  1 
ATOM   1199 C CD  . GLN A 1 142 ? -10.768 -12.976 16.161  1.00 50.11 ? 163 GLN A CD  1 
ATOM   1200 O OE1 . GLN A 1 142 ? -11.481 -12.006 15.901  1.00 53.38 ? 163 GLN A OE1 1 
ATOM   1201 N NE2 . GLN A 1 142 ? -10.001 -13.030 17.241  1.00 51.77 ? 163 GLN A NE2 1 
ATOM   1202 N N   . ALA A 1 143 ? -14.411 -16.249 13.253  1.00 46.53 ? 164 ALA A N   1 
ATOM   1203 C CA  . ALA A 1 143 ? -15.593 -17.105 13.225  1.00 46.83 ? 164 ALA A CA  1 
ATOM   1204 C C   . ALA A 1 143 ? -15.334 -18.381 12.417  1.00 49.88 ? 164 ALA A C   1 
ATOM   1205 O O   . ALA A 1 143 ? -15.951 -19.420 12.671  1.00 49.67 ? 164 ALA A O   1 
ATOM   1206 C CB  . ALA A 1 143 ? -16.768 -16.349 12.647  1.00 47.35 ? 164 ALA A CB  1 
ATOM   1207 N N   . GLY A 1 144 ? -14.433 -18.294 11.441  1.00 51.55 ? 165 GLY A N   1 
ATOM   1208 C CA  . GLY A 1 144 ? -14.086 -19.453 10.631  1.00 52.21 ? 165 GLY A CA  1 
ATOM   1209 C C   . GLY A 1 144 ? -15.083 -19.875 9.563   1.00 52.99 ? 165 GLY A C   1 
ATOM   1210 O O   . GLY A 1 144 ? -14.961 -21.014 9.056   1.00 53.05 ? 165 GLY A O   1 
ATOM   1211 O OXT . GLY A 1 144 ? -15.981 -19.074 9.232   1.00 51.61 ? 165 GLY A OXT 1 
HETATM 1212 O O   . HOH B 2 .   ? -2.760  14.100  2.411   1.00 13.74 ? 166 HOH A O   1 
HETATM 1213 O O   . HOH B 2 .   ? -3.814  7.656   -1.417  1.00 15.48 ? 167 HOH A O   1 
HETATM 1214 O O   . HOH B 2 .   ? 5.067   9.713   -16.626 1.00 16.45 ? 168 HOH A O   1 
HETATM 1215 O O   . HOH B 2 .   ? -5.158  -8.900  21.309  1.00 14.91 ? 169 HOH A O   1 
HETATM 1216 O O   . HOH B 2 .   ? 10.310  18.270  -13.018 1.00 15.83 ? 170 HOH A O   1 
HETATM 1217 O O   . HOH B 2 .   ? -6.555  7.540   -13.940 1.00 17.65 ? 171 HOH A O   1 
HETATM 1218 O O   . HOH B 2 .   ? 9.172   16.885  -10.846 1.00 14.74 ? 172 HOH A O   1 
HETATM 1219 O O   . HOH B 2 .   ? 0.749   10.242  6.697   1.00 16.21 ? 173 HOH A O   1 
HETATM 1220 O O   . HOH B 2 .   ? -6.739  8.113   5.714   1.00 15.58 ? 174 HOH A O   1 
HETATM 1221 O O   . HOH B 2 .   ? -1.081  -4.624  15.044  1.00 16.65 ? 175 HOH A O   1 
HETATM 1222 O O   . HOH B 2 .   ? -3.598  -3.889  14.148  1.00 15.62 ? 176 HOH A O   1 
HETATM 1223 O O   . HOH B 2 .   ? -5.030  -3.239  16.471  1.00 15.65 ? 177 HOH A O   1 
HETATM 1224 O O   . HOH B 2 .   ? -9.692  7.536   -3.739  1.00 21.31 ? 178 HOH A O   1 
HETATM 1225 O O   . HOH B 2 .   ? 10.634  21.477  -22.854 1.00 20.80 ? 179 HOH A O   1 
HETATM 1226 O O   . HOH B 2 .   ? -5.827  -7.650  -0.471  1.00 19.27 ? 180 HOH A O   1 
HETATM 1227 O O   . HOH B 2 .   ? -7.130  -14.003 -0.845  1.00 21.89 ? 181 HOH A O   1 
HETATM 1228 O O   . HOH B 2 .   ? -0.648  -22.452 -4.259  1.00 20.83 ? 182 HOH A O   1 
HETATM 1229 O O   . HOH B 2 .   ? -11.470 -14.774 6.702   1.00 20.99 ? 183 HOH A O   1 
HETATM 1230 O O   . HOH B 2 .   ? -6.281  2.181   1.803   1.00 18.18 ? 184 HOH A O   1 
HETATM 1231 O O   . HOH B 2 .   ? 0.885   -6.244  -8.653  1.00 20.22 ? 185 HOH A O   1 
HETATM 1232 O O   . HOH B 2 .   ? -0.731  2.397   14.081  1.00 22.61 ? 186 HOH A O   1 
HETATM 1233 O O   . HOH B 2 .   ? -4.162  7.002   10.098  1.00 22.01 ? 187 HOH A O   1 
HETATM 1234 O O   . HOH B 2 .   ? -5.003  13.714  -4.260  1.00 20.71 ? 188 HOH A O   1 
HETATM 1235 O O   . HOH B 2 .   ? -10.958 1.194   -5.533  1.00 22.27 ? 189 HOH A O   1 
HETATM 1236 O O   . HOH B 2 .   ? 12.468  23.244  -22.156 1.00 22.45 ? 190 HOH A O   1 
HETATM 1237 O O   . HOH B 2 .   ? -8.664  6.123   -4.961  1.00 20.91 ? 191 HOH A O   1 
HETATM 1238 O O   . HOH B 2 .   ? 7.040   15.923  -20.171 1.00 22.75 ? 192 HOH A O   1 
HETATM 1239 O O   . HOH B 2 .   ? -3.660  13.282  -15.404 1.00 23.88 ? 193 HOH A O   1 
HETATM 1240 O O   . HOH B 2 .   ? -1.995  -0.296  21.151  1.00 22.76 ? 194 HOH A O   1 
HETATM 1241 O O   . HOH B 2 .   ? 10.876  9.242   -7.123  1.00 24.93 ? 195 HOH A O   1 
HETATM 1242 O O   . HOH B 2 .   ? -6.482  11.509  3.082   1.00 20.89 ? 196 HOH A O   1 
HETATM 1243 O O   . HOH B 2 .   ? 2.312   3.571   8.222   1.00 25.62 ? 197 HOH A O   1 
HETATM 1244 O O   . HOH B 2 .   ? -6.173  -0.421  -11.031 1.00 26.09 ? 198 HOH A O   1 
HETATM 1245 O O   . HOH B 2 .   ? 7.687   -4.718  7.594   1.00 23.18 ? 199 HOH A O   1 
HETATM 1246 O O   . HOH B 2 .   ? 2.035   -1.699  -11.624 1.00 28.34 ? 200 HOH A O   1 
HETATM 1247 O O   . HOH B 2 .   ? 15.395  16.699  -16.912 1.00 29.51 ? 201 HOH A O   1 
HETATM 1248 O O   . HOH B 2 .   ? 0.707   18.279  -20.968 1.00 25.90 ? 202 HOH A O   1 
HETATM 1249 O O   . HOH B 2 .   ? 11.071  20.268  -25.347 1.00 27.58 ? 203 HOH A O   1 
HETATM 1250 O O   . HOH B 2 .   ? -8.075  -1.880  -9.593  1.00 25.24 ? 204 HOH A O   1 
HETATM 1251 O O   . HOH B 2 .   ? 13.507  18.091  -16.604 1.00 23.55 ? 205 HOH A O   1 
HETATM 1252 O O   . HOH B 2 .   ? 7.239   8.886   -15.566 1.00 22.41 ? 206 HOH A O   1 
HETATM 1253 O O   . HOH B 2 .   ? -1.260  -12.508 -3.177  1.00 28.95 ? 207 HOH A O   1 
HETATM 1254 O O   . HOH B 2 .   ? 0.978   -13.340 11.421  1.00 27.59 ? 208 HOH A O   1 
HETATM 1255 O O   . HOH B 2 .   ? -9.417  -15.202 5.123   1.00 26.84 ? 209 HOH A O   1 
HETATM 1256 O O   . HOH B 2 .   ? 2.230   6.006   -17.161 1.00 24.70 ? 210 HOH A O   1 
HETATM 1257 O O   . HOH B 2 .   ? -11.182 -6.168  9.998   1.00 28.75 ? 211 HOH A O   1 
HETATM 1258 O O   . HOH B 2 .   ? -8.531  -7.929  -3.874  1.00 38.15 ? 212 HOH A O   1 
HETATM 1259 O O   . HOH B 2 .   ? 7.630   8.329   6.438   1.00 25.29 ? 213 HOH A O   1 
HETATM 1260 O O   . HOH B 2 .   ? 16.596  12.626  -9.782  1.00 27.99 ? 214 HOH A O   1 
HETATM 1261 O O   . HOH B 2 .   ? 1.754   1.637   14.774  1.00 30.27 ? 215 HOH A O   1 
HETATM 1262 O O   . HOH B 2 .   ? 2.987   19.933  -22.084 1.00 44.93 ? 216 HOH A O   1 
HETATM 1263 O O   . HOH B 2 .   ? -10.454 0.618   3.462   1.00 34.51 ? 217 HOH A O   1 
HETATM 1264 O O   . HOH B 2 .   ? 6.455   22.762  -11.471 1.00 25.84 ? 218 HOH A O   1 
HETATM 1265 O O   . HOH B 2 .   ? 12.126  10.382  -20.489 1.00 32.08 ? 219 HOH A O   1 
HETATM 1266 O O   . HOH B 2 .   ? -3.829  -3.909  18.749  1.00 30.18 ? 220 HOH A O   1 
HETATM 1267 O O   . HOH B 2 .   ? -10.507 -7.692  12.312  1.00 29.10 ? 221 HOH A O   1 
HETATM 1268 O O   . HOH B 2 .   ? -12.864 0.512   -3.853  1.00 34.05 ? 222 HOH A O   1 
HETATM 1269 O O   . HOH B 2 .   ? 3.170   5.610   10.337  1.00 30.32 ? 223 HOH A O   1 
HETATM 1270 O O   . HOH B 2 .   ? 0.821   -10.813 -4.241  1.00 34.24 ? 224 HOH A O   1 
HETATM 1271 O O   . HOH B 2 .   ? -14.130 -12.516 3.347   1.00 30.60 ? 225 HOH A O   1 
HETATM 1272 O O   . HOH B 2 .   ? -14.736 -13.388 13.262  1.00 28.23 ? 226 HOH A O   1 
HETATM 1273 O O   . HOH B 2 .   ? 5.103   -7.944  13.172  1.00 32.75 ? 227 HOH A O   1 
HETATM 1274 O O   . HOH B 2 .   ? -7.627  3.770   3.261   1.00 28.83 ? 228 HOH A O   1 
HETATM 1275 O O   . HOH B 2 .   ? 4.867   8.388   -19.053 1.00 37.28 ? 229 HOH A O   1 
HETATM 1276 O O   . HOH B 2 .   ? -9.784  4.252   -13.278 1.00 40.37 ? 230 HOH A O   1 
HETATM 1277 O O   . HOH B 2 .   ? -3.693  9.179   8.647   1.00 33.35 ? 231 HOH A O   1 
HETATM 1278 O O   . HOH B 2 .   ? 7.782   14.680  3.339   1.00 28.06 ? 232 HOH A O   1 
HETATM 1279 O O   . HOH B 2 .   ? -3.221  14.803  -9.591  1.00 34.50 ? 233 HOH A O   1 
HETATM 1280 O O   . HOH B 2 .   ? 6.973   -7.503  8.676   1.00 34.55 ? 234 HOH A O   1 
HETATM 1281 O O   . HOH B 2 .   ? 9.255   -1.272  -6.370  1.00 35.84 ? 235 HOH A O   1 
HETATM 1282 O O   . HOH B 2 .   ? -10.967 -11.212 -3.886  1.00 41.70 ? 236 HOH A O   1 
HETATM 1283 O O   . HOH B 2 .   ? 5.744   -7.159  -2.118  1.00 33.80 ? 237 HOH A O   1 
HETATM 1284 O O   . HOH B 2 .   ? -11.997 0.036   -7.950  1.00 45.44 ? 238 HOH A O   1 
HETATM 1285 O O   . HOH B 2 .   ? -3.402  8.295   12.247  1.00 30.43 ? 239 HOH A O   1 
HETATM 1286 O O   . HOH B 2 .   ? -10.489 -1.261  -9.543  1.00 36.93 ? 240 HOH A O   1 
HETATM 1287 O O   . HOH B 2 .   ? 8.925   1.668   9.289   1.00 32.18 ? 241 HOH A O   1 
HETATM 1288 O O   . HOH B 2 .   ? 2.312   23.677  -5.776  1.00 37.81 ? 242 HOH A O   1 
HETATM 1289 O O   . HOH B 2 .   ? 1.821   18.920  -11.263 1.00 27.83 ? 243 HOH A O   1 
HETATM 1290 O O   . HOH B 2 .   ? 7.969   0.196   11.056  1.00 33.12 ? 244 HOH A O   1 
HETATM 1291 O O   . HOH B 2 .   ? -2.661  10.590  -19.113 1.00 32.37 ? 245 HOH A O   1 
HETATM 1292 O O   . HOH B 2 .   ? -1.078  -0.509  -6.129  1.00 41.06 ? 246 HOH A O   1 
HETATM 1293 O O   . HOH B 2 .   ? 7.423   13.617  -21.881 1.00 34.03 ? 247 HOH A O   1 
HETATM 1294 O O   . HOH B 2 .   ? -12.653 -4.388  -2.289  1.00 40.65 ? 248 HOH A O   1 
HETATM 1295 O O   . HOH B 2 .   ? 5.739   -4.801  0.967   1.00 41.09 ? 249 HOH A O   1 
HETATM 1296 O O   . HOH B 2 .   ? -8.349  6.102   -12.562 1.00 35.56 ? 250 HOH A O   1 
HETATM 1297 O O   . HOH B 2 .   ? 3.983   -8.947  -1.235  1.00 40.01 ? 251 HOH A O   1 
HETATM 1298 O O   . HOH B 2 .   ? 4.258   4.785   14.465  1.00 41.83 ? 252 HOH A O   1 
HETATM 1299 O O   . HOH B 2 .   ? -9.110  -20.437 -1.376  1.00 44.68 ? 253 HOH A O   1 
HETATM 1300 O O   . HOH B 2 .   ? -0.409  16.658  -13.332 1.00 47.23 ? 254 HOH A O   1 
HETATM 1301 O O   . HOH B 2 .   ? -9.160  -9.861  -5.172  1.00 54.02 ? 255 HOH A O   1 
HETATM 1302 O O   . HOH B 2 .   ? 9.845   9.894   -21.295 1.00 40.44 ? 256 HOH A O   1 
HETATM 1303 O O   . HOH B 2 .   ? 2.885   -11.409 18.111  1.00 46.77 ? 257 HOH A O   1 
HETATM 1304 O O   . HOH B 2 .   ? -13.499 0.787   -1.021  1.00 47.79 ? 258 HOH A O   1 
HETATM 1305 O O   . HOH B 2 .   ? 12.704  3.869   4.323   1.00 49.95 ? 259 HOH A O   1 
HETATM 1306 O O   . HOH B 2 .   ? 18.191  14.263  -6.434  1.00 35.97 ? 260 HOH A O   1 
HETATM 1307 O O   . HOH B 2 .   ? -7.923  -19.427 19.137  1.00 53.67 ? 261 HOH A O   1 
HETATM 1308 O O   . HOH B 2 .   ? 12.811  5.379   -15.898 1.00 41.06 ? 262 HOH A O   1 
HETATM 1309 O O   . HOH B 2 .   ? 17.468  8.356   -16.608 1.00 42.30 ? 263 HOH A O   1 
HETATM 1310 O O   . HOH B 2 .   ? -17.451 -12.469 12.381  1.00 37.39 ? 264 HOH A O   1 
HETATM 1311 O O   . HOH B 2 .   ? 7.741   -5.190  4.962   1.00 46.32 ? 265 HOH A O   1 
HETATM 1312 O O   . HOH B 2 .   ? 4.980   -5.957  -6.943  1.00 40.68 ? 266 HOH A O   1 
HETATM 1313 O O   . HOH B 2 .   ? 14.952  21.790  -23.433 1.00 47.01 ? 267 HOH A O   1 
HETATM 1314 O O   . HOH B 2 .   ? -11.620 -3.971  -9.992  1.00 38.22 ? 268 HOH A O   1 
HETATM 1315 O O   . HOH B 2 .   ? -2.948  -13.259 -4.896  1.00 42.26 ? 269 HOH A O   1 
HETATM 1316 O O   . HOH B 2 .   ? 6.821   4.848   9.913   1.00 49.49 ? 270 HOH A O   1 
HETATM 1317 O O   . HOH B 2 .   ? 1.704   -12.605 8.489   1.00 42.44 ? 271 HOH A O   1 
HETATM 1318 O O   . HOH B 2 .   ? -7.412  -11.627 19.713  1.00 36.62 ? 272 HOH A O   1 
HETATM 1319 O O   . HOH B 2 .   ? 6.693   -3.453  -8.489  1.00 49.72 ? 273 HOH A O   1 
HETATM 1320 O O   . HOH B 2 .   ? -10.929 -15.258 3.308   1.00 35.25 ? 274 HOH A O   1 
HETATM 1321 O O   . HOH B 2 .   ? 3.313   -10.606 -3.387  1.00 48.99 ? 275 HOH A O   1 
HETATM 1322 O O   . HOH B 2 .   ? -9.329  -18.489 23.102  1.00 47.31 ? 276 HOH A O   1 
HETATM 1323 O O   . HOH B 2 .   ? -6.374  -0.744  19.428  1.00 55.87 ? 277 HOH A O   1 
HETATM 1324 O O   . HOH B 2 .   ? 4.564   -0.059  -11.000 1.00 43.36 ? 278 HOH A O   1 
HETATM 1325 O O   . HOH B 2 .   ? 4.981   -0.398  14.350  1.00 53.75 ? 279 HOH A O   1 
HETATM 1326 O O   . HOH B 2 .   ? 4.689   23.170  -15.672 1.00 43.29 ? 280 HOH A O   1 
HETATM 1327 O O   . HOH B 2 .   ? 6.244   -6.930  -4.760  1.00 40.86 ? 281 HOH A O   1 
HETATM 1328 O O   . HOH B 2 .   ? -6.723  6.030   9.665   1.00 41.90 ? 282 HOH A O   1 
HETATM 1329 O O   . HOH B 2 .   ? 17.660  10.243  -10.071 1.00 49.63 ? 283 HOH A O   1 
HETATM 1330 O O   . HOH B 2 .   ? -13.261 -14.722 4.545   1.00 42.83 ? 284 HOH A O   1 
HETATM 1331 O O   . HOH B 2 .   ? 10.865  8.142   7.436   1.00 52.30 ? 285 HOH A O   1 
HETATM 1332 O O   . HOH B 2 .   ? -7.827  -17.825 -2.533  1.00 46.25 ? 286 HOH A O   1 
HETATM 1333 O O   . HOH B 2 .   ? 11.196  15.514  -26.106 1.00 41.54 ? 287 HOH A O   1 
HETATM 1334 O O   . HOH B 2 .   ? -12.138 -12.003 13.061  1.00 34.01 ? 288 HOH A O   1 
HETATM 1335 O O   . HOH B 2 .   ? 11.658  2.196   -4.137  1.00 40.47 ? 289 HOH A O   1 
HETATM 1336 O O   . HOH B 2 .   ? -12.666 0.427   1.752   1.00 45.55 ? 290 HOH A O   1 
HETATM 1337 O O   . HOH B 2 .   ? -1.908  -5.714  17.466  1.00 41.30 ? 291 HOH A O   1 
HETATM 1338 O O   . HOH B 2 .   ? -5.484  -18.654 -0.934  1.00 42.18 ? 292 HOH A O   1 
HETATM 1339 O O   . HOH B 2 .   ? 7.203   -8.017  11.138  1.00 40.93 ? 293 HOH A O   1 
HETATM 1340 O O   . HOH B 2 .   ? 2.928   -10.314 3.084   1.00 54.81 ? 294 HOH A O   1 
HETATM 1341 O O   . HOH B 2 .   ? 0.516   23.866  -3.662  1.00 54.18 ? 295 HOH A O   1 
HETATM 1342 O O   . HOH B 2 .   ? -9.791  13.727  -8.708  1.00 38.04 ? 296 HOH A O   1 
HETATM 1343 O O   . HOH B 2 .   ? -4.893  12.575  -17.731 1.00 49.50 ? 297 HOH A O   1 
HETATM 1344 O O   . HOH B 2 .   ? -15.167 -8.941  13.577  1.00 74.06 ? 298 HOH A O   1 
HETATM 1345 O O   . HOH B 2 .   ? 1.536   -13.190 2.808   1.00 47.17 ? 299 HOH A O   1 
HETATM 1346 O O   . HOH B 2 .   ? 7.734   22.214  -23.346 1.00 59.39 ? 300 HOH A O   1 
HETATM 1347 O O   . HOH B 2 .   ? -11.564 -3.777  11.021  1.00 53.53 ? 301 HOH A O   1 
HETATM 1348 O O   . HOH B 2 .   ? 14.514  3.843   1.667   1.00 49.09 ? 302 HOH A O   1 
HETATM 1349 O O   . HOH B 2 .   ? 14.048  15.849  -0.853  1.00 48.94 ? 303 HOH A O   1 
HETATM 1350 O O   . HOH B 2 .   ? -11.711 3.662   -5.601  1.00 52.97 ? 304 HOH A O   1 
HETATM 1351 O O   . HOH B 2 .   ? 4.394   22.783  -2.257  1.00 43.73 ? 305 HOH A O   1 
HETATM 1352 O O   . HOH B 2 .   ? -13.614 -3.646  9.310   1.00 52.22 ? 306 HOH A O   1 
HETATM 1353 O O   . HOH B 2 .   ? 2.384   25.435  -11.928 1.00 53.87 ? 307 HOH A O   1 
HETATM 1354 O O   . HOH B 2 .   ? 3.515   -7.861  -7.869  1.00 56.02 ? 308 HOH A O   1 
HETATM 1355 O O   . HOH B 2 .   ? -5.545  -7.031  18.869  1.00 47.08 ? 309 HOH A O   1 
HETATM 1356 O O   . HOH B 2 .   ? -2.253  16.636  -11.142 1.00 50.99 ? 310 HOH A O   1 
HETATM 1357 O O   . HOH B 2 .   ? 4.560   0.442   -13.300 1.00 45.84 ? 311 HOH A O   1 
HETATM 1358 O O   . HOH B 2 .   ? -5.187  14.565  -19.629 1.00 48.67 ? 312 HOH A O   1 
HETATM 1359 O O   . HOH B 2 .   ? 18.857  10.943  -21.855 1.00 45.41 ? 313 HOH A O   1 
HETATM 1360 O O   . HOH B 2 .   ? -10.177 -30.836 7.604   1.00 53.79 ? 314 HOH A O   1 
HETATM 1361 O O   . HOH B 2 .   ? -5.423  1.101   17.454  1.00 50.78 ? 315 HOH A O   1 
HETATM 1362 O O   . HOH B 2 .   ? 2.604   22.449  -21.221 1.00 53.15 ? 316 HOH A O   1 
HETATM 1363 O O   . HOH B 2 .   ? -15.590 -18.219 6.358   1.00 47.11 ? 317 HOH A O   1 
HETATM 1364 O O   . HOH B 2 .   ? -7.256  3.970   7.770   1.00 58.36 ? 318 HOH A O   1 
HETATM 1365 O O   . HOH B 2 .   ? -8.649  5.645   -18.520 1.00 69.31 ? 319 HOH A O   1 
HETATM 1366 O O   . HOH B 2 .   ? -19.004 -14.594 10.583  1.00 52.62 ? 320 HOH A O   1 
HETATM 1367 O O   . HOH B 2 .   ? 17.284  22.715  -25.678 1.00 54.31 ? 321 HOH A O   1 
HETATM 1368 O O   . HOH B 2 .   ? 12.774  17.953  2.167   1.00 58.86 ? 322 HOH A O   1 
HETATM 1369 O O   . HOH B 2 .   ? 16.854  20.206  -22.758 1.00 52.90 ? 323 HOH A O   1 
HETATM 1370 O O   . HOH B 2 .   ? 1.047   7.094   15.050  1.00 48.79 ? 324 HOH A O   1 
HETATM 1371 O O   . HOH B 2 .   ? -12.012 1.215   8.444   1.00 53.92 ? 325 HOH A O   1 
HETATM 1372 O O   . HOH B 2 .   ? 6.357   9.532   -22.394 1.00 66.04 ? 326 HOH A O   1 
HETATM 1373 O O   . HOH B 2 .   ? 13.736  4.572   -2.156  1.00 61.73 ? 327 HOH A O   1 
HETATM 1374 O O   . HOH B 2 .   ? -16.632 -16.425 9.417   1.00 50.33 ? 328 HOH A O   1 
HETATM 1375 O O   . HOH B 2 .   ? -13.011 5.997   -3.925  1.00 53.19 ? 329 HOH A O   1 
HETATM 1376 O O   . HOH B 2 .   ? -16.714 -1.352  2.218   1.00 70.69 ? 330 HOH A O   1 
HETATM 1377 O O   . HOH B 2 .   ? 0.718   -15.477 -5.477  1.00 75.34 ? 331 HOH A O   1 
HETATM 1378 O O   . HOH B 2 .   ? -18.590 -19.697 7.755   1.00 66.93 ? 332 HOH A O   1 
HETATM 1379 O O   . HOH B 2 .   ? -15.415 -16.059 3.812   1.00 77.31 ? 333 HOH A O   1 
HETATM 1380 O O   . HOH B 2 .   ? 4.823   -14.384 3.234   1.00 88.37 ? 334 HOH A O   1 
HETATM 1381 O O   . HOH B 2 .   ? -6.615  9.531   -20.292 1.00 84.36 ? 335 HOH A O   1 
HETATM 1382 O O   . HOH B 2 .   ? -4.529  -19.487 22.299  1.00 65.55 ? 336 HOH A O   1 
HETATM 1383 O O   . HOH B 2 .   ? 9.622   11.578  -25.136 1.00 81.16 ? 337 HOH A O   1 
HETATM 1384 O O   . HOH B 2 .   ? -0.318  -15.049 -2.397  1.00 55.87 ? 338 HOH A O   1 
HETATM 1385 O O   . HOH B 2 .   ? 14.192  4.374   -4.893  1.00 73.01 ? 339 HOH A O   1 
HETATM 1386 O O   . HOH B 2 .   ? 4.477   8.541   9.968   1.00 59.50 ? 340 HOH A O   1 
HETATM 1387 O O   . HOH B 2 .   ? -12.307 -16.509 -1.365  1.00 63.23 ? 341 HOH A O   1 
HETATM 1388 O O   . HOH B 2 .   ? 2.250   22.326  -13.891 1.00 52.62 ? 342 HOH A O   1 
HETATM 1389 O O   . HOH B 2 .   ? 19.957  8.923   -14.898 1.00 65.63 ? 343 HOH A O   1 
HETATM 1390 O O   . HOH B 2 .   ? -17.868 -16.720 7.051   1.00 65.86 ? 344 HOH A O   1 
HETATM 1391 O O   . HOH B 2 .   ? -3.312  2.366   17.788  1.00 59.67 ? 345 HOH A O   1 
HETATM 1392 O O   . HOH B 2 .   ? 15.215  17.001  -5.681  1.00 50.38 ? 346 HOH A O   1 
HETATM 1393 O O   . HOH B 2 .   ? 9.162   11.927  -22.404 1.00 50.39 ? 347 HOH A O   1 
HETATM 1394 O O   . HOH B 2 .   ? -7.030  10.092  -14.900 1.00 73.56 ? 348 HOH A O   1 
HETATM 1395 O O   . HOH B 2 .   ? 10.875  1.213   -11.135 1.00 53.49 ? 349 HOH A O   1 
HETATM 1396 O O   . HOH B 2 .   ? -12.134 -9.062  14.273  1.00 52.07 ? 350 HOH A O   1 
HETATM 1397 O O   . HOH B 2 .   ? 4.851   16.601  -25.125 1.00 63.06 ? 351 HOH A O   1 
HETATM 1398 O O   . HOH B 2 .   ? -10.244 -7.242  16.517  1.00 57.52 ? 352 HOH A O   1 
HETATM 1399 O O   . HOH B 2 .   ? -6.768  10.527  -17.518 1.00 69.46 ? 353 HOH A O   1 
HETATM 1400 O O   . HOH B 2 .   ? 3.013   23.312  -9.334  1.00 44.81 ? 354 HOH A O   1 
HETATM 1401 O O   . HOH B 2 .   ? 20.204  13.355  -16.889 1.00 64.03 ? 355 HOH A O   1 
HETATM 1402 O O   . HOH B 2 .   ? -13.920 -16.430 17.270  1.00 62.43 ? 356 HOH A O   1 
HETATM 1403 O O   . HOH B 2 .   ? 9.919   14.011  7.114   1.00 67.21 ? 357 HOH A O   1 
HETATM 1404 O O   . HOH B 2 .   ? 0.001   -15.591 12.141  1.00 58.42 ? 358 HOH A O   1 
# 
